data_6CRJ
#
_entry.id   6CRJ
#
_entity_poly.entity_id   1
_entity_poly.type   'polypeptide(L)'
_entity_poly.pdbx_seq_one_letter_code
;SSVDGASGAGQLVPEVNASDPLAMDPVAGSSTAVATAGQVNPIDPWIINNFVQAPQGEFTISPNNTPGDVLFDLSLGPHL
NPFLLHLSQMYNGWVGNMRVRIMLAGNAFTAGKIIVSCIPPGFGSHNLTIAQATLFPHVIADVRTLDPIEVPLEDVRNVL
FHNNDRNQQTMRLVCMLYTPLRTGGGTGDSFVVAGRVMTCPSPDFNFLFLVPAAAAAARMVDLPVIQPRLCTHARWPAPV
YGLLVDPSLPSNPQWQNGRVHVDGTLLGTTPISGSWVSCFAAEAAYEFQSGTGEVATFTLIEQDGSAYVPGDRAAPLGYP
DFSGQLEIEVQTETTKTGDKLKVTTFEMILGPTTNADQAPYQGRVFASVTAAASLDLVDGRVRAVPRSIYGFQDTIPEYN
DGLLVPLAPPIGPFLPGEVLLRFRTYMRQIDTADAAAEAIDCALPQEFVSWFASNAFTVQSEALLLRYRNTLTGQLLFEC
KLYNEGYIALSYSGSGPLTFPTDGIFEVVSWVPRLYQLASVGSLATGRMLK
;
_entity_poly.pdbx_strand_id   B,A,C
#
# COMPACT_ATOMS: atom_id res chain seq x y z
N SER A 1 -13.18 7.17 -40.56
CA SER A 1 -12.12 6.93 -39.54
C SER A 1 -10.82 7.65 -39.90
N SER A 2 -10.23 7.31 -41.04
CA SER A 2 -8.99 7.93 -41.49
C SER A 2 -9.24 9.25 -42.24
N VAL A 3 -8.59 10.32 -41.78
CA VAL A 3 -8.70 11.64 -42.41
C VAL A 3 -7.31 12.21 -42.62
N ASP A 4 -6.76 11.97 -43.81
CA ASP A 4 -5.45 12.47 -44.18
C ASP A 4 -5.63 13.96 -44.45
N GLY A 5 -4.61 14.74 -44.12
CA GLY A 5 -4.69 16.18 -44.31
C GLY A 5 -4.71 16.69 -45.75
N ALA A 6 -4.95 15.80 -46.71
CA ALA A 6 -4.97 16.16 -48.13
C ALA A 6 -5.51 17.56 -48.38
N SER A 7 -6.67 17.83 -47.81
CA SER A 7 -7.34 19.12 -47.95
C SER A 7 -6.42 20.32 -47.68
N GLY A 8 -5.68 20.25 -46.57
CA GLY A 8 -4.80 21.36 -46.23
C GLY A 8 -3.31 21.07 -46.29
N ALA A 9 -2.94 19.89 -46.76
CA ALA A 9 -1.54 19.53 -46.86
C ALA A 9 -0.83 20.16 -48.05
N GLY A 10 -1.56 21.02 -48.76
CA GLY A 10 -1.01 21.66 -49.94
C GLY A 10 -0.68 20.50 -50.86
N GLN A 11 0.38 20.61 -51.63
CA GLN A 11 0.77 19.52 -52.49
C GLN A 11 2.25 19.30 -52.33
N LEU A 12 2.67 19.38 -51.08
CA LEU A 12 4.07 19.24 -50.73
C LEU A 12 4.46 17.79 -50.50
N VAL A 13 3.47 16.96 -50.20
CA VAL A 13 3.71 15.55 -49.98
C VAL A 13 2.82 14.72 -50.87
N PRO A 14 3.28 13.51 -51.24
CA PRO A 14 2.51 12.60 -52.09
C PRO A 14 1.38 11.94 -51.32
N GLU A 15 0.19 11.93 -51.89
CA GLU A 15 -0.96 11.31 -51.25
C GLU A 15 -0.81 9.80 -51.23
N VAL A 16 -1.02 9.19 -52.38
CA VAL A 16 -0.94 7.76 -52.52
C VAL A 16 0.45 7.33 -52.97
N ASN A 17 0.83 6.13 -52.56
CA ASN A 17 2.13 5.58 -52.92
C ASN A 17 2.06 4.83 -54.24
N ALA A 18 2.81 5.31 -55.22
CA ALA A 18 2.84 4.68 -56.54
C ALA A 18 3.94 3.64 -56.50
N SER A 19 3.57 2.38 -56.66
CA SER A 19 4.55 1.31 -56.63
C SER A 19 4.10 0.09 -57.42
N ASP A 20 5.08 -0.59 -58.00
CA ASP A 20 4.85 -1.80 -58.79
C ASP A 20 4.27 -2.85 -57.85
N PRO A 21 3.41 -3.73 -58.37
CA PRO A 21 2.78 -4.78 -57.56
C PRO A 21 3.80 -5.73 -56.94
N LEU A 22 3.35 -6.50 -55.95
CA LEU A 22 4.20 -7.44 -55.28
C LEU A 22 4.51 -8.62 -56.19
N ALA A 23 5.80 -8.91 -56.36
CA ALA A 23 6.21 -10.02 -57.19
C ALA A 23 5.87 -11.28 -56.41
N MET A 24 4.60 -11.63 -56.38
CA MET A 24 4.14 -12.77 -55.62
C MET A 24 2.68 -13.08 -55.94
N ASP A 25 2.36 -14.36 -56.01
CA ASP A 25 1.00 -14.81 -56.30
C ASP A 25 0.16 -14.82 -55.05
N PRO A 26 -1.18 -14.75 -55.18
CA PRO A 26 -2.04 -14.76 -54.00
C PRO A 26 -2.04 -16.13 -53.37
N VAL A 27 -2.19 -16.18 -52.05
CA VAL A 27 -2.22 -17.43 -51.33
C VAL A 27 -3.62 -17.73 -50.83
N ALA A 28 -3.96 -19.01 -50.75
CA ALA A 28 -5.28 -19.44 -50.30
C ALA A 28 -5.43 -19.36 -48.78
N GLY A 29 -6.66 -19.14 -48.32
CA GLY A 29 -6.92 -19.07 -46.89
C GLY A 29 -7.43 -20.36 -46.28
N SER A 30 -8.54 -20.27 -45.55
CA SER A 30 -9.14 -21.41 -44.89
C SER A 30 -9.47 -22.63 -45.74
N SER A 31 -9.87 -22.40 -46.98
CA SER A 31 -10.23 -23.48 -47.90
C SER A 31 -9.40 -24.75 -47.71
N THR A 32 -8.16 -24.58 -47.33
CA THR A 32 -7.24 -25.68 -47.10
C THR A 32 -7.61 -26.56 -45.92
N ALA A 33 -7.72 -25.95 -44.76
CA ALA A 33 -8.01 -26.65 -43.53
C ALA A 33 -9.40 -27.28 -43.40
N VAL A 34 -10.38 -26.70 -44.08
CA VAL A 34 -11.76 -27.18 -44.01
C VAL A 34 -11.96 -28.70 -43.86
N ALA A 35 -11.19 -29.46 -44.62
CA ALA A 35 -11.32 -30.90 -44.61
C ALA A 35 -10.63 -31.70 -43.50
N THR A 36 -9.59 -31.15 -42.90
CA THR A 36 -8.85 -31.88 -41.88
C THR A 36 -8.83 -31.29 -40.47
N ALA A 37 -9.12 -30.00 -40.35
CA ALA A 37 -9.14 -29.37 -39.04
C ALA A 37 -10.39 -29.92 -38.38
N GLY A 38 -10.37 -30.01 -37.05
CA GLY A 38 -11.54 -30.52 -36.37
C GLY A 38 -12.71 -29.56 -36.45
N GLN A 39 -12.36 -28.28 -36.48
CA GLN A 39 -13.34 -27.21 -36.53
C GLN A 39 -12.72 -26.08 -37.32
N VAL A 40 -13.57 -25.20 -37.83
CA VAL A 40 -13.13 -24.04 -38.57
C VAL A 40 -13.91 -22.96 -37.85
N ASN A 41 -13.22 -22.24 -36.99
CA ASN A 41 -13.85 -21.23 -36.17
C ASN A 41 -13.83 -19.83 -36.73
N PRO A 42 -15.01 -19.31 -37.05
CA PRO A 42 -15.22 -17.97 -37.60
C PRO A 42 -14.99 -16.89 -36.56
N ILE A 43 -14.63 -15.71 -37.03
CA ILE A 43 -14.38 -14.62 -36.12
C ILE A 43 -15.35 -13.48 -36.35
N ASP A 44 -15.50 -12.64 -35.32
CA ASP A 44 -16.39 -11.49 -35.36
C ASP A 44 -16.13 -10.63 -36.58
N PRO A 45 -17.16 -10.47 -37.44
CA PRO A 45 -17.07 -9.68 -38.66
C PRO A 45 -16.60 -8.25 -38.43
N TRP A 46 -16.79 -7.75 -37.22
CA TRP A 46 -16.37 -6.39 -36.91
C TRP A 46 -14.86 -6.28 -36.86
N ILE A 47 -14.20 -7.39 -36.56
CA ILE A 47 -12.74 -7.39 -36.51
C ILE A 47 -12.19 -7.47 -37.92
N ILE A 48 -12.94 -8.15 -38.78
CA ILE A 48 -12.60 -8.37 -40.17
C ILE A 48 -12.22 -7.15 -41.01
N ASN A 49 -12.69 -5.96 -40.64
CA ASN A 49 -12.34 -4.82 -41.45
C ASN A 49 -11.72 -3.65 -40.71
N ASN A 50 -11.71 -3.70 -39.39
CA ASN A 50 -11.13 -2.61 -38.61
C ASN A 50 -9.62 -2.67 -38.60
N PHE A 51 -9.00 -1.62 -39.12
CA PHE A 51 -7.55 -1.57 -39.09
C PHE A 51 -7.22 -1.02 -37.72
N VAL A 52 -6.72 -1.89 -36.86
CA VAL A 52 -6.37 -1.54 -35.51
C VAL A 52 -4.87 -1.56 -35.32
N GLN A 53 -4.37 -0.79 -34.35
CA GLN A 53 -2.95 -0.72 -34.09
C GLN A 53 -2.44 -2.04 -33.55
N ALA A 54 -1.52 -2.63 -34.30
CA ALA A 54 -0.92 -3.89 -33.92
C ALA A 54 -0.14 -3.75 -32.62
N PRO A 55 0.08 -4.87 -31.91
CA PRO A 55 0.83 -4.81 -30.66
C PRO A 55 2.23 -4.29 -30.97
N GLN A 56 2.73 -4.59 -32.16
CA GLN A 56 4.04 -4.10 -32.59
C GLN A 56 3.66 -2.87 -33.43
N GLY A 57 2.83 -2.01 -32.86
CA GLY A 57 2.34 -0.85 -33.57
C GLY A 57 3.13 0.44 -33.73
N GLU A 58 4.30 0.53 -33.13
CA GLU A 58 5.07 1.76 -33.27
C GLU A 58 6.49 1.57 -33.71
N PHE A 59 7.05 2.61 -34.33
CA PHE A 59 8.43 2.61 -34.77
C PHE A 59 8.80 4.07 -35.02
N THR A 60 10.09 4.36 -35.08
CA THR A 60 10.54 5.72 -35.28
C THR A 60 11.75 5.80 -36.18
N ILE A 61 11.73 6.80 -37.06
CA ILE A 61 12.82 7.05 -37.97
C ILE A 61 13.45 8.35 -37.52
N SER A 62 14.77 8.41 -37.51
CA SER A 62 15.45 9.63 -37.09
C SER A 62 16.72 9.73 -37.92
N PRO A 63 17.34 10.90 -37.94
CA PRO A 63 18.57 11.06 -38.72
C PRO A 63 19.72 10.24 -38.14
N ASN A 64 19.49 9.62 -36.98
CA ASN A 64 20.49 8.79 -36.34
C ASN A 64 20.43 7.40 -36.96
N ASN A 65 19.27 7.07 -37.49
CA ASN A 65 19.08 5.78 -38.12
C ASN A 65 19.89 5.74 -39.40
N THR A 66 20.47 4.59 -39.70
CA THR A 66 21.26 4.41 -40.90
C THR A 66 20.56 3.37 -41.76
N PRO A 67 20.57 3.55 -43.09
CA PRO A 67 19.92 2.57 -43.96
C PRO A 67 20.32 1.15 -43.60
N GLY A 68 19.35 0.27 -43.54
CA GLY A 68 19.62 -1.11 -43.17
C GLY A 68 19.01 -1.38 -41.81
N ASP A 69 18.89 -0.35 -41.00
CA ASP A 69 18.29 -0.50 -39.68
C ASP A 69 16.89 -1.03 -39.84
N VAL A 70 16.54 -2.03 -39.03
CA VAL A 70 15.22 -2.62 -39.09
C VAL A 70 14.27 -1.81 -38.23
N LEU A 71 13.21 -1.31 -38.84
CA LEU A 71 12.22 -0.52 -38.13
C LEU A 71 11.24 -1.43 -37.41
N PHE A 72 10.94 -2.57 -38.03
CA PHE A 72 10.06 -3.57 -37.45
C PHE A 72 10.12 -4.87 -38.25
N ASP A 73 9.92 -5.98 -37.55
CA ASP A 73 9.97 -7.30 -38.16
C ASP A 73 8.73 -8.04 -37.71
N LEU A 74 7.78 -8.16 -38.63
CA LEU A 74 6.53 -8.83 -38.33
C LEU A 74 6.50 -10.24 -38.88
N SER A 75 6.05 -11.17 -38.07
CA SER A 75 5.94 -12.56 -38.47
C SER A 75 4.45 -12.86 -38.44
N LEU A 76 3.95 -13.47 -39.51
CA LEU A 76 2.53 -13.77 -39.61
C LEU A 76 1.98 -14.57 -38.45
N GLY A 77 0.87 -14.10 -37.92
CA GLY A 77 0.24 -14.78 -36.81
C GLY A 77 -0.79 -13.89 -36.15
N PRO A 78 -1.64 -14.45 -35.29
CA PRO A 78 -2.70 -13.73 -34.59
C PRO A 78 -2.14 -12.65 -33.67
N HIS A 79 -0.87 -12.83 -33.30
CA HIS A 79 -0.20 -11.91 -32.41
C HIS A 79 0.06 -10.56 -33.07
N LEU A 80 -0.41 -10.37 -34.29
CA LEU A 80 -0.20 -9.11 -34.98
C LEU A 80 -1.39 -8.20 -34.83
N ASN A 81 -2.44 -8.70 -34.22
CA ASN A 81 -3.65 -7.92 -34.02
C ASN A 81 -4.12 -8.16 -32.61
N PRO A 82 -4.34 -7.09 -31.84
CA PRO A 82 -4.78 -7.15 -30.45
C PRO A 82 -5.99 -8.04 -30.18
N PHE A 83 -6.99 -7.98 -31.05
CA PHE A 83 -8.19 -8.79 -30.87
C PHE A 83 -7.86 -10.25 -31.11
N LEU A 84 -7.17 -10.51 -32.21
CA LEU A 84 -6.78 -11.85 -32.57
C LEU A 84 -5.93 -12.43 -31.47
N LEU A 85 -4.98 -11.65 -30.99
CA LEU A 85 -4.11 -12.10 -29.92
C LEU A 85 -4.92 -12.61 -28.73
N HIS A 86 -5.99 -11.91 -28.40
CA HIS A 86 -6.81 -12.32 -27.29
C HIS A 86 -7.55 -13.61 -27.59
N LEU A 87 -8.02 -13.75 -28.82
CA LEU A 87 -8.73 -14.95 -29.23
C LEU A 87 -7.79 -16.13 -29.34
N SER A 88 -6.53 -15.84 -29.64
CA SER A 88 -5.50 -16.86 -29.78
C SER A 88 -5.44 -17.76 -28.57
N GLN A 89 -5.55 -17.15 -27.40
CA GLN A 89 -5.48 -17.89 -26.15
C GLN A 89 -6.59 -18.92 -26.00
N MET A 90 -7.55 -18.90 -26.91
CA MET A 90 -8.69 -19.79 -26.85
C MET A 90 -8.73 -20.87 -27.92
N TYR A 91 -7.92 -20.70 -28.96
CA TYR A 91 -7.89 -21.66 -30.04
C TYR A 91 -6.51 -22.26 -30.24
N ASN A 92 -6.48 -23.41 -30.90
CA ASN A 92 -5.23 -24.08 -31.18
C ASN A 92 -5.09 -24.17 -32.69
N GLY A 93 -4.38 -23.22 -33.27
CA GLY A 93 -4.19 -23.23 -34.70
C GLY A 93 -4.92 -22.14 -35.46
N TRP A 94 -4.46 -21.90 -36.69
CA TRP A 94 -5.03 -20.87 -37.56
C TRP A 94 -4.48 -20.98 -38.98
N VAL A 95 -5.13 -20.28 -39.90
CA VAL A 95 -4.73 -20.23 -41.31
C VAL A 95 -5.33 -18.96 -41.87
N GLY A 96 -4.60 -18.28 -42.75
CA GLY A 96 -5.16 -17.07 -43.32
C GLY A 96 -4.16 -15.95 -43.56
N ASN A 97 -4.62 -14.94 -44.27
CA ASN A 97 -3.79 -13.80 -44.61
C ASN A 97 -4.16 -12.57 -43.78
N MET A 98 -3.19 -11.68 -43.63
CA MET A 98 -3.40 -10.45 -42.87
C MET A 98 -3.22 -9.25 -43.79
N ARG A 99 -3.85 -8.16 -43.41
CA ARG A 99 -3.75 -6.94 -44.18
C ARG A 99 -3.00 -6.00 -43.26
N VAL A 100 -1.85 -5.52 -43.73
CA VAL A 100 -1.04 -4.61 -42.94
C VAL A 100 -1.05 -3.22 -43.53
N ARG A 101 -1.05 -2.23 -42.66
CA ARG A 101 -1.04 -0.85 -43.09
C ARG A 101 -0.04 -0.06 -42.27
N ILE A 102 1.02 0.39 -42.92
CA ILE A 102 2.01 1.17 -42.23
C ILE A 102 1.71 2.62 -42.52
N MET A 103 1.78 3.43 -41.47
CA MET A 103 1.47 4.83 -41.59
C MET A 103 2.67 5.73 -41.40
N LEU A 104 2.79 6.69 -42.31
CA LEU A 104 3.87 7.67 -42.33
C LEU A 104 3.18 8.98 -42.70
N ALA A 105 3.88 10.10 -42.55
CA ALA A 105 3.32 11.40 -42.90
C ALA A 105 4.20 12.51 -42.38
N GLY A 106 5.51 12.39 -42.59
CA GLY A 106 6.42 13.40 -42.09
C GLY A 106 6.23 14.78 -42.70
N ASN A 107 6.88 15.79 -42.14
CA ASN A 107 6.81 17.15 -42.65
C ASN A 107 7.18 17.20 -44.09
N ALA A 108 6.66 18.20 -44.79
CA ALA A 108 7.00 18.35 -46.19
C ALA A 108 8.50 18.59 -46.31
N PHE A 109 9.14 18.86 -45.17
CA PHE A 109 10.57 19.13 -45.09
C PHE A 109 11.44 17.91 -44.91
N THR A 110 10.84 16.77 -44.63
CA THR A 110 11.63 15.58 -44.44
C THR A 110 11.72 14.82 -45.73
N ALA A 111 12.82 14.11 -45.92
CA ALA A 111 12.99 13.31 -47.11
C ALA A 111 13.51 11.97 -46.64
N GLY A 112 13.20 10.90 -47.37
CA GLY A 112 13.66 9.58 -46.97
C GLY A 112 12.71 8.49 -47.44
N LYS A 113 13.23 7.28 -47.58
CA LYS A 113 12.38 6.18 -48.05
C LYS A 113 12.67 4.91 -47.23
N ILE A 114 11.65 4.08 -47.11
CA ILE A 114 11.77 2.83 -46.38
C ILE A 114 11.48 1.73 -47.35
N ILE A 115 11.82 0.51 -46.98
CA ILE A 115 11.56 -0.63 -47.82
C ILE A 115 11.00 -1.74 -46.98
N VAL A 116 9.95 -2.36 -47.48
CA VAL A 116 9.30 -3.45 -46.80
C VAL A 116 9.41 -4.63 -47.73
N SER A 117 9.89 -5.75 -47.20
CA SER A 117 10.06 -6.95 -48.01
C SER A 117 9.45 -8.13 -47.29
N CYS A 118 8.87 -9.03 -48.08
CA CYS A 118 8.25 -10.22 -47.55
C CYS A 118 9.24 -11.35 -47.66
N ILE A 119 9.51 -12.00 -46.54
CA ILE A 119 10.46 -13.09 -46.51
C ILE A 119 9.76 -14.40 -46.26
N PRO A 120 9.90 -15.35 -47.19
CA PRO A 120 9.31 -16.68 -47.12
C PRO A 120 9.76 -17.54 -45.97
N PRO A 121 8.84 -18.28 -45.37
CA PRO A 121 9.23 -19.13 -44.25
C PRO A 121 10.17 -20.19 -44.82
N GLY A 122 11.24 -20.48 -44.10
CA GLY A 122 12.19 -21.47 -44.58
C GLY A 122 13.51 -20.86 -45.01
N PHE A 123 13.55 -19.53 -45.04
CA PHE A 123 14.74 -18.80 -45.41
C PHE A 123 15.70 -18.78 -44.24
N GLY A 124 15.14 -18.52 -43.06
CA GLY A 124 15.93 -18.47 -41.85
C GLY A 124 16.31 -17.06 -41.49
N SER A 125 17.13 -16.91 -40.46
CA SER A 125 17.55 -15.59 -40.03
C SER A 125 18.90 -15.27 -40.63
N HIS A 126 18.99 -14.12 -41.25
CA HIS A 126 20.24 -13.67 -41.86
C HIS A 126 20.15 -12.16 -41.80
N ASN A 127 21.29 -11.51 -41.69
CA ASN A 127 21.31 -10.06 -41.65
C ASN A 127 21.26 -9.63 -43.10
N LEU A 128 20.16 -8.99 -43.47
CA LEU A 128 20.00 -8.54 -44.84
C LEU A 128 20.50 -7.13 -45.03
N THR A 129 21.13 -6.91 -46.16
CA THR A 129 21.62 -5.57 -46.50
C THR A 129 20.45 -4.96 -47.28
N ILE A 130 20.41 -3.64 -47.40
CA ILE A 130 19.31 -3.02 -48.14
C ILE A 130 19.18 -3.60 -49.54
N ALA A 131 20.31 -3.88 -50.17
CA ALA A 131 20.32 -4.46 -51.52
C ALA A 131 19.74 -5.87 -51.57
N GLN A 132 19.89 -6.61 -50.48
CA GLN A 132 19.38 -7.97 -50.40
C GLN A 132 17.87 -7.91 -50.34
N ALA A 133 17.37 -6.95 -49.57
CA ALA A 133 15.93 -6.76 -49.40
C ALA A 133 15.23 -6.62 -50.74
N THR A 134 15.92 -6.07 -51.72
CA THR A 134 15.37 -5.88 -53.05
C THR A 134 15.04 -7.21 -53.73
N LEU A 135 15.81 -8.24 -53.39
CA LEU A 135 15.62 -9.56 -53.97
C LEU A 135 14.31 -10.23 -53.58
N PHE A 136 13.73 -9.77 -52.49
CA PHE A 136 12.47 -10.32 -52.05
C PHE A 136 11.36 -9.42 -52.57
N PRO A 137 10.14 -9.96 -52.71
CA PRO A 137 9.06 -9.12 -53.20
C PRO A 137 9.01 -7.96 -52.22
N HIS A 138 9.09 -6.75 -52.74
CA HIS A 138 9.15 -5.58 -51.87
C HIS A 138 8.34 -4.40 -52.35
N VAL A 139 8.25 -3.40 -51.47
CA VAL A 139 7.55 -2.15 -51.72
C VAL A 139 8.41 -1.06 -51.09
N ILE A 140 8.52 0.06 -51.77
CA ILE A 140 9.31 1.18 -51.26
C ILE A 140 8.40 2.38 -51.16
N ALA A 141 8.57 3.18 -50.12
CA ALA A 141 7.71 4.36 -49.94
C ALA A 141 8.44 5.55 -49.35
N ASP A 142 7.99 6.74 -49.72
CA ASP A 142 8.57 7.98 -49.23
C ASP A 142 7.89 8.30 -47.91
N VAL A 143 8.69 8.63 -46.90
CA VAL A 143 8.19 8.92 -45.57
C VAL A 143 7.10 9.98 -45.46
N ARG A 144 6.95 10.78 -46.51
CA ARG A 144 5.96 11.84 -46.51
C ARG A 144 4.55 11.38 -46.93
N THR A 145 4.47 10.25 -47.62
CA THR A 145 3.19 9.73 -48.10
C THR A 145 2.07 9.80 -47.08
N LEU A 146 1.02 10.53 -47.44
CA LEU A 146 -0.13 10.72 -46.58
C LEU A 146 -0.86 9.42 -46.27
N ASP A 147 -1.43 8.84 -47.31
CA ASP A 147 -2.19 7.61 -47.17
C ASP A 147 -1.31 6.43 -46.82
N PRO A 148 -1.74 5.67 -45.82
CA PRO A 148 -1.05 4.49 -45.31
C PRO A 148 -0.86 3.44 -46.40
N ILE A 149 0.33 2.85 -46.41
CA ILE A 149 0.67 1.84 -47.38
C ILE A 149 0.06 0.54 -46.92
N GLU A 150 -0.59 -0.16 -47.82
CA GLU A 150 -1.20 -1.42 -47.45
C GLU A 150 -0.44 -2.55 -48.11
N VAL A 151 -0.01 -3.50 -47.29
CA VAL A 151 0.72 -4.66 -47.77
C VAL A 151 0.09 -5.93 -47.26
N PRO A 152 -0.25 -6.84 -48.16
CA PRO A 152 -0.86 -8.10 -47.74
C PRO A 152 0.18 -9.08 -47.26
N LEU A 153 -0.01 -9.60 -46.06
CA LEU A 153 0.93 -10.58 -45.54
C LEU A 153 0.31 -11.94 -45.88
N GLU A 154 0.82 -12.54 -46.95
CA GLU A 154 0.33 -13.83 -47.44
C GLU A 154 0.81 -15.01 -46.59
N ASP A 155 -0.09 -15.95 -46.34
CA ASP A 155 0.25 -17.12 -45.52
C ASP A 155 0.81 -18.25 -46.36
N VAL A 156 2.08 -18.13 -46.74
CA VAL A 156 2.74 -19.16 -47.52
C VAL A 156 2.86 -20.37 -46.63
N ARG A 157 2.33 -21.48 -47.11
CA ARG A 157 2.33 -22.69 -46.32
C ARG A 157 2.78 -23.91 -47.05
N ASN A 158 3.42 -24.77 -46.30
CA ASN A 158 3.93 -26.03 -46.77
C ASN A 158 2.90 -27.08 -46.40
N VAL A 159 2.20 -26.81 -45.30
CA VAL A 159 1.17 -27.68 -44.75
C VAL A 159 -0.22 -27.05 -44.84
N LEU A 160 -1.24 -27.82 -44.52
CA LEU A 160 -2.61 -27.36 -44.59
C LEU A 160 -2.96 -26.19 -43.71
N PHE A 161 -2.41 -26.16 -42.50
CA PHE A 161 -2.68 -25.06 -41.58
C PHE A 161 -1.65 -24.99 -40.47
N HIS A 162 -1.85 -24.09 -39.51
CA HIS A 162 -0.89 -23.94 -38.43
C HIS A 162 -1.39 -24.31 -37.07
N ASN A 163 -0.45 -24.62 -36.18
CA ASN A 163 -0.75 -24.97 -34.81
C ASN A 163 -0.01 -23.94 -33.96
N ASN A 164 -0.31 -23.89 -32.68
CA ASN A 164 0.34 -22.91 -31.81
C ASN A 164 1.58 -23.43 -31.11
N ASP A 165 2.59 -23.79 -31.89
CA ASP A 165 3.83 -24.29 -31.32
C ASP A 165 5.03 -23.52 -31.90
N ARG A 166 6.24 -23.94 -31.53
CA ARG A 166 7.45 -23.30 -32.02
C ARG A 166 7.97 -23.99 -33.29
N ASN A 167 7.29 -25.06 -33.68
CA ASN A 167 7.67 -25.82 -34.88
C ASN A 167 7.20 -25.09 -36.13
N GLN A 168 6.44 -24.02 -35.94
CA GLN A 168 5.90 -23.24 -37.04
C GLN A 168 6.79 -22.08 -37.47
N GLN A 169 6.89 -21.90 -38.78
CA GLN A 169 7.65 -20.82 -39.38
C GLN A 169 6.70 -20.17 -40.36
N THR A 170 6.36 -18.93 -40.11
CA THR A 170 5.45 -18.19 -40.97
C THR A 170 6.19 -17.15 -41.79
N MET A 171 5.47 -16.47 -42.67
CA MET A 171 6.09 -15.45 -43.49
C MET A 171 6.32 -14.18 -42.69
N ARG A 172 7.36 -13.43 -43.07
CA ARG A 172 7.70 -12.20 -42.37
C ARG A 172 7.62 -10.96 -43.24
N LEU A 173 7.51 -9.82 -42.56
CA LEU A 173 7.45 -8.52 -43.21
C LEU A 173 8.51 -7.71 -42.53
N VAL A 174 9.65 -7.54 -43.17
CA VAL A 174 10.71 -6.77 -42.58
C VAL A 174 10.74 -5.39 -43.19
N CYS A 175 10.72 -4.37 -42.34
CA CYS A 175 10.76 -3.01 -42.82
C CYS A 175 12.05 -2.39 -42.35
N MET A 176 12.84 -1.89 -43.28
CA MET A 176 14.11 -1.27 -42.95
C MET A 176 14.13 0.10 -43.57
N LEU A 177 15.06 0.92 -43.10
CA LEU A 177 15.22 2.25 -43.63
C LEU A 177 15.93 2.04 -44.95
N TYR A 178 15.46 2.68 -46.01
CA TYR A 178 16.09 2.51 -47.31
C TYR A 178 17.12 3.59 -47.57
N THR A 179 16.75 4.83 -47.31
CA THR A 179 17.68 5.94 -47.49
C THR A 179 17.69 6.72 -46.20
N PRO A 180 18.81 7.37 -45.88
CA PRO A 180 18.88 8.15 -44.63
C PRO A 180 17.80 9.19 -44.50
N LEU A 181 17.32 9.38 -43.27
CA LEU A 181 16.30 10.37 -43.01
C LEU A 181 16.99 11.69 -42.76
N ARG A 182 16.49 12.74 -43.41
CA ARG A 182 17.06 14.07 -43.25
C ARG A 182 15.97 15.10 -43.35
N THR A 183 15.85 15.89 -42.29
CA THR A 183 14.87 16.94 -42.25
C THR A 183 15.53 18.17 -42.83
N GLY A 184 14.78 18.93 -43.59
CA GLY A 184 15.27 20.16 -44.15
C GLY A 184 14.70 21.23 -43.26
N GLY A 185 14.58 22.44 -43.79
CA GLY A 185 14.02 23.54 -43.03
C GLY A 185 14.83 23.90 -41.79
N GLY A 186 14.16 24.47 -40.79
CA GLY A 186 14.81 24.83 -39.54
C GLY A 186 14.95 23.62 -38.63
N THR A 187 15.57 22.57 -39.18
CA THR A 187 15.82 21.31 -38.50
C THR A 187 15.78 21.25 -36.97
N GLY A 188 14.67 20.76 -36.44
CA GLY A 188 14.55 20.59 -35.01
C GLY A 188 14.94 19.14 -34.89
N ASP A 189 16.16 18.86 -34.41
CA ASP A 189 16.65 17.48 -34.29
C ASP A 189 15.79 16.59 -33.39
N SER A 190 14.84 17.23 -32.69
CA SER A 190 13.90 16.52 -31.83
C SER A 190 12.95 15.80 -32.80
N PHE A 191 13.02 16.21 -34.06
CA PHE A 191 12.22 15.64 -35.13
C PHE A 191 12.67 14.28 -35.56
N VAL A 192 11.75 13.35 -35.41
CA VAL A 192 11.93 11.97 -35.82
C VAL A 192 10.53 11.67 -36.40
N VAL A 193 10.44 10.73 -37.31
CA VAL A 193 9.13 10.42 -37.87
C VAL A 193 8.53 9.32 -37.02
N ALA A 194 7.30 9.52 -36.55
CA ALA A 194 6.60 8.53 -35.73
C ALA A 194 5.71 7.69 -36.63
N GLY A 195 6.08 6.42 -36.77
CA GLY A 195 5.32 5.52 -37.61
C GLY A 195 4.35 4.69 -36.80
N ARG A 196 3.33 4.20 -37.48
CA ARG A 196 2.31 3.37 -36.86
C ARG A 196 2.01 2.20 -37.76
N VAL A 197 1.77 1.04 -37.17
CA VAL A 197 1.45 -0.15 -37.94
C VAL A 197 0.11 -0.68 -37.47
N MET A 198 -0.80 -0.86 -38.42
CA MET A 198 -2.13 -1.35 -38.10
C MET A 198 -2.45 -2.53 -38.95
N THR A 199 -3.22 -3.44 -38.39
CA THR A 199 -3.58 -4.65 -39.10
C THR A 199 -5.00 -5.09 -38.83
N CYS A 200 -5.51 -5.92 -39.74
CA CYS A 200 -6.83 -6.50 -39.63
C CYS A 200 -6.72 -7.76 -40.49
N PRO A 201 -7.40 -8.82 -40.09
CA PRO A 201 -7.38 -10.09 -40.82
C PRO A 201 -8.16 -10.07 -42.12
N SER A 202 -7.66 -10.81 -43.09
CA SER A 202 -8.34 -10.92 -44.37
C SER A 202 -9.45 -11.92 -44.08
N PRO A 203 -10.59 -11.82 -44.77
CA PRO A 203 -11.68 -12.76 -44.51
C PRO A 203 -11.33 -14.24 -44.73
N ASP A 204 -10.10 -14.52 -45.19
CA ASP A 204 -9.64 -15.89 -45.39
C ASP A 204 -9.22 -16.46 -44.06
N PHE A 205 -8.74 -15.57 -43.21
CA PHE A 205 -8.25 -15.93 -41.90
C PHE A 205 -9.30 -16.56 -41.02
N ASN A 206 -8.91 -17.64 -40.34
CA ASN A 206 -9.78 -18.38 -39.44
C ASN A 206 -8.98 -19.08 -38.35
N PHE A 207 -9.59 -19.20 -37.18
CA PHE A 207 -8.97 -19.89 -36.07
C PHE A 207 -9.41 -21.31 -36.22
N LEU A 208 -8.69 -22.24 -35.61
CA LEU A 208 -9.07 -23.62 -35.79
C LEU A 208 -9.71 -24.42 -34.68
N PHE A 209 -8.95 -24.87 -33.70
CA PHE A 209 -9.56 -25.69 -32.68
C PHE A 209 -9.82 -24.99 -31.36
N LEU A 210 -10.99 -25.24 -30.77
CA LEU A 210 -11.34 -24.66 -29.49
C LEU A 210 -10.53 -25.38 -28.42
N VAL A 211 -9.90 -24.61 -27.54
CA VAL A 211 -9.02 -25.17 -26.51
C VAL A 211 -9.10 -24.35 -25.22
N PRO A 212 -8.79 -24.97 -24.10
CA PRO A 212 -8.82 -24.29 -22.80
C PRO A 212 -8.03 -22.99 -22.82
N ALA A 213 -8.73 -21.86 -22.91
CA ALA A 213 -8.08 -20.56 -22.93
C ALA A 213 -7.16 -20.37 -21.73
N ALA A 214 -5.89 -20.11 -22.00
CA ALA A 214 -4.91 -19.91 -20.94
C ALA A 214 -3.65 -20.73 -21.18
N ALA A 215 -2.91 -21.02 -20.12
CA ALA A 215 -1.69 -21.80 -20.22
C ALA A 215 -0.50 -20.92 -20.60
N ALA A 216 -0.32 -19.83 -19.86
CA ALA A 216 0.77 -18.91 -20.12
C ALA A 216 1.46 -18.48 -18.82
N ALA A 217 1.62 -19.43 -17.91
CA ALA A 217 2.27 -19.15 -16.63
C ALA A 217 3.71 -18.73 -16.82
N ALA A 218 4.28 -18.09 -15.80
CA ALA A 218 5.65 -17.63 -15.85
C ALA A 218 6.16 -17.23 -14.47
N ARG A 219 6.20 -18.20 -13.55
CA ARG A 219 6.66 -17.94 -12.19
C ARG A 219 8.17 -17.75 -12.15
N MET A 220 8.60 -16.49 -12.21
CA MET A 220 10.02 -16.16 -12.19
C MET A 220 10.45 -15.67 -10.80
N VAL A 221 11.31 -16.44 -10.15
CA VAL A 221 11.81 -16.08 -8.82
C VAL A 221 12.75 -14.89 -8.91
N ASP A 222 12.72 -14.05 -7.87
CA ASP A 222 13.57 -12.87 -7.83
C ASP A 222 14.39 -12.91 -6.53
N LEU A 223 15.39 -12.03 -6.43
CA LEU A 223 16.13 -11.86 -5.18
C LEU A 223 15.87 -10.44 -4.67
N PRO A 224 15.91 -10.23 -3.35
CA PRO A 224 15.77 -8.93 -2.69
C PRO A 224 16.98 -8.01 -2.89
N VAL A 225 16.76 -6.70 -3.07
CA VAL A 225 17.87 -5.86 -3.43
C VAL A 225 18.58 -5.37 -2.13
N ILE A 226 19.15 -6.31 -1.41
CA ILE A 226 19.82 -5.98 -0.13
C ILE A 226 21.33 -6.12 -0.35
N GLN A 227 22.18 -5.15 -0.03
CA GLN A 227 23.63 -5.40 -0.26
C GLN A 227 24.15 -6.35 0.80
N PRO A 228 25.21 -7.16 0.46
CA PRO A 228 25.82 -8.08 1.37
C PRO A 228 26.15 -7.41 2.69
N ARG A 229 26.60 -6.15 2.69
CA ARG A 229 27.20 -5.60 4.00
C ARG A 229 26.07 -5.12 4.84
N LEU A 230 24.86 -5.12 4.27
CA LEU A 230 23.66 -4.81 5.13
C LEU A 230 23.03 -6.11 5.68
N CYS A 231 23.57 -7.27 5.32
CA CYS A 231 22.99 -8.62 5.68
C CYS A 231 23.42 -9.25 6.97
N THR A 232 22.65 -10.26 7.36
CA THR A 232 22.93 -11.04 8.58
C THR A 232 23.61 -12.34 8.20
N HIS A 233 24.70 -12.70 8.88
CA HIS A 233 25.42 -13.94 8.56
C HIS A 233 24.61 -15.19 9.03
N ALA A 234 24.66 -16.27 8.23
CA ALA A 234 23.87 -17.51 8.56
C ALA A 234 24.56 -18.60 9.36
N ARG A 235 25.81 -18.43 9.77
CA ARG A 235 26.46 -19.50 10.54
C ARG A 235 27.11 -18.99 11.79
N TRP A 236 27.33 -17.68 11.89
CA TRP A 236 27.80 -17.08 13.15
C TRP A 236 26.94 -15.83 13.33
N PRO A 237 26.42 -15.56 14.57
CA PRO A 237 25.48 -14.40 14.58
C PRO A 237 26.19 -13.05 14.55
N ALA A 238 26.51 -12.58 13.39
CA ALA A 238 27.15 -11.26 13.25
C ALA A 238 26.70 -10.77 11.89
N PRO A 239 26.88 -9.46 11.64
CA PRO A 239 26.76 -8.95 10.26
C PRO A 239 27.74 -9.69 9.33
N VAL A 240 27.38 -9.75 8.06
CA VAL A 240 28.25 -10.11 6.95
C VAL A 240 29.20 -8.89 6.71
N TYR A 241 30.49 -9.16 6.55
CA TYR A 241 31.48 -8.16 6.43
C TYR A 241 32.18 -8.39 5.06
N GLY A 242 32.24 -9.64 4.59
CA GLY A 242 33.14 -9.95 3.40
C GLY A 242 32.34 -10.69 2.32
N LEU A 243 32.79 -10.59 1.06
CA LEU A 243 32.14 -11.29 -0.08
C LEU A 243 33.36 -11.72 -0.86
N LEU A 244 33.63 -13.03 -0.98
CA LEU A 244 34.83 -13.50 -1.72
C LEU A 244 34.70 -14.95 -2.34
N VAL A 245 35.73 -15.36 -3.09
CA VAL A 245 35.93 -16.74 -3.50
C VAL A 245 37.36 -17.02 -3.16
N ASP A 246 37.69 -18.29 -2.94
CA ASP A 246 39.00 -18.69 -2.41
C ASP A 246 39.27 -20.18 -2.70
N PRO A 247 39.84 -20.46 -3.89
CA PRO A 247 40.09 -21.84 -4.39
C PRO A 247 40.97 -22.65 -3.46
N SER A 248 41.68 -22.04 -2.54
CA SER A 248 42.43 -22.88 -1.68
C SER A 248 41.69 -23.34 -0.41
N LEU A 249 40.40 -22.97 -0.27
CA LEU A 249 39.61 -23.44 0.90
C LEU A 249 38.94 -24.75 0.51
N PRO A 250 38.36 -25.44 1.48
CA PRO A 250 37.67 -26.65 1.14
C PRO A 250 36.56 -26.39 0.13
N SER A 251 36.56 -27.08 -1.02
CA SER A 251 35.64 -26.69 -2.11
C SER A 251 34.21 -27.12 -1.94
N ASN A 252 34.02 -28.17 -1.16
CA ASN A 252 32.71 -28.76 -0.97
C ASN A 252 32.29 -28.86 0.51
N PRO A 253 32.19 -27.72 1.20
CA PRO A 253 31.91 -27.74 2.66
C PRO A 253 30.54 -28.36 2.97
N GLN A 254 30.47 -28.95 4.16
CA GLN A 254 29.28 -29.70 4.61
C GLN A 254 28.45 -28.96 5.71
N TRP A 255 28.27 -27.65 5.42
CA TRP A 255 27.62 -26.68 6.30
C TRP A 255 26.19 -27.13 6.60
N GLN A 256 25.81 -27.12 7.89
CA GLN A 256 24.42 -27.50 8.29
C GLN A 256 23.41 -26.32 8.48
N ASN A 257 23.96 -25.12 8.63
CA ASN A 257 23.22 -23.89 8.81
C ASN A 257 23.39 -23.06 7.54
N GLY A 258 22.42 -22.19 7.26
CA GLY A 258 22.49 -21.40 6.06
C GLY A 258 22.30 -22.24 4.82
N ARG A 259 21.47 -23.30 4.92
CA ARG A 259 21.22 -24.17 3.76
C ARG A 259 19.77 -24.07 3.36
N VAL A 260 19.52 -23.65 2.13
CA VAL A 260 18.16 -23.74 1.67
C VAL A 260 18.23 -23.88 0.14
N HIS A 261 17.19 -24.38 -0.47
CA HIS A 261 17.15 -24.52 -1.93
C HIS A 261 16.31 -23.40 -2.44
N VAL A 262 16.41 -23.18 -3.75
CA VAL A 262 15.77 -22.00 -4.29
C VAL A 262 14.31 -22.19 -4.18
N ASP A 263 13.91 -23.43 -4.16
CA ASP A 263 12.51 -23.70 -4.06
C ASP A 263 11.96 -23.50 -2.60
N GLY A 264 12.82 -23.20 -1.64
CA GLY A 264 12.26 -22.97 -0.31
C GLY A 264 12.52 -24.09 0.65
N THR A 265 13.05 -25.21 0.16
CA THR A 265 13.37 -26.35 1.00
C THR A 265 14.56 -26.07 1.91
N LEU A 266 14.27 -25.97 3.21
CA LEU A 266 15.34 -25.77 4.17
C LEU A 266 16.09 -27.05 4.42
N LEU A 267 17.40 -27.02 4.57
CA LEU A 267 18.12 -28.23 4.87
C LEU A 267 18.84 -28.16 6.17
N GLY A 268 19.25 -29.31 6.65
CA GLY A 268 20.16 -29.31 7.80
C GLY A 268 19.51 -28.73 9.03
N THR A 269 20.28 -28.01 9.83
CA THR A 269 19.74 -27.50 11.08
C THR A 269 19.30 -26.05 10.85
N THR A 270 19.20 -25.61 9.55
CA THR A 270 19.04 -24.17 9.13
C THR A 270 17.81 -23.53 9.85
N PRO A 271 18.00 -22.47 10.69
CA PRO A 271 16.87 -21.86 11.38
C PRO A 271 16.28 -20.75 10.54
N ILE A 272 15.11 -20.26 10.89
CA ILE A 272 14.59 -19.10 10.14
C ILE A 272 15.18 -17.79 10.63
N SER A 273 15.39 -17.67 11.93
CA SER A 273 15.83 -16.41 12.55
C SER A 273 17.36 -16.34 12.64
N GLY A 274 17.97 -15.22 12.32
CA GLY A 274 19.38 -15.22 12.46
C GLY A 274 19.78 -15.13 13.92
N SER A 275 18.84 -14.81 14.83
CA SER A 275 19.20 -14.85 16.31
C SER A 275 19.39 -16.29 16.82
N TRP A 276 19.01 -17.26 15.96
CA TRP A 276 19.11 -18.65 16.42
C TRP A 276 20.46 -19.28 16.06
N VAL A 277 21.28 -18.55 15.31
CA VAL A 277 22.35 -19.12 14.60
C VAL A 277 23.47 -19.30 15.64
N SER A 278 23.95 -20.56 15.77
CA SER A 278 25.06 -20.91 16.65
C SER A 278 24.74 -20.82 18.10
N CYS A 279 23.44 -20.88 18.41
CA CYS A 279 22.91 -20.71 19.77
C CYS A 279 22.19 -22.05 20.07
N PHE A 280 21.92 -22.31 21.34
CA PHE A 280 21.02 -23.42 21.74
C PHE A 280 20.19 -23.10 22.97
N ALA A 281 19.20 -23.95 23.26
CA ALA A 281 18.46 -23.86 24.55
C ALA A 281 18.44 -25.21 25.16
N ALA A 282 18.39 -25.29 26.48
CA ALA A 282 18.38 -26.57 27.18
C ALA A 282 17.67 -26.48 28.55
N GLU A 283 17.44 -27.62 29.20
CA GLU A 283 17.32 -27.68 30.63
C GLU A 283 18.74 -27.97 31.14
N ALA A 284 19.21 -27.23 32.10
CA ALA A 284 20.60 -27.45 32.53
C ALA A 284 20.65 -28.06 33.92
N ALA A 285 21.56 -29.00 34.17
CA ALA A 285 21.81 -29.53 35.51
C ALA A 285 23.27 -29.93 35.71
N TYR A 286 23.63 -30.18 36.97
CA TYR A 286 25.00 -30.65 37.35
C TYR A 286 25.08 -32.08 37.93
N GLU A 287 25.06 -33.12 37.06
CA GLU A 287 25.28 -34.53 37.50
C GLU A 287 26.68 -34.76 38.09
N PHE A 288 26.95 -35.98 38.56
CA PHE A 288 28.23 -36.19 39.26
C PHE A 288 28.94 -37.51 38.90
N GLN A 289 29.32 -37.66 37.63
CA GLN A 289 30.07 -38.84 37.12
C GLN A 289 31.49 -38.87 37.71
N SER A 290 32.23 -37.78 37.47
CA SER A 290 33.47 -37.48 38.20
C SER A 290 33.09 -37.23 39.66
N GLY A 291 31.98 -36.50 39.83
CA GLY A 291 31.48 -36.10 41.16
C GLY A 291 31.93 -34.69 41.61
N THR A 292 32.61 -33.91 40.76
CA THR A 292 33.09 -32.54 41.12
C THR A 292 32.31 -31.37 40.46
N GLY A 293 30.97 -31.44 40.49
CA GLY A 293 30.00 -30.59 39.69
C GLY A 293 30.42 -29.33 38.92
N GLU A 294 31.52 -29.38 38.15
CA GLU A 294 31.95 -28.30 37.19
C GLU A 294 31.30 -28.45 35.78
N VAL A 295 30.69 -29.60 35.54
CA VAL A 295 30.16 -29.93 34.22
C VAL A 295 28.65 -29.76 34.26
N ALA A 296 28.15 -28.84 33.43
CA ALA A 296 26.74 -28.69 33.16
C ALA A 296 26.30 -29.77 32.15
N THR A 297 25.19 -30.46 32.43
CA THR A 297 24.63 -31.36 31.48
C THR A 297 23.41 -30.64 30.86
N PHE A 298 23.43 -30.43 29.55
CA PHE A 298 22.35 -29.67 28.90
C PHE A 298 21.44 -30.64 28.16
N THR A 299 20.18 -30.76 28.56
CA THR A 299 19.22 -31.55 27.76
C THR A 299 18.53 -30.60 26.82
N LEU A 300 18.82 -30.76 25.53
CA LEU A 300 18.60 -29.68 24.58
C LEU A 300 17.10 -29.58 24.38
N ILE A 301 16.58 -28.36 24.25
CA ILE A 301 15.22 -28.13 23.71
C ILE A 301 15.33 -27.24 22.45
N GLU A 302 14.25 -27.02 21.68
CA GLU A 302 14.41 -26.12 20.52
C GLU A 302 14.40 -24.67 21.11
N GLN A 303 14.95 -23.71 20.36
CA GLN A 303 15.20 -22.39 20.98
C GLN A 303 13.84 -21.68 21.14
N ASP A 304 12.78 -22.10 20.48
CA ASP A 304 11.44 -21.46 20.76
C ASP A 304 10.79 -22.15 21.96
N GLY A 305 11.57 -22.86 22.75
CA GLY A 305 11.16 -23.45 24.03
C GLY A 305 10.46 -24.79 23.82
N SER A 306 10.16 -25.17 22.58
CA SER A 306 9.54 -26.48 22.38
C SER A 306 10.50 -27.64 22.52
N ALA A 307 9.97 -28.87 22.69
CA ALA A 307 10.78 -30.00 23.04
C ALA A 307 11.63 -30.37 21.82
N TYR A 308 12.89 -30.76 22.04
CA TYR A 308 13.69 -31.25 20.91
C TYR A 308 13.51 -32.80 20.84
N VAL A 309 13.21 -33.33 19.67
CA VAL A 309 13.18 -34.79 19.42
C VAL A 309 14.17 -35.19 18.32
N PRO A 310 15.10 -36.16 18.60
CA PRO A 310 15.96 -36.57 17.48
C PRO A 310 15.15 -36.90 16.19
N GLY A 311 15.49 -36.29 15.07
CA GLY A 311 14.63 -36.38 13.85
C GLY A 311 15.47 -36.52 12.57
N ASP A 312 15.01 -35.82 11.53
CA ASP A 312 15.66 -35.78 10.25
C ASP A 312 16.58 -34.59 9.94
N ARG A 313 17.39 -34.21 10.94
CA ARG A 313 18.47 -33.21 10.86
C ARG A 313 19.34 -33.52 12.10
N ALA A 314 20.49 -32.89 12.17
CA ALA A 314 21.60 -33.34 13.03
C ALA A 314 21.49 -32.89 14.44
N ALA A 315 20.64 -31.91 14.68
CA ALA A 315 20.67 -31.29 16.03
C ALA A 315 19.48 -30.31 16.16
N PRO A 316 19.29 -29.70 17.32
CA PRO A 316 18.24 -28.61 17.32
C PRO A 316 18.56 -27.48 16.24
N LEU A 317 17.56 -26.78 15.72
CA LEU A 317 17.79 -25.68 14.77
C LEU A 317 18.81 -24.69 15.23
N GLY A 318 19.75 -24.35 14.31
CA GLY A 318 20.81 -23.34 14.51
C GLY A 318 22.01 -23.78 15.35
N TYR A 319 21.95 -25.03 15.84
CA TYR A 319 23.03 -25.59 16.73
C TYR A 319 24.37 -25.50 15.91
N PRO A 320 25.53 -25.19 16.52
CA PRO A 320 26.75 -24.93 15.71
C PRO A 320 27.09 -26.07 14.81
N ASP A 321 27.53 -25.75 13.60
CA ASP A 321 27.84 -26.81 12.63
C ASP A 321 29.32 -26.77 12.35
N PHE A 322 30.16 -26.44 13.34
CA PHE A 322 31.60 -26.44 13.11
C PHE A 322 32.28 -27.00 14.37
N SER A 323 33.60 -27.14 14.36
CA SER A 323 34.29 -27.59 15.58
C SER A 323 35.18 -26.59 16.25
N GLY A 324 35.77 -27.06 17.36
CA GLY A 324 36.70 -26.30 18.15
C GLY A 324 36.16 -26.21 19.54
N GLN A 325 36.66 -25.28 20.30
CA GLN A 325 36.15 -25.13 21.62
C GLN A 325 35.34 -23.84 21.76
N LEU A 326 34.02 -23.96 21.90
CA LEU A 326 33.12 -22.75 21.95
C LEU A 326 32.93 -22.24 23.39
N GLU A 327 33.14 -20.94 23.61
CA GLU A 327 32.79 -20.30 24.87
C GLU A 327 31.33 -19.83 24.77
N ILE A 328 30.47 -20.29 25.67
CA ILE A 328 29.06 -19.99 25.54
C ILE A 328 28.66 -19.17 26.75
N GLU A 329 27.75 -18.25 26.57
CA GLU A 329 27.20 -17.64 27.76
C GLU A 329 25.74 -18.14 27.95
N VAL A 330 25.47 -18.58 29.14
CA VAL A 330 24.25 -19.34 29.39
C VAL A 330 23.41 -18.55 30.36
N GLN A 331 22.19 -18.23 29.97
CA GLN A 331 21.40 -17.41 30.88
C GLN A 331 20.04 -18.09 31.12
N THR A 332 19.46 -17.86 32.30
CA THR A 332 18.07 -18.29 32.56
C THR A 332 17.15 -17.88 31.40
N GLU A 333 16.27 -18.77 30.94
CA GLU A 333 15.36 -18.40 29.89
C GLU A 333 14.38 -17.27 30.34
N THR A 334 14.05 -16.35 29.43
CA THR A 334 13.17 -15.19 29.75
C THR A 334 11.75 -15.47 29.32
N THR A 335 10.89 -15.53 30.31
CA THR A 335 9.55 -15.93 30.05
C THR A 335 8.59 -14.78 30.25
N LYS A 336 8.85 -13.96 31.27
CA LYS A 336 7.98 -12.89 31.69
C LYS A 336 8.79 -11.79 32.43
N THR A 337 8.25 -10.59 32.48
CA THR A 337 8.92 -9.53 33.23
C THR A 337 9.08 -9.96 34.68
N GLY A 338 10.26 -9.80 35.27
CA GLY A 338 10.52 -10.18 36.66
C GLY A 338 11.16 -11.54 36.87
N ASP A 339 11.14 -12.43 35.85
CA ASP A 339 11.98 -13.67 35.87
C ASP A 339 13.42 -13.34 36.30
N LYS A 340 13.81 -13.78 37.50
CA LYS A 340 15.18 -13.54 37.98
C LYS A 340 16.11 -14.35 37.08
N LEU A 341 17.28 -13.79 36.78
CA LEU A 341 18.21 -14.39 35.82
C LEU A 341 19.61 -14.75 36.42
N LYS A 342 20.10 -15.96 36.14
CA LYS A 342 21.52 -16.30 36.35
C LYS A 342 22.24 -16.42 34.98
N VAL A 343 23.50 -16.01 34.96
CA VAL A 343 24.27 -16.01 33.74
C VAL A 343 25.67 -16.54 34.04
N THR A 344 26.04 -17.68 33.44
CA THR A 344 27.34 -18.32 33.64
C THR A 344 28.03 -18.49 32.27
N THR A 345 29.35 -18.50 32.24
CA THR A 345 30.12 -18.84 31.04
C THR A 345 30.75 -20.21 31.11
N PHE A 346 30.77 -20.91 29.98
CA PHE A 346 31.23 -22.27 29.97
C PHE A 346 32.11 -22.39 28.75
N GLU A 347 32.88 -23.47 28.64
CA GLU A 347 33.54 -23.80 27.39
C GLU A 347 32.93 -25.14 27.05
N MET A 348 32.52 -25.32 25.80
CA MET A 348 31.99 -26.58 25.36
C MET A 348 32.82 -27.08 24.18
N ILE A 349 33.19 -28.37 24.14
CA ILE A 349 33.91 -28.83 22.93
C ILE A 349 33.02 -29.37 21.85
N LEU A 350 33.04 -28.74 20.69
CA LEU A 350 32.20 -29.16 19.59
C LEU A 350 32.68 -30.41 18.79
N GLY A 351 33.98 -30.60 18.60
CA GLY A 351 34.47 -31.72 17.74
C GLY A 351 34.37 -33.15 18.33
N PRO A 352 34.80 -34.20 17.58
CA PRO A 352 34.69 -35.67 17.87
C PRO A 352 35.29 -36.20 19.18
N THR A 353 36.59 -35.96 19.36
CA THR A 353 37.20 -36.28 20.63
C THR A 353 36.12 -36.62 21.73
N THR A 354 36.28 -37.73 22.44
CA THR A 354 37.31 -38.75 22.26
C THR A 354 37.22 -39.61 23.51
N ASN A 355 36.46 -40.69 23.39
CA ASN A 355 36.12 -41.62 24.51
C ASN A 355 35.07 -41.20 25.61
N ALA A 356 34.47 -39.99 25.63
CA ALA A 356 34.26 -39.01 24.56
C ALA A 356 32.76 -38.88 24.49
N ASP A 357 32.16 -37.99 25.27
CA ASP A 357 30.69 -37.81 25.21
C ASP A 357 30.18 -36.52 24.47
N GLN A 358 28.87 -36.28 24.37
CA GLN A 358 28.36 -35.22 23.47
C GLN A 358 27.57 -35.80 22.29
N ALA A 359 26.24 -35.73 22.28
CA ALA A 359 25.47 -36.05 21.05
C ALA A 359 24.31 -35.12 20.94
N PRO A 360 24.60 -33.89 20.47
CA PRO A 360 23.53 -32.98 20.11
C PRO A 360 22.38 -33.72 19.38
N TYR A 361 22.67 -34.71 18.57
CA TYR A 361 21.57 -35.28 17.81
C TYR A 361 20.59 -36.00 18.71
N GLN A 362 21.13 -36.65 19.72
CA GLN A 362 20.30 -37.35 20.68
C GLN A 362 19.74 -36.31 21.66
N GLY A 363 20.15 -35.05 21.63
CA GLY A 363 19.58 -34.15 22.66
C GLY A 363 20.41 -33.96 23.93
N ARG A 364 21.69 -34.34 23.91
CA ARG A 364 22.48 -34.15 25.09
C ARG A 364 24.00 -33.77 24.96
N VAL A 365 24.37 -32.63 25.52
CA VAL A 365 25.73 -32.05 25.36
C VAL A 365 26.25 -31.59 26.76
N PHE A 366 27.55 -31.41 26.93
CA PHE A 366 28.13 -31.12 28.26
C PHE A 366 29.04 -29.95 28.03
N ALA A 367 29.03 -29.01 28.97
CA ALA A 367 29.96 -27.91 28.87
C ALA A 367 30.57 -27.80 30.24
N SER A 368 31.70 -27.13 30.37
CA SER A 368 32.20 -26.97 31.72
C SER A 368 32.49 -25.57 32.04
N VAL A 369 32.21 -25.31 33.30
CA VAL A 369 32.26 -23.99 33.84
C VAL A 369 33.67 -23.61 33.77
N THR A 370 33.97 -22.72 32.85
CA THR A 370 35.37 -22.39 32.64
C THR A 370 36.04 -22.18 34.03
N ALA A 371 35.77 -23.12 34.98
CA ALA A 371 36.50 -23.15 36.28
C ALA A 371 37.92 -23.50 35.87
N ALA A 372 38.03 -24.51 35.00
CA ALA A 372 39.30 -24.93 34.33
C ALA A 372 40.60 -24.38 34.94
N LEU A 377 26.30 -21.94 38.93
CA LEU A 377 25.10 -21.16 39.29
C LEU A 377 23.79 -21.56 38.56
N VAL A 378 23.66 -21.30 37.23
CA VAL A 378 22.41 -21.61 36.43
C VAL A 378 22.07 -23.10 36.02
N ASP A 379 20.75 -23.30 36.02
CA ASP A 379 20.09 -24.60 35.88
C ASP A 379 18.60 -24.33 35.65
N GLY A 380 17.78 -25.37 35.65
CA GLY A 380 16.52 -25.27 34.94
C GLY A 380 16.82 -24.81 33.52
N ARG A 381 15.83 -24.17 32.89
CA ARG A 381 15.81 -23.88 31.48
C ARG A 381 16.66 -22.65 31.17
N VAL A 382 17.52 -22.73 30.15
CA VAL A 382 18.52 -21.69 29.84
C VAL A 382 18.60 -21.45 28.35
N ARG A 383 19.27 -20.40 27.95
CA ARG A 383 19.58 -20.16 26.51
C ARG A 383 21.09 -19.91 26.39
N ALA A 384 21.74 -20.52 25.40
CA ALA A 384 23.23 -20.38 25.31
C ALA A 384 23.56 -19.67 24.01
N VAL A 385 24.38 -18.62 24.09
CA VAL A 385 24.78 -17.90 22.87
C VAL A 385 26.30 -17.96 22.79
N PRO A 386 26.86 -17.90 21.57
CA PRO A 386 28.30 -18.09 21.40
C PRO A 386 29.11 -16.83 21.77
N ARG A 387 30.20 -16.95 22.51
CA ARG A 387 30.98 -15.78 22.93
C ARG A 387 32.35 -15.72 22.19
N SER A 388 33.02 -16.84 22.06
CA SER A 388 34.23 -16.87 21.20
C SER A 388 34.55 -18.33 20.84
N ILE A 389 35.51 -18.54 19.96
CA ILE A 389 35.85 -19.85 19.53
C ILE A 389 37.35 -20.03 19.81
N TYR A 390 37.79 -21.26 19.99
CA TYR A 390 39.19 -21.54 20.35
C TYR A 390 39.58 -22.76 19.53
N GLY A 391 40.56 -22.66 18.66
CA GLY A 391 40.87 -23.80 17.82
C GLY A 391 39.81 -24.14 16.79
N PHE A 392 39.18 -23.12 16.20
CA PHE A 392 38.11 -23.34 15.23
C PHE A 392 38.61 -24.27 14.17
N GLN A 393 37.76 -25.20 13.75
CA GLN A 393 37.96 -25.79 12.45
C GLN A 393 36.65 -25.92 11.80
N ASP A 394 36.59 -25.52 10.55
CA ASP A 394 35.35 -25.56 9.83
C ASP A 394 35.14 -26.94 9.25
N THR A 395 34.93 -27.92 10.13
CA THR A 395 34.44 -29.27 9.79
C THR A 395 33.26 -29.57 10.76
N ILE A 396 32.32 -30.41 10.36
CA ILE A 396 31.17 -30.61 11.26
C ILE A 396 31.51 -31.36 12.57
N PRO A 397 30.80 -31.05 13.67
CA PRO A 397 31.11 -31.70 14.93
C PRO A 397 30.65 -33.15 14.78
N GLU A 398 30.93 -33.94 15.82
CA GLU A 398 30.48 -35.32 15.83
C GLU A 398 29.11 -35.23 16.50
N TYR A 399 28.04 -35.24 15.73
CA TYR A 399 26.72 -34.98 16.24
C TYR A 399 26.06 -36.22 16.98
N ASN A 400 26.48 -37.42 16.60
CA ASN A 400 25.77 -38.62 17.05
C ASN A 400 26.79 -39.67 17.51
N ASP A 401 27.86 -39.17 18.09
CA ASP A 401 28.79 -40.04 18.80
C ASP A 401 29.15 -41.29 18.00
N GLY A 402 29.62 -41.14 16.77
CA GLY A 402 30.04 -42.30 16.00
C GLY A 402 29.00 -42.85 15.03
N LEU A 403 27.73 -42.67 15.31
CA LEU A 403 26.73 -43.27 14.45
C LEU A 403 26.38 -42.37 13.31
N LEU A 404 25.96 -42.94 12.20
CA LEU A 404 25.44 -42.12 11.13
C LEU A 404 24.44 -41.07 11.65
N VAL A 405 24.40 -39.88 11.04
CA VAL A 405 23.40 -38.88 11.41
C VAL A 405 22.75 -38.12 10.22
N PRO A 406 21.50 -37.67 10.34
CA PRO A 406 21.03 -37.00 9.09
C PRO A 406 21.75 -35.63 8.80
N LEU A 407 22.26 -35.40 7.57
CA LEU A 407 23.15 -34.23 7.23
C LEU A 407 22.70 -33.63 5.92
N ALA A 408 22.72 -32.29 5.78
CA ALA A 408 22.49 -31.72 4.44
C ALA A 408 23.75 -32.19 3.67
N PRO A 409 23.67 -32.37 2.33
CA PRO A 409 24.87 -32.95 1.64
C PRO A 409 26.04 -31.97 1.46
N PRO A 410 27.27 -32.42 1.12
CA PRO A 410 28.26 -31.39 0.78
C PRO A 410 27.76 -30.42 -0.28
N ILE A 411 28.16 -29.16 -0.16
CA ILE A 411 27.80 -28.19 -1.19
C ILE A 411 28.52 -28.54 -2.47
N GLY A 412 27.79 -28.57 -3.60
CA GLY A 412 28.41 -28.83 -4.90
C GLY A 412 27.37 -29.65 -5.66
N PRO A 413 27.72 -30.15 -6.88
CA PRO A 413 29.03 -29.98 -7.49
C PRO A 413 29.16 -28.64 -8.20
N PHE A 414 30.33 -28.41 -8.76
CA PHE A 414 30.66 -27.20 -9.50
C PHE A 414 31.24 -27.69 -10.86
N LEU A 415 30.99 -26.97 -11.94
CA LEU A 415 31.70 -27.26 -13.22
C LEU A 415 33.20 -27.09 -13.03
N PRO A 416 34.01 -27.55 -14.00
CA PRO A 416 35.44 -27.28 -13.86
C PRO A 416 35.67 -25.77 -13.92
N GLY A 417 36.56 -25.26 -13.10
CA GLY A 417 36.82 -23.82 -13.05
C GLY A 417 35.81 -22.97 -12.25
N GLU A 418 34.75 -23.57 -11.73
CA GLU A 418 33.71 -22.82 -10.92
C GLU A 418 34.09 -22.95 -9.44
N VAL A 419 33.95 -21.90 -8.64
CA VAL A 419 34.29 -22.02 -7.19
C VAL A 419 33.12 -21.41 -6.35
N LEU A 420 33.03 -21.71 -5.05
CA LEU A 420 31.85 -21.24 -4.24
C LEU A 420 32.05 -19.74 -3.94
N LEU A 421 30.99 -18.95 -4.11
CA LEU A 421 30.93 -17.60 -3.61
C LEU A 421 30.73 -17.62 -2.11
N ARG A 422 31.61 -17.00 -1.35
CA ARG A 422 31.52 -17.01 0.15
C ARG A 422 31.00 -15.65 0.73
N PHE A 423 29.87 -15.65 1.51
CA PHE A 423 29.58 -14.60 2.50
C PHE A 423 30.31 -14.78 3.84
N ARG A 424 31.05 -13.77 4.29
CA ARG A 424 32.01 -13.96 5.36
C ARG A 424 31.75 -13.03 6.53
N THR A 425 32.03 -13.53 7.74
CA THR A 425 31.98 -12.73 8.95
C THR A 425 33.15 -13.20 9.80
N TYR A 426 33.35 -12.60 10.99
CA TYR A 426 34.52 -12.87 11.85
C TYR A 426 34.08 -13.27 13.28
N MET A 427 34.66 -14.35 13.81
CA MET A 427 34.39 -14.78 15.19
C MET A 427 35.51 -14.24 15.99
N ARG A 428 35.24 -13.96 17.24
CA ARG A 428 36.28 -13.63 18.15
C ARG A 428 37.02 -14.93 18.57
N GLN A 429 38.30 -15.11 18.22
CA GLN A 429 39.14 -16.28 18.65
C GLN A 429 40.39 -15.69 19.39
N ILE A 430 40.48 -15.44 20.71
CA ILE A 430 40.88 -16.33 21.85
C ILE A 430 41.75 -17.60 21.57
N ASP A 431 42.91 -17.84 22.21
CA ASP A 431 43.72 -17.08 23.23
C ASP A 431 43.10 -16.21 24.36
N THR A 432 43.66 -16.30 25.59
CA THR A 432 44.98 -16.91 25.94
C THR A 432 46.16 -16.03 25.44
N ALA A 433 46.19 -14.78 25.94
CA ALA A 433 47.15 -13.75 25.47
C ALA A 433 46.92 -13.45 23.98
N ASP A 434 45.76 -12.88 23.65
CA ASP A 434 45.50 -12.61 22.25
C ASP A 434 44.14 -13.10 21.75
N ALA A 435 43.20 -12.16 21.58
CA ALA A 435 41.98 -12.42 20.78
C ALA A 435 42.13 -11.77 19.39
N ALA A 436 41.83 -12.53 18.34
CA ALA A 436 42.00 -12.05 16.98
C ALA A 436 40.82 -12.53 16.13
N ALA A 437 40.44 -11.74 15.15
CA ALA A 437 39.33 -12.10 14.27
C ALA A 437 39.63 -13.43 13.53
N GLU A 438 38.63 -14.29 13.34
CA GLU A 438 38.83 -15.53 12.58
C GLU A 438 37.67 -15.66 11.54
N ALA A 439 37.97 -15.94 10.27
CA ALA A 439 36.94 -15.93 9.23
C ALA A 439 35.96 -17.13 9.26
N ILE A 440 34.69 -16.92 8.95
CA ILE A 440 33.77 -18.05 8.86
C ILE A 440 32.80 -17.66 7.80
N ASP A 441 32.52 -18.64 6.96
CA ASP A 441 31.88 -18.37 5.70
C ASP A 441 30.51 -19.00 5.66
N CYS A 442 29.62 -18.50 4.80
CA CYS A 442 28.38 -19.25 4.57
C CYS A 442 27.93 -18.99 3.14
N ALA A 443 26.98 -19.82 2.69
CA ALA A 443 26.60 -19.88 1.24
C ALA A 443 25.60 -18.83 0.72
N LEU A 444 24.75 -18.34 1.63
CA LEU A 444 23.77 -17.27 1.42
C LEU A 444 23.66 -16.52 2.76
N PRO A 445 23.43 -15.20 2.73
CA PRO A 445 23.08 -14.44 4.00
C PRO A 445 21.72 -14.95 4.51
N GLN A 446 21.52 -14.84 5.82
CA GLN A 446 20.27 -15.30 6.42
C GLN A 446 19.08 -14.61 5.71
N GLU A 447 19.18 -13.35 5.31
CA GLU A 447 17.98 -12.77 4.63
C GLU A 447 17.57 -13.54 3.40
N PHE A 448 18.53 -14.04 2.66
CA PHE A 448 18.22 -14.86 1.47
C PHE A 448 17.70 -16.25 1.92
N VAL A 449 18.17 -16.76 3.04
CA VAL A 449 17.62 -18.01 3.61
C VAL A 449 16.10 -17.91 3.88
N SER A 450 15.74 -16.79 4.49
CA SER A 450 14.40 -16.53 4.91
C SER A 450 13.56 -16.25 3.68
N TRP A 451 14.17 -15.52 2.75
CA TRP A 451 13.49 -15.16 1.51
C TRP A 451 13.04 -16.38 0.68
N PHE A 452 13.96 -17.31 0.47
CA PHE A 452 13.57 -18.49 -0.24
C PHE A 452 12.61 -19.34 0.58
N ALA A 453 12.84 -19.51 1.89
CA ALA A 453 11.90 -20.42 2.65
C ALA A 453 10.52 -19.81 2.54
N SER A 454 10.41 -18.46 2.54
CA SER A 454 9.11 -17.81 2.49
C SER A 454 8.42 -17.83 1.10
N ASN A 455 9.19 -17.61 0.04
CA ASN A 455 8.57 -17.57 -1.25
C ASN A 455 8.20 -18.91 -1.82
N ALA A 456 8.90 -19.98 -1.44
CA ALA A 456 8.56 -21.29 -2.04
C ALA A 456 8.36 -21.18 -3.56
N PHE A 457 9.30 -20.51 -4.26
CA PHE A 457 9.19 -20.38 -5.71
C PHE A 457 9.15 -21.77 -6.33
N THR A 458 8.55 -21.84 -7.52
CA THR A 458 8.67 -22.94 -8.48
C THR A 458 9.96 -22.87 -9.31
N VAL A 459 10.78 -23.92 -9.30
CA VAL A 459 12.05 -23.80 -9.99
C VAL A 459 11.90 -24.44 -11.37
N GLN A 460 12.48 -23.85 -12.44
CA GLN A 460 12.22 -24.38 -13.81
C GLN A 460 13.41 -24.91 -14.58
N SER A 461 14.57 -25.14 -13.95
CA SER A 461 15.73 -25.55 -14.72
C SER A 461 16.80 -25.73 -13.66
N GLU A 462 18.10 -25.84 -13.98
CA GLU A 462 19.03 -26.23 -12.91
C GLU A 462 19.75 -25.14 -12.12
N ALA A 463 19.74 -23.90 -12.59
CA ALA A 463 20.45 -22.82 -11.86
C ALA A 463 19.92 -21.54 -12.37
N LEU A 464 20.18 -20.49 -11.61
CA LEU A 464 19.83 -19.16 -12.09
C LEU A 464 21.10 -18.34 -12.43
N LEU A 465 21.11 -17.67 -13.58
CA LEU A 465 22.18 -16.72 -13.87
C LEU A 465 21.94 -15.40 -13.11
N LEU A 466 22.86 -14.99 -12.27
CA LEU A 466 22.72 -13.70 -11.60
C LEU A 466 23.87 -12.72 -12.05
N ARG A 467 23.63 -11.40 -11.96
CA ARG A 467 24.66 -10.35 -12.08
C ARG A 467 24.76 -9.72 -10.74
N TYR A 468 25.98 -9.47 -10.25
CA TYR A 468 26.16 -8.65 -9.07
C TYR A 468 26.44 -7.24 -9.61
N ARG A 469 25.67 -6.23 -9.21
CA ARG A 469 25.88 -4.90 -9.81
C ARG A 469 25.91 -3.81 -8.80
N ASN A 470 26.70 -2.78 -9.04
CA ASN A 470 26.51 -1.57 -8.23
C ASN A 470 25.34 -0.76 -8.79
N THR A 471 24.20 -0.72 -8.10
CA THR A 471 23.05 -0.02 -8.64
C THR A 471 23.30 1.53 -8.61
N LEU A 472 24.19 2.00 -7.75
CA LEU A 472 24.49 3.41 -7.61
C LEU A 472 25.25 3.91 -8.84
N THR A 473 26.47 3.40 -8.98
CA THR A 473 27.30 3.63 -10.17
C THR A 473 26.85 2.92 -11.41
N GLY A 474 26.07 1.87 -11.30
CA GLY A 474 25.66 1.12 -12.48
C GLY A 474 26.63 -0.02 -12.80
N GLN A 475 27.74 -0.10 -12.12
CA GLN A 475 28.76 -1.00 -12.61
C GLN A 475 28.41 -2.49 -12.39
N LEU A 476 28.42 -3.33 -13.46
CA LEU A 476 28.44 -4.81 -13.30
C LEU A 476 29.79 -5.36 -12.85
N LEU A 477 29.73 -6.06 -11.73
CA LEU A 477 30.95 -6.51 -11.12
C LEU A 477 31.23 -7.91 -11.68
N PHE A 478 30.20 -8.75 -11.75
CA PHE A 478 30.40 -10.11 -12.21
C PHE A 478 29.13 -10.80 -12.48
N GLU A 479 29.24 -11.93 -13.16
CA GLU A 479 28.12 -12.79 -13.22
C GLU A 479 28.36 -14.04 -12.44
N CYS A 480 27.28 -14.72 -12.05
CA CYS A 480 27.46 -15.96 -11.28
C CYS A 480 26.29 -16.92 -11.46
N LYS A 481 26.48 -18.18 -11.02
CA LYS A 481 25.39 -19.18 -11.05
C LYS A 481 24.83 -19.56 -9.67
N LEU A 482 23.53 -19.33 -9.50
CA LEU A 482 22.92 -19.73 -8.24
C LEU A 482 22.30 -21.09 -8.55
N TYR A 483 22.93 -22.14 -8.08
CA TYR A 483 22.37 -23.45 -8.31
C TYR A 483 21.07 -23.60 -7.52
N ASN A 484 20.11 -24.36 -8.04
CA ASN A 484 18.88 -24.57 -7.30
C ASN A 484 19.07 -25.15 -5.96
N GLU A 485 20.11 -25.94 -5.75
CA GLU A 485 20.34 -26.43 -4.41
C GLU A 485 20.95 -25.40 -3.45
N GLY A 486 20.89 -24.09 -3.78
CA GLY A 486 21.20 -23.00 -2.76
C GLY A 486 22.64 -22.53 -2.51
N TYR A 487 23.49 -22.63 -3.53
CA TYR A 487 24.86 -22.14 -3.41
C TYR A 487 25.24 -21.48 -4.74
N ILE A 488 26.12 -20.52 -4.62
CA ILE A 488 26.49 -19.71 -5.78
C ILE A 488 27.90 -20.02 -6.25
N ALA A 489 28.08 -20.09 -7.57
CA ALA A 489 29.41 -20.38 -8.15
C ALA A 489 29.84 -19.20 -9.01
N LEU A 490 31.17 -18.93 -9.02
CA LEU A 490 31.82 -18.00 -10.00
C LEU A 490 32.85 -18.80 -10.81
N SER A 491 33.17 -18.48 -12.07
CA SER A 491 34.40 -19.00 -12.72
C SER A 491 35.62 -18.12 -12.49
N TYR A 492 36.64 -18.66 -11.90
CA TYR A 492 37.80 -17.89 -11.50
C TYR A 492 38.97 -18.87 -11.52
N SER A 493 40.12 -18.53 -12.14
CA SER A 493 41.28 -19.45 -12.23
C SER A 493 42.36 -19.20 -11.19
N GLY A 494 42.29 -18.08 -10.48
CA GLY A 494 43.41 -17.60 -9.66
C GLY A 494 43.65 -18.57 -8.56
N SER A 495 44.56 -18.26 -7.61
CA SER A 495 44.85 -19.29 -6.65
C SER A 495 44.55 -19.21 -5.14
N GLY A 496 44.59 -18.12 -4.40
CA GLY A 496 44.38 -16.75 -4.73
C GLY A 496 42.99 -16.41 -4.21
N PRO A 497 42.83 -16.11 -2.89
CA PRO A 497 41.55 -15.49 -2.55
C PRO A 497 41.37 -14.18 -3.36
N LEU A 498 40.19 -14.05 -3.94
CA LEU A 498 39.70 -12.85 -4.59
C LEU A 498 38.46 -12.33 -3.88
N THR A 499 38.54 -11.09 -3.49
CA THR A 499 37.57 -10.38 -2.69
C THR A 499 36.72 -9.41 -3.53
N PHE A 500 35.41 -9.27 -3.28
CA PHE A 500 34.56 -8.27 -3.94
C PHE A 500 33.96 -7.19 -3.07
N PRO A 501 33.69 -6.00 -3.66
CA PRO A 501 32.99 -4.93 -2.94
C PRO A 501 31.65 -5.48 -2.34
N THR A 502 31.28 -5.07 -1.14
CA THR A 502 30.09 -5.57 -0.47
C THR A 502 28.84 -4.72 -0.62
N ASP A 503 28.84 -3.79 -1.58
CA ASP A 503 27.75 -2.84 -1.74
C ASP A 503 27.04 -2.78 -3.11
N GLY A 504 27.03 -3.72 -4.04
CA GLY A 504 26.88 -5.06 -3.90
C GLY A 504 25.36 -5.28 -3.90
N ILE A 505 24.64 -5.24 -5.04
CA ILE A 505 23.30 -5.96 -5.25
C ILE A 505 23.24 -7.15 -6.25
N PHE A 506 22.69 -8.37 -5.91
CA PHE A 506 22.35 -9.44 -6.93
C PHE A 506 21.04 -9.39 -7.72
N GLU A 507 21.12 -9.58 -9.04
CA GLU A 507 19.89 -9.64 -9.89
C GLU A 507 19.70 -10.95 -10.70
N VAL A 508 18.48 -11.53 -10.78
CA VAL A 508 18.25 -12.77 -11.63
C VAL A 508 18.11 -12.19 -13.01
N VAL A 509 18.58 -12.64 -14.20
CA VAL A 509 18.92 -13.83 -14.90
C VAL A 509 17.74 -14.25 -15.81
N SER A 510 17.25 -15.48 -16.11
CA SER A 510 17.76 -16.86 -16.42
C SER A 510 18.25 -17.73 -15.31
N TRP A 511 17.76 -18.97 -15.05
CA TRP A 511 17.57 -20.21 -15.90
C TRP A 511 18.15 -20.09 -17.27
N VAL A 512 19.19 -20.74 -17.77
CA VAL A 512 20.37 -21.54 -17.30
C VAL A 512 20.49 -23.02 -16.94
N PRO A 513 20.92 -23.79 -17.94
CA PRO A 513 21.21 -25.18 -17.70
C PRO A 513 22.44 -25.32 -16.80
N ARG A 514 22.63 -26.51 -16.28
CA ARG A 514 23.69 -26.65 -15.38
C ARG A 514 25.08 -26.54 -16.05
N LEU A 515 25.14 -26.71 -17.36
CA LEU A 515 26.44 -26.62 -18.00
C LEU A 515 26.62 -25.23 -18.57
N TYR A 516 25.85 -24.28 -18.08
CA TYR A 516 26.04 -22.93 -18.57
C TYR A 516 27.47 -22.43 -18.16
N GLN A 517 28.22 -21.93 -19.12
CA GLN A 517 29.57 -21.40 -18.89
C GLN A 517 29.51 -19.96 -18.47
N LEU A 518 30.01 -19.58 -17.29
CA LEU A 518 30.00 -18.20 -16.87
C LEU A 518 31.19 -17.42 -17.41
N ALA A 519 31.04 -16.14 -17.44
CA ALA A 519 32.17 -15.35 -17.85
C ALA A 519 33.06 -15.21 -16.70
N SER A 520 34.29 -15.51 -16.96
CA SER A 520 35.24 -15.29 -15.94
C SER A 520 35.58 -13.87 -15.93
N VAL A 521 35.12 -13.08 -16.79
CA VAL A 521 35.66 -11.78 -16.41
C VAL A 521 37.17 -11.86 -16.17
N GLY A 522 37.45 -11.33 -14.96
CA GLY A 522 38.64 -11.32 -14.14
C GLY A 522 40.01 -11.32 -14.77
N SER A 523 40.50 -12.31 -15.46
CA SER A 523 41.81 -11.78 -15.80
C SER A 523 41.55 -10.45 -16.55
N LEU A 524 41.87 -9.32 -15.90
CA LEU A 524 41.70 -7.98 -16.39
C LEU A 524 42.90 -7.59 -17.05
N ALA A 525 43.27 -8.54 -17.82
CA ALA A 525 44.45 -8.37 -18.61
C ALA A 525 44.16 -9.06 -19.93
N THR A 526 44.19 -8.32 -21.07
CA THR A 526 43.77 -8.97 -22.35
C THR A 526 44.94 -9.46 -23.22
N GLY A 527 46.10 -9.22 -22.56
CA GLY A 527 47.55 -9.47 -22.87
C GLY A 527 47.94 -9.96 -24.28
N ARG A 528 47.90 -9.05 -25.25
CA ARG A 528 48.11 -9.47 -26.64
C ARG A 528 47.65 -8.36 -27.59
N MET A 529 47.87 -8.60 -28.91
CA MET A 529 47.65 -7.52 -29.91
C MET A 529 46.98 -7.77 -31.19
N LEU A 530 47.31 -7.09 -32.22
CA LEU A 530 46.42 -7.41 -33.26
C LEU A 530 46.27 -6.28 -34.16
N LYS A 531 45.27 -5.50 -34.04
CA LYS A 531 45.75 -4.46 -34.89
C LYS A 531 44.85 -3.70 -35.87
N ASP B 20 -38.72 -32.26 -12.02
CA ASP B 20 -39.77 -31.52 -12.78
C ASP B 20 -39.19 -30.22 -13.31
N PRO B 21 -39.90 -29.55 -14.25
CA PRO B 21 -39.42 -28.28 -14.82
C PRO B 21 -39.51 -27.14 -13.82
N LEU B 22 -38.68 -26.11 -13.99
CA LEU B 22 -38.70 -24.97 -13.09
C LEU B 22 -39.98 -24.17 -13.20
N ALA B 23 -40.40 -23.60 -12.09
CA ALA B 23 -41.60 -22.77 -12.06
C ALA B 23 -41.23 -21.37 -12.55
N MET B 24 -40.90 -21.27 -13.83
CA MET B 24 -40.51 -20.01 -14.46
C MET B 24 -40.86 -19.99 -15.94
N ASP B 25 -41.12 -18.79 -16.44
CA ASP B 25 -41.42 -18.61 -17.85
C ASP B 25 -40.11 -18.29 -18.52
N PRO B 26 -39.96 -18.68 -19.79
CA PRO B 26 -38.71 -18.39 -20.50
C PRO B 26 -38.42 -16.90 -20.54
N VAL B 27 -37.17 -16.55 -20.28
CA VAL B 27 -36.75 -15.16 -20.28
C VAL B 27 -36.08 -14.85 -21.62
N ALA B 28 -36.41 -13.69 -22.18
CA ALA B 28 -35.87 -13.25 -23.45
C ALA B 28 -34.38 -12.98 -23.42
N GLY B 29 -33.74 -13.08 -24.58
CA GLY B 29 -32.31 -12.82 -24.67
C GLY B 29 -32.01 -11.46 -25.27
N SER B 30 -31.13 -11.42 -26.26
CA SER B 30 -30.72 -10.20 -26.95
C SER B 30 -31.82 -9.25 -27.41
N SER B 31 -32.98 -9.80 -27.75
CA SER B 31 -34.12 -9.03 -28.24
C SER B 31 -34.42 -7.75 -27.48
N THR B 32 -33.99 -7.66 -26.23
CA THR B 32 -34.23 -6.48 -25.43
C THR B 32 -33.27 -5.35 -25.72
N ALA B 33 -31.98 -5.68 -25.66
CA ALA B 33 -30.93 -4.70 -25.86
C ALA B 33 -30.55 -4.39 -27.29
N VAL B 34 -31.43 -4.63 -28.24
CA VAL B 34 -31.07 -4.38 -29.62
C VAL B 34 -31.02 -2.90 -29.98
N ALA B 35 -32.05 -2.17 -29.62
CA ALA B 35 -32.11 -0.76 -29.97
C ALA B 35 -31.40 0.15 -28.98
N THR B 36 -30.60 -0.41 -28.09
CA THR B 36 -29.93 0.40 -27.08
C THR B 36 -28.45 0.15 -26.92
N ALA B 37 -28.02 -1.07 -27.16
CA ALA B 37 -26.60 -1.40 -27.07
C ALA B 37 -26.02 -1.02 -28.41
N GLY B 38 -24.75 -0.69 -28.44
CA GLY B 38 -24.13 -0.32 -29.69
C GLY B 38 -23.96 -1.47 -30.65
N GLN B 39 -23.75 -2.65 -30.09
CA GLN B 39 -23.55 -3.85 -30.88
C GLN B 39 -24.18 -4.99 -30.11
N VAL B 40 -24.51 -6.06 -30.82
CA VAL B 40 -25.06 -7.26 -30.22
C VAL B 40 -24.11 -8.28 -30.81
N ASN B 41 -23.30 -8.88 -29.95
CA ASN B 41 -22.31 -9.82 -30.42
C ASN B 41 -22.57 -11.26 -30.04
N PRO B 42 -22.71 -12.13 -31.04
CA PRO B 42 -22.96 -13.56 -30.89
C PRO B 42 -21.74 -14.35 -30.47
N ILE B 43 -21.96 -15.54 -29.95
CA ILE B 43 -20.85 -16.37 -29.52
C ILE B 43 -20.74 -17.64 -30.35
N ASP B 44 -19.61 -18.30 -30.22
CA ASP B 44 -19.33 -19.55 -30.92
C ASP B 44 -20.30 -20.63 -30.45
N PRO B 45 -21.12 -21.18 -31.38
CA PRO B 45 -22.10 -22.23 -31.09
C PRO B 45 -21.52 -23.49 -30.47
N TRP B 46 -20.21 -23.62 -30.49
CA TRP B 46 -19.58 -24.79 -29.90
C TRP B 46 -19.52 -24.64 -28.39
N ILE B 47 -19.58 -23.40 -27.93
CA ILE B 47 -19.58 -23.12 -26.51
C ILE B 47 -21.01 -23.25 -26.04
N ILE B 48 -21.91 -22.87 -26.94
CA ILE B 48 -23.36 -22.88 -26.71
C ILE B 48 -23.95 -24.06 -26.00
N ASN B 49 -23.34 -25.23 -26.11
CA ASN B 49 -23.93 -26.36 -25.41
C ASN B 49 -22.95 -27.35 -24.84
N ASN B 50 -21.69 -26.95 -24.74
CA ASN B 50 -20.67 -27.82 -24.18
C ASN B 50 -20.62 -27.51 -22.70
N PHE B 51 -20.94 -28.51 -21.87
CA PHE B 51 -20.94 -28.35 -20.43
C PHE B 51 -19.56 -28.45 -19.86
N VAL B 52 -19.06 -27.33 -19.37
CA VAL B 52 -17.73 -27.25 -18.80
C VAL B 52 -17.80 -26.93 -17.32
N GLN B 53 -16.74 -27.27 -16.58
CA GLN B 53 -16.71 -26.99 -15.15
C GLN B 53 -16.55 -25.51 -14.92
N ALA B 54 -17.51 -24.94 -14.19
CA ALA B 54 -17.50 -23.53 -13.89
C ALA B 54 -16.29 -23.19 -13.04
N PRO B 55 -15.82 -21.93 -13.11
CA PRO B 55 -14.66 -21.56 -12.29
C PRO B 55 -14.98 -21.82 -10.82
N GLN B 56 -16.24 -21.64 -10.43
CA GLN B 56 -16.68 -21.94 -9.06
C GLN B 56 -17.27 -23.32 -9.17
N GLY B 57 -16.46 -24.25 -9.68
CA GLY B 57 -16.96 -25.60 -9.92
C GLY B 57 -16.84 -26.68 -8.88
N GLU B 58 -16.52 -26.34 -7.64
CA GLU B 58 -16.38 -27.38 -6.63
C GLU B 58 -16.98 -27.06 -5.28
N PHE B 59 -17.43 -28.10 -4.59
CA PHE B 59 -17.99 -27.96 -3.26
C PHE B 59 -17.93 -29.33 -2.60
N THR B 60 -18.22 -29.37 -1.31
CA THR B 60 -18.17 -30.62 -0.55
C THR B 60 -19.23 -30.66 0.51
N ILE B 61 -19.75 -31.85 0.75
CA ILE B 61 -20.75 -32.06 1.77
C ILE B 61 -20.13 -33.12 2.68
N SER B 62 -20.21 -32.89 3.98
CA SER B 62 -19.65 -33.82 4.95
C SER B 62 -20.57 -33.75 6.15
N PRO B 63 -20.47 -34.73 7.07
CA PRO B 63 -21.33 -34.73 8.26
C PRO B 63 -21.11 -33.51 9.14
N ASN B 64 -20.09 -32.73 8.81
CA ASN B 64 -19.78 -31.51 9.54
C ASN B 64 -20.76 -30.42 9.16
N ASN B 65 -21.40 -30.59 8.00
CA ASN B 65 -22.36 -29.64 7.51
C ASN B 65 -23.69 -29.88 8.22
N THR B 66 -24.48 -28.83 8.36
CA THR B 66 -25.77 -28.93 9.01
C THR B 66 -26.80 -28.48 7.98
N PRO B 67 -27.99 -29.11 7.99
CA PRO B 67 -29.02 -28.72 7.03
C PRO B 67 -29.22 -27.22 7.07
N GLY B 68 -29.10 -26.56 5.93
CA GLY B 68 -29.26 -25.14 5.89
C GLY B 68 -27.97 -24.50 5.42
N ASP B 69 -26.86 -25.22 5.59
CA ASP B 69 -25.56 -24.72 5.16
C ASP B 69 -25.59 -24.49 3.66
N VAL B 70 -25.03 -23.36 3.23
CA VAL B 70 -24.97 -23.03 1.81
C VAL B 70 -23.71 -23.63 1.22
N LEU B 71 -23.88 -24.66 0.41
CA LEU B 71 -22.78 -25.35 -0.22
C LEU B 71 -22.12 -24.48 -1.28
N PHE B 72 -22.92 -23.65 -1.93
CA PHE B 72 -22.42 -22.72 -2.94
C PHE B 72 -23.47 -21.70 -3.31
N ASP B 73 -23.02 -20.53 -3.72
CA ASP B 73 -23.91 -19.44 -4.09
C ASP B 73 -23.36 -18.87 -5.38
N LEU B 74 -24.09 -19.08 -6.47
CA LEU B 74 -23.66 -18.59 -7.78
C LEU B 74 -24.55 -17.45 -8.19
N SER B 75 -24.01 -16.55 -8.99
CA SER B 75 -24.76 -15.41 -9.50
C SER B 75 -24.51 -15.38 -10.99
N LEU B 76 -25.59 -15.29 -11.77
CA LEU B 76 -25.51 -15.29 -13.22
C LEU B 76 -24.52 -14.27 -13.78
N GLY B 77 -23.79 -14.70 -14.79
CA GLY B 77 -22.82 -13.84 -15.42
C GLY B 77 -21.85 -14.70 -16.21
N PRO B 78 -21.12 -14.14 -17.16
CA PRO B 78 -20.15 -14.88 -17.96
C PRO B 78 -19.03 -15.47 -17.13
N HIS B 79 -18.92 -15.00 -15.89
CA HIS B 79 -17.90 -15.48 -14.99
C HIS B 79 -18.21 -16.89 -14.49
N LEU B 80 -19.31 -17.46 -14.95
CA LEU B 80 -19.70 -18.80 -14.54
C LEU B 80 -19.21 -19.87 -15.49
N ASN B 81 -18.59 -19.43 -16.57
CA ASN B 81 -18.08 -20.34 -17.55
C ASN B 81 -16.73 -19.84 -18.00
N PRO B 82 -15.71 -20.71 -17.95
CA PRO B 82 -14.34 -20.37 -18.34
C PRO B 82 -14.21 -19.76 -19.72
N PHE B 83 -14.90 -20.32 -20.71
CA PHE B 83 -14.84 -19.80 -22.06
C PHE B 83 -15.44 -18.41 -22.07
N LEU B 84 -16.66 -18.29 -21.56
CA LEU B 84 -17.35 -17.01 -21.52
C LEU B 84 -16.47 -16.03 -20.78
N LEU B 85 -15.89 -16.46 -19.69
CA LEU B 85 -15.03 -15.61 -18.89
C LEU B 85 -13.90 -15.05 -19.75
N HIS B 86 -13.30 -15.91 -20.54
CA HIS B 86 -12.21 -15.45 -21.38
C HIS B 86 -12.69 -14.39 -22.35
N LEU B 87 -13.90 -14.56 -22.86
CA LEU B 87 -14.46 -13.59 -23.79
C LEU B 87 -14.86 -12.32 -23.08
N SER B 88 -15.20 -12.43 -21.81
CA SER B 88 -15.61 -11.30 -21.00
C SER B 88 -14.60 -10.18 -21.06
N GLN B 89 -13.34 -10.53 -21.18
CA GLN B 89 -12.26 -9.55 -21.23
C GLN B 89 -12.22 -8.81 -22.56
N MET B 90 -13.14 -9.14 -23.46
CA MET B 90 -13.17 -8.55 -24.78
C MET B 90 -14.42 -7.72 -25.06
N TYR B 91 -15.47 -7.94 -24.28
CA TYR B 91 -16.71 -7.20 -24.46
C TYR B 91 -17.04 -6.51 -23.16
N ASN B 92 -17.88 -5.48 -23.18
CA ASN B 92 -18.23 -4.79 -21.95
C ASN B 92 -19.66 -5.01 -21.43
N GLY B 93 -20.42 -5.85 -22.14
CA GLY B 93 -21.79 -6.12 -21.71
C GLY B 93 -22.22 -7.53 -22.06
N TRP B 94 -23.36 -7.97 -21.53
CA TRP B 94 -23.87 -9.31 -21.80
C TRP B 94 -25.33 -9.46 -21.44
N VAL B 95 -26.01 -10.43 -22.07
CA VAL B 95 -27.42 -10.71 -21.81
C VAL B 95 -27.63 -12.15 -22.21
N GLY B 96 -28.47 -12.87 -21.48
CA GLY B 96 -28.70 -14.24 -21.87
C GLY B 96 -28.90 -15.17 -20.71
N ASN B 97 -29.32 -16.38 -21.01
CA ASN B 97 -29.56 -17.37 -19.98
C ASN B 97 -28.49 -18.43 -20.05
N MET B 98 -28.20 -19.05 -18.91
CA MET B 98 -27.22 -20.10 -18.89
C MET B 98 -27.88 -21.39 -18.49
N ARG B 99 -27.05 -22.42 -18.28
CA ARG B 99 -27.57 -23.72 -17.94
C ARG B 99 -26.57 -24.35 -16.99
N VAL B 100 -27.04 -24.76 -15.82
CA VAL B 100 -26.19 -25.36 -14.81
C VAL B 100 -26.44 -26.85 -14.67
N ARG B 101 -25.38 -27.58 -14.36
CA ARG B 101 -25.45 -29.03 -14.19
C ARG B 101 -24.61 -29.37 -12.97
N ILE B 102 -25.20 -30.10 -12.03
CA ILE B 102 -24.51 -30.45 -10.80
C ILE B 102 -24.33 -31.95 -10.62
N MET B 103 -23.17 -32.34 -10.10
CA MET B 103 -22.85 -33.73 -9.88
C MET B 103 -22.42 -34.02 -8.47
N LEU B 104 -22.79 -35.20 -7.98
CA LEU B 104 -22.43 -35.60 -6.64
C LEU B 104 -21.80 -36.98 -6.66
N ALA B 105 -20.62 -37.09 -6.06
CA ALA B 105 -19.93 -38.37 -5.99
C ALA B 105 -20.18 -38.96 -4.61
N GLY B 106 -21.35 -39.56 -4.45
CA GLY B 106 -21.70 -40.14 -3.17
C GLY B 106 -21.49 -41.63 -3.11
N ASN B 107 -21.86 -42.21 -1.98
CA ASN B 107 -21.73 -43.66 -1.73
C ASN B 107 -23.10 -44.22 -1.53
N ALA B 108 -23.13 -45.47 -1.11
CA ALA B 108 -24.41 -46.10 -0.81
C ALA B 108 -24.63 -45.88 0.69
N PHE B 109 -23.59 -45.36 1.34
CA PHE B 109 -23.57 -45.07 2.77
C PHE B 109 -23.95 -43.64 3.05
N THR B 110 -24.05 -42.84 2.01
CA THR B 110 -24.35 -41.45 2.20
C THR B 110 -25.79 -41.15 1.92
N ALA B 111 -26.56 -40.87 2.97
CA ALA B 111 -27.97 -40.54 2.80
C ALA B 111 -28.12 -39.03 2.97
N GLY B 112 -28.94 -38.42 2.13
CA GLY B 112 -29.14 -36.99 2.21
C GLY B 112 -29.78 -36.42 0.98
N LYS B 113 -30.18 -35.17 1.08
CA LYS B 113 -30.85 -34.47 -0.03
C LYS B 113 -30.35 -33.04 -0.07
N ILE B 114 -30.24 -32.50 -1.27
CA ILE B 114 -29.81 -31.13 -1.43
C ILE B 114 -30.86 -30.36 -2.19
N ILE B 115 -30.87 -29.07 -1.95
CA ILE B 115 -31.83 -28.20 -2.57
C ILE B 115 -31.06 -27.16 -3.36
N VAL B 116 -31.49 -26.93 -4.60
CA VAL B 116 -30.86 -25.92 -5.42
C VAL B 116 -32.00 -24.99 -5.76
N SER B 117 -31.88 -23.74 -5.34
CA SER B 117 -32.93 -22.77 -5.56
C SER B 117 -32.46 -21.54 -6.28
N CYS B 118 -33.35 -21.01 -7.12
CA CYS B 118 -33.07 -19.81 -7.88
C CYS B 118 -33.62 -18.63 -7.14
N ILE B 119 -32.75 -17.70 -6.79
CA ILE B 119 -33.17 -16.51 -6.08
C ILE B 119 -33.09 -15.34 -7.02
N PRO B 120 -34.23 -14.70 -7.27
CA PRO B 120 -34.33 -13.55 -8.16
C PRO B 120 -33.62 -12.34 -7.59
N PRO B 121 -33.20 -11.43 -8.46
CA PRO B 121 -32.52 -10.22 -8.01
C PRO B 121 -33.53 -9.35 -7.27
N GLY B 122 -33.04 -8.55 -6.33
CA GLY B 122 -33.91 -7.67 -5.57
C GLY B 122 -34.37 -8.24 -4.25
N PHE B 123 -34.30 -9.56 -4.11
CA PHE B 123 -34.72 -10.23 -2.88
C PHE B 123 -33.79 -9.89 -1.70
N GLY B 124 -32.53 -9.63 -2.01
CA GLY B 124 -31.58 -9.30 -0.97
C GLY B 124 -31.02 -10.55 -0.33
N SER B 125 -30.46 -10.39 0.87
CA SER B 125 -29.88 -11.52 1.58
C SER B 125 -30.58 -11.70 2.91
N HIS B 126 -30.96 -12.93 3.20
CA HIS B 126 -31.64 -13.26 4.45
C HIS B 126 -31.23 -14.67 4.81
N ASN B 127 -31.51 -15.06 6.03
CA ASN B 127 -31.21 -16.41 6.49
C ASN B 127 -32.49 -17.17 6.24
N LEU B 128 -32.43 -18.13 5.35
CA LEU B 128 -33.59 -18.92 5.01
C LEU B 128 -33.57 -20.30 5.61
N THR B 129 -34.70 -20.74 6.15
CA THR B 129 -34.77 -22.07 6.71
C THR B 129 -34.93 -22.97 5.50
N ILE B 130 -34.53 -24.23 5.64
CA ILE B 130 -34.67 -25.18 4.54
C ILE B 130 -36.09 -25.15 3.94
N ALA B 131 -37.07 -24.90 4.79
CA ALA B 131 -38.45 -24.84 4.34
C ALA B 131 -38.66 -23.70 3.34
N GLN B 132 -38.12 -22.54 3.65
CA GLN B 132 -38.28 -21.37 2.79
C GLN B 132 -37.52 -21.54 1.50
N ALA B 133 -36.39 -22.24 1.57
CA ALA B 133 -35.59 -22.47 0.37
C ALA B 133 -36.42 -23.18 -0.68
N THR B 134 -37.44 -23.91 -0.24
CA THR B 134 -38.32 -24.65 -1.13
C THR B 134 -39.29 -23.75 -1.89
N LEU B 135 -39.61 -22.62 -1.30
CA LEU B 135 -40.54 -21.67 -1.90
C LEU B 135 -40.07 -20.99 -3.18
N PHE B 136 -38.82 -21.22 -3.58
CA PHE B 136 -38.31 -20.65 -4.81
C PHE B 136 -38.29 -21.76 -5.84
N PRO B 137 -38.22 -21.43 -7.12
CA PRO B 137 -38.17 -22.52 -8.10
C PRO B 137 -36.92 -23.27 -7.69
N HIS B 138 -37.04 -24.57 -7.51
CA HIS B 138 -35.93 -25.37 -7.02
C HIS B 138 -35.87 -26.74 -7.63
N VAL B 139 -34.83 -27.46 -7.25
CA VAL B 139 -34.61 -28.83 -7.69
C VAL B 139 -33.99 -29.52 -6.49
N ILE B 140 -34.45 -30.73 -6.20
CA ILE B 140 -33.93 -31.49 -5.07
C ILE B 140 -33.32 -32.79 -5.58
N ALA B 141 -32.20 -33.20 -4.97
CA ALA B 141 -31.54 -34.42 -5.38
C ALA B 141 -30.96 -35.20 -4.23
N ASP B 142 -31.03 -36.53 -4.34
CA ASP B 142 -30.50 -37.39 -3.31
C ASP B 142 -29.02 -37.47 -3.59
N VAL B 143 -28.21 -37.35 -2.55
CA VAL B 143 -26.76 -37.38 -2.70
C VAL B 143 -26.18 -38.64 -3.34
N ARG B 144 -26.99 -39.67 -3.46
CA ARG B 144 -26.52 -40.92 -4.03
C ARG B 144 -26.46 -40.95 -5.56
N THR B 145 -27.31 -40.17 -6.23
CA THR B 145 -27.37 -40.15 -7.69
C THR B 145 -26.06 -40.19 -8.45
N LEU B 146 -26.05 -41.03 -9.47
CA LEU B 146 -24.88 -41.19 -10.32
C LEU B 146 -24.97 -40.15 -11.42
N ASP B 147 -26.21 -39.78 -11.75
CA ASP B 147 -26.48 -38.82 -12.79
C ASP B 147 -26.46 -37.39 -12.29
N PRO B 148 -26.22 -36.45 -13.22
CA PRO B 148 -26.17 -35.03 -12.93
C PRO B 148 -27.56 -34.42 -12.84
N ILE B 149 -27.62 -33.21 -12.29
CA ILE B 149 -28.86 -32.49 -12.13
C ILE B 149 -28.75 -31.25 -12.99
N GLU B 150 -29.83 -30.91 -13.70
CA GLU B 150 -29.78 -29.75 -14.56
C GLU B 150 -30.78 -28.70 -14.14
N VAL B 151 -30.33 -27.45 -14.10
CA VAL B 151 -31.15 -26.32 -13.70
C VAL B 151 -30.84 -25.12 -14.59
N PRO B 152 -31.88 -24.55 -15.23
CA PRO B 152 -31.62 -23.39 -16.08
C PRO B 152 -31.53 -22.12 -15.25
N LEU B 153 -30.50 -21.33 -15.54
CA LEU B 153 -30.32 -20.08 -14.82
C LEU B 153 -30.78 -18.95 -15.73
N GLU B 154 -32.03 -18.56 -15.57
CA GLU B 154 -32.66 -17.51 -16.36
C GLU B 154 -32.14 -16.13 -16.04
N ASP B 155 -32.08 -15.27 -17.06
CA ASP B 155 -31.61 -13.92 -16.85
C ASP B 155 -32.73 -12.97 -16.51
N VAL B 156 -33.26 -13.08 -15.30
CA VAL B 156 -34.35 -12.19 -14.89
C VAL B 156 -33.78 -10.79 -14.87
N ARG B 157 -34.39 -9.92 -15.66
CA ARG B 157 -33.93 -8.55 -15.77
C ARG B 157 -34.95 -7.49 -15.47
N ASN B 158 -34.43 -6.43 -14.88
CA ASN B 158 -35.19 -5.26 -14.52
C ASN B 158 -34.78 -4.20 -15.54
N VAL B 159 -33.59 -4.40 -16.10
CA VAL B 159 -33.00 -3.51 -17.09
C VAL B 159 -32.85 -4.24 -18.43
N LEU B 160 -32.60 -3.46 -19.48
CA LEU B 160 -32.46 -3.99 -20.82
C LEU B 160 -31.37 -5.01 -20.98
N PHE B 161 -30.24 -4.79 -20.32
CA PHE B 161 -29.13 -5.70 -20.40
C PHE B 161 -28.16 -5.48 -19.26
N HIS B 162 -27.05 -6.22 -19.27
CA HIS B 162 -26.06 -6.08 -18.21
C HIS B 162 -24.71 -5.59 -18.69
N ASN B 163 -24.04 -4.86 -17.82
CA ASN B 163 -22.72 -4.34 -18.11
C ASN B 163 -21.74 -5.14 -17.27
N ASN B 164 -20.47 -5.08 -17.63
CA ASN B 164 -19.45 -5.79 -16.86
C ASN B 164 -19.32 -5.05 -15.55
N ASP B 165 -20.00 -5.59 -14.55
CA ASP B 165 -20.00 -5.00 -13.23
C ASP B 165 -20.54 -6.09 -12.31
N ARG B 166 -19.72 -6.52 -11.36
CA ARG B 166 -20.15 -7.56 -10.45
C ARG B 166 -20.90 -6.99 -9.24
N ASN B 167 -21.32 -5.74 -9.39
CA ASN B 167 -22.08 -5.03 -8.37
C ASN B 167 -23.56 -5.10 -8.80
N GLN B 168 -23.78 -5.59 -10.02
CA GLN B 168 -25.11 -5.74 -10.58
C GLN B 168 -25.81 -6.87 -9.83
N GLN B 169 -27.12 -6.79 -9.72
CA GLN B 169 -27.86 -7.85 -9.06
C GLN B 169 -28.48 -8.73 -10.14
N THR B 170 -27.96 -9.94 -10.24
CA THR B 170 -28.44 -10.88 -11.22
C THR B 170 -29.02 -12.07 -10.49
N MET B 171 -29.69 -12.95 -11.21
CA MET B 171 -30.28 -14.11 -10.57
C MET B 171 -29.21 -15.04 -10.03
N ARG B 172 -29.48 -15.64 -8.87
CA ARG B 172 -28.52 -16.53 -8.24
C ARG B 172 -29.03 -17.95 -8.02
N LEU B 173 -28.08 -18.86 -7.81
CA LEU B 173 -28.38 -20.26 -7.57
C LEU B 173 -27.75 -20.61 -6.26
N VAL B 174 -28.58 -20.94 -5.28
CA VAL B 174 -28.06 -21.29 -3.98
C VAL B 174 -28.29 -22.77 -3.70
N CYS B 175 -27.21 -23.47 -3.35
CA CYS B 175 -27.31 -24.86 -3.04
C CYS B 175 -27.19 -25.03 -1.56
N MET B 176 -28.16 -25.72 -0.97
CA MET B 176 -28.18 -25.95 0.46
C MET B 176 -28.36 -27.41 0.78
N LEU B 177 -27.94 -27.77 1.98
CA LEU B 177 -28.09 -29.13 2.44
C LEU B 177 -29.53 -29.18 2.93
N TYR B 178 -30.37 -29.96 2.27
CA TYR B 178 -31.78 -30.05 2.62
C TYR B 178 -32.04 -30.90 3.87
N THR B 179 -31.31 -31.99 4.01
CA THR B 179 -31.46 -32.86 5.16
C THR B 179 -30.08 -33.17 5.66
N PRO B 180 -29.95 -33.57 6.93
CA PRO B 180 -28.62 -33.88 7.43
C PRO B 180 -27.98 -35.07 6.74
N LEU B 181 -26.69 -34.93 6.45
CA LEU B 181 -25.90 -35.97 5.86
C LEU B 181 -25.66 -36.99 6.95
N ARG B 182 -26.07 -38.21 6.66
CA ARG B 182 -25.95 -39.28 7.62
C ARG B 182 -25.24 -40.48 7.05
N THR B 183 -23.95 -40.60 7.34
CA THR B 183 -23.17 -41.74 6.87
C THR B 183 -23.40 -42.87 7.85
N GLY B 184 -23.55 -44.04 7.29
CA GLY B 184 -23.76 -45.21 8.10
C GLY B 184 -22.53 -46.08 7.99
N GLY B 185 -22.66 -47.32 8.46
CA GLY B 185 -21.56 -48.26 8.41
C GLY B 185 -20.41 -47.97 9.35
N GLY B 186 -19.19 -48.15 8.84
CA GLY B 186 -18.00 -47.90 9.63
C GLY B 186 -17.58 -46.45 9.54
N THR B 187 -18.56 -45.56 9.77
CA THR B 187 -18.42 -44.10 9.74
C THR B 187 -17.00 -43.50 9.83
N GLY B 188 -16.45 -43.19 8.66
CA GLY B 188 -15.15 -42.57 8.58
C GLY B 188 -15.43 -41.11 8.31
N ASP B 189 -15.35 -40.29 9.35
CA ASP B 189 -15.64 -38.87 9.22
C ASP B 189 -14.74 -38.12 8.24
N SER B 190 -13.75 -38.84 7.68
CA SER B 190 -12.87 -38.24 6.68
C SER B 190 -13.55 -38.32 5.29
N PHE B 191 -14.74 -38.92 5.25
CA PHE B 191 -15.51 -39.07 4.03
C PHE B 191 -16.38 -37.84 3.76
N VAL B 192 -16.20 -37.34 2.55
CA VAL B 192 -16.92 -36.16 2.06
C VAL B 192 -17.44 -36.50 0.67
N VAL B 193 -18.59 -35.89 0.36
CA VAL B 193 -19.18 -36.11 -0.93
C VAL B 193 -18.59 -34.97 -1.76
N ALA B 194 -18.03 -35.31 -2.91
CA ALA B 194 -17.44 -34.30 -3.78
C ALA B 194 -18.54 -33.81 -4.71
N GLY B 195 -18.61 -32.50 -4.86
CA GLY B 195 -19.59 -31.91 -5.73
C GLY B 195 -18.92 -31.10 -6.80
N ARG B 196 -19.56 -31.06 -7.95
CA ARG B 196 -19.05 -30.31 -9.08
C ARG B 196 -20.15 -29.59 -9.80
N VAL B 197 -19.85 -28.37 -10.22
CA VAL B 197 -20.81 -27.55 -10.93
C VAL B 197 -20.28 -27.25 -12.32
N MET B 198 -21.15 -27.40 -13.31
CA MET B 198 -20.77 -27.18 -14.69
C MET B 198 -21.83 -26.35 -15.38
N THR B 199 -21.40 -25.56 -16.35
CA THR B 199 -22.32 -24.71 -17.07
C THR B 199 -21.99 -24.55 -18.53
N CYS B 200 -22.97 -24.00 -19.25
CA CYS B 200 -22.85 -23.70 -20.66
C CYS B 200 -23.96 -22.71 -20.92
N PRO B 201 -23.75 -21.77 -21.84
CA PRO B 201 -24.77 -20.76 -22.16
C PRO B 201 -25.91 -21.23 -23.04
N SER B 202 -27.11 -20.80 -22.69
CA SER B 202 -28.29 -21.12 -23.47
C SER B 202 -28.12 -20.28 -24.74
N PRO B 203 -28.62 -20.76 -25.89
CA PRO B 203 -28.48 -20.02 -27.15
C PRO B 203 -28.97 -18.57 -27.17
N ASP B 204 -29.60 -18.14 -26.08
CA ASP B 204 -30.10 -16.77 -25.97
C ASP B 204 -28.98 -15.83 -25.62
N PHE B 205 -27.91 -16.40 -25.08
CA PHE B 205 -26.75 -15.65 -24.65
C PHE B 205 -26.04 -14.89 -25.75
N ASN B 206 -25.71 -13.64 -25.43
CA ASN B 206 -25.01 -12.75 -26.34
C ASN B 206 -24.17 -11.76 -25.56
N PHE B 207 -22.98 -11.48 -26.06
CA PHE B 207 -22.10 -10.50 -25.42
C PHE B 207 -22.49 -9.21 -26.10
N LEU B 208 -22.10 -8.08 -25.54
CA LEU B 208 -22.51 -6.85 -26.16
C LEU B 208 -21.51 -6.00 -26.90
N PHE B 209 -20.91 -5.02 -26.23
CA PHE B 209 -19.99 -4.13 -26.91
C PHE B 209 -18.56 -4.64 -26.94
N LEU B 210 -17.93 -4.58 -28.11
CA LEU B 210 -16.56 -5.04 -28.27
C LEU B 210 -15.56 -4.02 -27.73
N VAL B 211 -14.95 -4.33 -26.59
CA VAL B 211 -13.99 -3.44 -25.96
C VAL B 211 -12.61 -4.10 -25.88
N PRO B 212 -11.59 -3.36 -26.32
CA PRO B 212 -10.21 -3.87 -26.30
C PRO B 212 -9.80 -4.33 -24.91
N ALA B 213 -10.59 -3.96 -23.90
CA ALA B 213 -10.30 -4.34 -22.53
C ALA B 213 -9.81 -5.78 -22.45
N ALA B 214 -8.53 -5.99 -22.69
CA ALA B 214 -7.94 -7.33 -22.65
C ALA B 214 -6.73 -7.36 -21.71
N ALA B 215 -6.99 -7.31 -20.42
CA ALA B 215 -5.93 -7.34 -19.41
C ALA B 215 -6.06 -6.16 -18.44
N ALA B 216 -6.13 -6.48 -17.16
CA ALA B 216 -6.26 -5.45 -16.12
C ALA B 216 -6.39 -6.07 -14.74
N ALA B 217 -5.29 -6.12 -13.99
CA ALA B 217 -5.30 -6.68 -12.65
C ALA B 217 -4.63 -5.74 -11.65
N ALA B 218 -4.41 -6.23 -10.43
CA ALA B 218 -3.79 -5.44 -9.39
C ALA B 218 -2.90 -6.31 -8.49
N ARG B 219 -2.84 -5.96 -7.21
CA ARG B 219 -2.03 -6.70 -6.26
C ARG B 219 -2.52 -6.46 -4.83
N MET B 220 -1.72 -6.91 -3.86
CA MET B 220 -2.07 -6.75 -2.45
C MET B 220 -0.87 -7.04 -1.56
N VAL B 221 -1.09 -6.97 -0.24
CA VAL B 221 -0.02 -7.23 0.73
C VAL B 221 -0.23 -8.57 1.45
N ASP B 222 0.82 -9.31 1.64
CA ASP B 222 0.65 -10.50 2.43
C ASP B 222 1.72 -10.49 3.51
N LEU B 223 1.59 -11.36 4.49
CA LEU B 223 2.60 -11.53 5.51
C LEU B 223 3.16 -12.95 5.41
N PRO B 224 4.44 -13.20 5.75
CA PRO B 224 5.09 -14.50 5.77
C PRO B 224 4.60 -15.39 6.91
N VAL B 225 4.46 -16.71 6.69
CA VAL B 225 3.84 -17.54 7.68
C VAL B 225 4.92 -18.03 8.66
N ILE B 226 5.53 -17.09 9.39
CA ILE B 226 6.61 -17.43 10.32
C ILE B 226 6.04 -17.27 11.75
N GLN B 227 6.14 -18.23 12.65
CA GLN B 227 5.60 -17.96 14.01
C GLN B 227 6.52 -17.01 14.75
N PRO B 228 5.97 -16.19 15.70
CA PRO B 228 6.73 -15.28 16.48
C PRO B 228 7.94 -15.96 17.13
N ARG B 229 7.81 -17.21 17.58
CA ARG B 229 8.93 -17.76 18.46
C ARG B 229 10.00 -18.28 17.55
N LEU B 230 9.72 -18.28 16.26
CA LEU B 230 10.83 -18.62 15.27
C LEU B 230 11.54 -17.34 14.78
N CYS B 231 11.08 -16.16 15.21
CA CYS B 231 11.58 -14.83 14.72
C CYS B 231 12.75 -14.21 15.43
N THR B 232 13.33 -13.21 14.75
CA THR B 232 14.46 -12.46 15.28
C THR B 232 13.96 -11.15 15.86
N HIS B 233 14.38 -10.78 17.07
CA HIS B 233 13.92 -9.53 17.68
C HIS B 233 14.58 -8.29 16.99
N ALA B 234 13.81 -7.20 16.84
CA ALA B 234 14.33 -5.98 16.14
C ALA B 234 14.97 -4.89 16.98
N ARG B 235 15.08 -5.03 18.29
CA ARG B 235 15.70 -3.97 19.10
C ARG B 235 16.77 -4.49 20.02
N TRP B 236 16.78 -5.80 20.28
CA TRP B 236 17.91 -6.41 21.02
C TRP B 236 18.24 -7.68 20.23
N PRO B 237 19.58 -7.97 20.02
CA PRO B 237 19.78 -9.15 19.11
C PRO B 237 19.57 -10.49 19.82
N ALA B 238 18.34 -10.94 19.86
CA ALA B 238 18.05 -12.24 20.46
C ALA B 238 16.82 -12.73 19.72
N PRO B 239 16.51 -14.03 19.85
CA PRO B 239 15.19 -14.52 19.43
C PRO B 239 14.07 -13.75 20.16
N VAL B 240 12.92 -13.68 19.51
CA VAL B 240 11.65 -13.29 20.11
C VAL B 240 11.17 -14.49 20.99
N TYR B 241 10.73 -14.20 22.22
CA TYR B 241 10.37 -15.18 23.16
C TYR B 241 8.88 -14.93 23.52
N GLY B 242 8.43 -13.67 23.47
CA GLY B 242 7.08 -13.33 24.06
C GLY B 242 6.22 -12.59 23.03
N LEU B 243 4.88 -12.67 23.18
CA LEU B 243 3.94 -11.96 22.28
C LEU B 243 2.91 -11.51 23.29
N LEU B 244 2.75 -10.19 23.51
CA LEU B 244 1.76 -9.70 24.51
C LEU B 244 1.21 -8.24 24.23
N VAL B 245 0.25 -7.80 25.05
CA VAL B 245 -0.17 -6.41 25.14
C VAL B 245 -0.15 -6.12 26.61
N ASP B 246 0.00 -4.84 26.96
CA ASP B 246 0.22 -4.43 28.36
C ASP B 246 -0.10 -2.94 28.53
N PRO B 247 -1.37 -2.64 28.82
CA PRO B 247 -1.90 -1.26 28.94
C PRO B 247 -1.18 -0.44 29.99
N SER B 248 -0.46 -1.05 30.91
CA SER B 248 0.23 -0.22 31.83
C SER B 248 1.63 0.22 31.38
N LEU B 249 2.06 -0.16 30.17
CA LEU B 249 3.38 0.28 29.66
C LEU B 249 3.17 1.58 28.91
N PRO B 250 4.26 2.25 28.56
CA PRO B 250 4.11 3.45 27.79
C PRO B 250 3.38 3.20 26.49
N SER B 251 2.27 3.90 26.22
CA SER B 251 1.41 3.50 25.08
C SER B 251 1.91 3.92 23.72
N ASN B 252 2.74 4.96 23.70
CA ASN B 252 3.22 5.52 22.46
C ASN B 252 4.76 5.61 22.40
N PRO B 253 5.44 4.45 22.46
CA PRO B 253 6.92 4.45 22.53
C PRO B 253 7.56 5.04 21.26
N GLN B 254 8.74 5.62 21.45
CA GLN B 254 9.46 6.34 20.39
C GLN B 254 10.69 5.57 19.85
N TRP B 255 10.44 4.27 19.61
CA TRP B 255 11.43 3.29 19.20
C TRP B 255 12.05 3.70 17.86
N GLN B 256 13.40 3.67 17.79
CA GLN B 256 14.10 4.03 16.51
C GLN B 256 14.50 2.83 15.59
N ASN B 257 14.51 1.64 16.17
CA ASN B 257 14.83 0.39 15.50
C ASN B 257 13.54 -0.41 15.39
N GLY B 258 13.47 -1.30 14.39
CA GLY B 258 12.28 -2.07 14.18
C GLY B 258 11.13 -1.21 13.70
N ARG B 259 11.43 -0.17 12.92
CA ARG B 259 10.38 0.72 12.40
C ARG B 259 10.32 0.61 10.90
N VAL B 260 9.17 0.20 10.38
CA VAL B 260 9.02 0.28 8.95
C VAL B 260 7.53 0.44 8.67
N HIS B 261 7.18 0.93 7.51
CA HIS B 261 5.77 1.10 7.14
C HIS B 261 5.45 -0.03 6.23
N VAL B 262 4.14 -0.24 6.02
CA VAL B 262 3.74 -1.41 5.29
C VAL B 262 4.19 -1.25 3.89
N ASP B 263 4.32 -0.01 3.48
CA ASP B 263 4.75 0.24 2.14
C ASP B 263 6.28 0.02 1.94
N GLY B 264 7.01 -0.30 3.00
CA GLY B 264 8.44 -0.54 2.76
C GLY B 264 9.33 0.57 3.22
N THR B 265 8.74 1.70 3.61
CA THR B 265 9.52 2.84 4.11
C THR B 265 10.13 2.56 5.48
N LEU B 266 11.44 2.43 5.49
CA LEU B 266 12.14 2.23 6.75
C LEU B 266 12.24 3.52 7.53
N LEU B 267 12.08 3.50 8.84
CA LEU B 267 12.22 4.71 9.59
C LEU B 267 13.33 4.65 10.59
N GLY B 268 13.73 5.80 11.10
CA GLY B 268 14.63 5.79 12.24
C GLY B 268 15.97 5.19 11.88
N THR B 269 16.55 4.46 12.84
CA THR B 269 17.90 3.93 12.60
C THR B 269 17.75 2.47 12.13
N THR B 270 16.49 2.06 11.75
CA THR B 270 16.10 0.62 11.51
C THR B 270 17.06 -0.04 10.48
N PRO B 271 17.83 -1.12 10.86
CA PRO B 271 18.75 -1.75 9.92
C PRO B 271 18.05 -2.86 9.19
N ILE B 272 18.64 -3.37 8.12
CA ILE B 272 18.01 -4.53 7.45
C ILE B 272 18.32 -5.84 8.14
N SER B 273 19.56 -5.96 8.65
CA SER B 273 20.03 -7.23 9.24
C SER B 273 19.77 -7.28 10.75
N GLY B 274 19.29 -8.40 11.28
CA GLY B 274 19.11 -8.37 12.69
C GLY B 274 20.44 -8.47 13.40
N SER B 275 21.53 -8.83 12.71
CA SER B 275 22.89 -8.80 13.38
C SER B 275 23.38 -7.36 13.67
N TRP B 276 22.65 -6.38 13.10
CA TRP B 276 23.08 -4.99 13.29
C TRP B 276 22.45 -4.35 14.51
N VAL B 277 21.51 -5.06 15.15
CA VAL B 277 20.59 -4.46 16.02
C VAL B 277 21.35 -4.28 17.35
N SER B 278 21.38 -3.02 17.83
CA SER B 278 21.98 -2.67 19.10
C SER B 278 23.48 -2.78 19.13
N CYS B 279 24.08 -2.74 17.93
CA CYS B 279 25.51 -2.94 17.74
C CYS B 279 25.99 -1.62 17.09
N PHE B 280 27.29 -1.38 17.11
CA PHE B 280 27.91 -0.28 16.32
C PHE B 280 29.29 -0.62 15.79
N ALA B 281 29.82 0.20 14.88
CA ALA B 281 31.24 0.07 14.47
C ALA B 281 31.85 1.43 14.57
N ALA B 282 33.15 1.48 14.81
CA ALA B 282 33.85 2.76 14.95
C ALA B 282 35.35 2.64 14.58
N GLU B 283 36.05 3.77 14.48
CA GLU B 283 37.49 3.81 14.71
C GLU B 283 37.66 4.11 16.20
N ALA B 284 38.48 3.36 16.87
CA ALA B 284 38.57 3.60 18.33
C ALA B 284 39.93 4.19 18.70
N ALA B 285 39.97 5.14 19.63
CA ALA B 285 41.24 5.65 20.17
C ALA B 285 41.10 6.07 21.63
N TYR B 286 42.25 6.30 22.26
CA TYR B 286 42.33 6.78 23.68
C TYR B 286 42.90 8.21 23.89
N GLU B 287 42.07 9.25 23.65
CA GLU B 287 42.46 10.67 23.95
C GLU B 287 42.72 10.91 25.45
N PHE B 288 43.14 12.12 25.81
CA PHE B 288 43.53 12.34 27.21
C PHE B 288 43.05 13.68 27.80
N GLN B 289 41.71 13.84 27.88
CA GLN B 289 41.08 15.04 28.50
C GLN B 289 41.33 15.09 30.00
N SER B 290 40.91 14.02 30.68
CA SER B 290 41.33 13.71 32.06
C SER B 290 42.83 13.44 32.01
N GLY B 291 43.24 12.69 30.99
CA GLY B 291 44.63 12.26 30.80
C GLY B 291 44.95 10.85 31.36
N THR B 292 43.95 10.10 31.84
CA THR B 292 44.18 8.73 32.40
C THR B 292 43.69 7.55 31.50
N GLY B 293 44.02 7.61 30.20
CA GLY B 293 43.46 6.76 29.09
C GLY B 293 42.58 5.52 29.33
N GLU B 294 41.59 5.59 30.23
CA GLU B 294 40.54 4.54 30.43
C GLU B 294 39.31 4.69 29.47
N VAL B 295 39.23 5.84 28.81
CA VAL B 295 38.10 6.17 28.00
C VAL B 295 38.46 5.98 26.53
N ALA B 296 37.76 5.06 25.88
CA ALA B 296 37.81 4.91 24.44
C ALA B 296 36.94 6.00 23.76
N THR B 297 37.48 6.67 22.74
CA THR B 297 36.70 7.58 21.96
C THR B 297 36.36 6.85 20.65
N PHE B 298 35.07 6.65 20.38
CA PHE B 298 34.68 5.89 19.18
C PHE B 298 34.18 6.85 18.12
N THR B 299 34.86 6.95 16.98
CA THR B 299 34.32 7.74 15.87
C THR B 299 33.54 6.79 14.98
N LEU B 300 32.22 6.98 14.97
CA LEU B 300 31.33 5.91 14.54
C LEU B 300 31.48 5.79 13.03
N ILE B 301 31.45 4.56 12.51
CA ILE B 301 31.22 4.33 11.07
C ILE B 301 29.96 3.45 10.89
N GLU B 302 29.46 3.23 9.68
CA GLU B 302 28.28 2.35 9.57
C GLU B 302 28.83 0.90 9.72
N GLN B 303 27.96 -0.05 10.09
CA GLN B 303 28.47 -1.37 10.49
C GLN B 303 28.93 -2.11 9.21
N ASP B 304 28.54 -1.69 8.02
CA ASP B 304 29.10 -2.35 6.79
C ASP B 304 30.43 -1.69 6.42
N GLY B 305 31.03 -0.98 7.35
CA GLY B 305 32.39 -0.41 7.23
C GLY B 305 32.36 0.92 6.49
N SER B 306 31.23 1.32 5.92
CA SER B 306 31.19 2.62 5.26
C SER B 306 31.14 3.80 6.21
N ALA B 307 31.44 5.01 5.72
CA ALA B 307 31.62 6.14 6.58
C ALA B 307 30.25 6.55 7.12
N TYR B 308 30.17 6.94 8.39
CA TYR B 308 28.90 7.46 8.91
C TYR B 308 28.91 9.01 8.71
N VAL B 309 27.83 9.55 8.14
CA VAL B 309 27.63 11.03 8.04
C VAL B 309 26.34 11.45 8.76
N PRO B 310 26.41 12.42 9.72
CA PRO B 310 25.14 12.86 10.29
C PRO B 310 24.07 13.20 9.20
N GLY B 311 22.89 12.61 9.29
CA GLY B 311 21.90 12.70 8.17
C GLY B 311 20.46 12.87 8.70
N ASP B 312 19.54 12.18 8.02
CA ASP B 312 18.15 12.16 8.35
C ASP B 312 17.63 11.00 9.19
N ARG B 313 18.40 10.62 10.22
CA ARG B 313 18.06 9.62 11.26
C ARG B 313 19.07 9.93 12.38
N ALA B 314 18.86 9.31 13.53
CA ALA B 314 19.46 9.76 14.80
C ALA B 314 20.86 9.30 15.02
N ALA B 315 21.26 8.30 14.25
CA ALA B 315 22.56 7.66 14.60
C ALA B 315 22.94 6.67 13.48
N PRO B 316 24.10 6.03 13.56
CA PRO B 316 24.32 4.93 12.55
C PRO B 316 23.18 3.83 12.63
N LEU B 317 22.90 3.12 11.54
CA LEU B 317 21.90 2.03 11.56
C LEU B 317 22.09 1.05 12.67
N GLY B 318 20.98 0.73 13.37
CA GLY B 318 20.92 -0.27 14.47
C GLY B 318 21.47 0.19 15.82
N TYR B 319 21.98 1.43 15.86
CA TYR B 319 22.61 1.98 17.11
C TYR B 319 21.50 1.93 18.23
N PRO B 320 21.82 1.62 19.50
CA PRO B 320 20.76 1.39 20.50
C PRO B 320 19.83 2.55 20.62
N ASP B 321 18.54 2.25 20.77
CA ASP B 321 17.55 3.32 20.85
C ASP B 321 16.93 3.31 22.22
N PHE B 322 17.69 2.97 23.27
CA PHE B 322 17.13 3.00 24.62
C PHE B 322 18.22 3.55 25.56
N SER B 323 17.92 3.71 26.84
CA SER B 323 18.96 4.15 27.80
C SER B 323 19.39 3.16 28.82
N GLY B 324 20.34 3.61 29.64
CA GLY B 324 20.88 2.85 30.74
C GLY B 324 22.37 2.75 30.53
N GLN B 325 22.98 1.80 31.19
CA GLN B 325 24.38 1.64 31.00
C GLN B 325 24.67 0.33 30.27
N LEU B 326 25.12 0.43 29.00
CA LEU B 326 25.35 -0.80 28.16
C LEU B 326 26.78 -1.32 28.29
N GLU B 327 26.92 -2.62 28.56
CA GLU B 327 28.23 -3.29 28.51
C GLU B 327 28.46 -3.77 27.08
N ILE B 328 29.54 -3.34 26.44
CA ILE B 328 29.72 -3.66 25.05
C ILE B 328 30.98 -4.49 24.94
N GLU B 329 30.99 -5.44 24.02
CA GLU B 329 32.27 -6.06 23.77
C GLU B 329 32.79 -5.59 22.37
N VAL B 330 34.03 -5.16 22.38
CA VAL B 330 34.56 -4.43 21.24
C VAL B 330 35.68 -5.24 20.66
N GLN B 331 35.57 -5.57 19.38
CA GLN B 331 36.63 -6.40 18.83
C GLN B 331 37.18 -5.75 17.57
N THR B 332 38.45 -6.00 17.26
CA THR B 332 39.03 -5.59 15.96
C THR B 332 38.11 -5.99 14.81
N GLU B 333 37.88 -5.11 13.83
CA GLU B 333 37.05 -5.48 12.70
C GLU B 333 37.70 -6.63 11.87
N THR B 334 36.87 -7.54 11.35
CA THR B 334 37.36 -8.72 10.58
C THR B 334 37.27 -8.46 9.09
N THR B 335 38.43 -8.42 8.48
CA THR B 335 38.49 -8.03 7.12
C THR B 335 38.89 -9.21 6.23
N LYS B 336 39.81 -10.03 6.73
CA LYS B 336 40.40 -11.12 5.99
C LYS B 336 40.91 -12.22 6.95
N THR B 337 41.07 -13.43 6.46
CA THR B 337 41.62 -14.49 7.30
C THR B 337 43.01 -14.07 7.78
N GLY B 338 43.31 -14.24 9.06
CA GLY B 338 44.61 -13.86 9.63
C GLY B 338 44.68 -12.49 10.29
N ASP B 339 43.72 -11.59 10.02
CA ASP B 339 43.57 -10.33 10.83
C ASP B 339 43.66 -10.67 12.34
N LYS B 340 44.74 -10.23 12.99
CA LYS B 340 44.90 -10.45 14.44
C LYS B 340 43.82 -9.62 15.12
N LEU B 341 43.25 -10.16 16.20
CA LEU B 341 42.11 -9.54 16.88
C LEU B 341 42.38 -9.16 18.37
N LYS B 342 42.02 -7.94 18.78
CA LYS B 342 41.90 -7.60 20.20
C LYS B 342 40.42 -7.45 20.59
N VAL B 343 40.10 -7.84 21.82
CA VAL B 343 38.72 -7.82 22.29
C VAL B 343 38.71 -7.26 23.73
N THR B 344 38.05 -6.12 23.92
CA THR B 344 37.98 -5.46 25.23
C THR B 344 36.48 -5.26 25.59
N THR B 345 36.15 -5.24 26.88
CA THR B 345 34.82 -4.87 27.34
C THR B 345 34.76 -3.49 27.96
N PHE B 346 33.67 -2.77 27.71
CA PHE B 346 33.58 -1.41 28.15
C PHE B 346 32.18 -1.26 28.73
N GLU B 347 31.92 -0.17 29.44
CA GLU B 347 30.56 0.19 29.79
C GLU B 347 30.39 1.52 29.10
N MET B 348 29.27 1.72 28.42
CA MET B 348 28.99 2.98 27.79
C MET B 348 27.66 3.51 28.34
N ILE B 349 27.54 4.80 28.66
CA ILE B 349 26.22 5.29 29.09
C ILE B 349 25.39 5.82 27.96
N LEU B 350 24.24 5.21 27.72
CA LEU B 350 23.35 5.63 26.66
C LEU B 350 22.49 6.91 26.92
N GLY B 351 22.02 7.12 28.16
CA GLY B 351 21.09 8.26 28.42
C GLY B 351 21.72 9.67 28.44
N PRO B 352 20.90 10.74 28.67
CA PRO B 352 21.23 12.20 28.62
C PRO B 352 22.37 12.71 29.50
N THR B 353 22.25 12.50 30.80
CA THR B 353 23.36 12.81 31.69
C THR B 353 24.68 13.12 30.89
N THR B 354 25.35 14.22 31.18
CA THR B 354 24.96 15.26 32.15
C THR B 354 26.21 16.09 32.33
N ASN B 355 26.29 17.16 31.55
CA ASN B 355 27.47 18.07 31.47
C ASN B 355 28.76 17.63 30.71
N ALA B 356 28.90 16.41 30.15
CA ALA B 356 27.88 15.44 29.71
C ALA B 356 28.17 15.30 28.22
N ASP B 357 29.05 14.38 27.83
CA ASP B 357 29.32 14.19 26.38
C ASP B 357 28.69 12.90 25.73
N GLN B 358 28.89 12.64 24.44
CA GLN B 358 28.11 11.58 23.75
C GLN B 358 27.15 12.17 22.70
N ALA B 359 27.45 12.09 21.41
CA ALA B 359 26.44 12.42 20.36
C ALA B 359 26.57 11.47 19.21
N PRO B 360 26.04 10.26 19.42
CA PRO B 360 25.91 9.33 18.30
C PRO B 360 25.47 10.07 17.01
N TYR B 361 24.64 11.07 17.09
CA TYR B 361 24.15 11.64 15.83
C TYR B 361 25.26 12.33 15.08
N GLN B 362 26.13 12.98 15.83
CA GLN B 362 27.27 13.66 15.23
C GLN B 362 28.34 12.59 14.92
N GLY B 363 28.19 11.33 15.33
CA GLY B 363 29.32 10.41 15.02
C GLY B 363 30.36 10.22 16.12
N ARG B 364 30.04 10.62 17.35
CA ARG B 364 31.02 10.42 18.39
C ARG B 364 30.54 10.06 19.85
N VAL B 365 30.98 8.92 20.35
CA VAL B 365 30.49 8.36 21.65
C VAL B 365 31.73 7.89 22.47
N PHE B 366 31.60 7.72 23.79
CA PHE B 366 32.76 7.42 24.65
C PHE B 366 32.32 6.27 25.51
N ALA B 367 33.21 5.32 25.70
CA ALA B 367 32.88 4.23 26.60
C ALA B 367 34.09 4.11 27.51
N SER B 368 33.94 3.45 28.65
CA SER B 368 35.14 3.29 29.45
C SER B 368 35.36 1.88 29.81
N VAL B 369 36.65 1.59 29.83
CA VAL B 369 37.14 0.28 30.02
C VAL B 369 36.74 -0.08 31.37
N THR B 370 35.76 -0.96 31.46
CA THR B 370 35.24 -1.27 32.78
C THR B 370 36.44 -1.49 33.75
N ALA B 371 37.44 -0.57 33.70
CA ALA B 371 38.54 -0.54 34.70
C ALA B 371 37.82 -0.17 35.99
N ALA B 372 36.96 0.85 35.89
CA ALA B 372 36.02 1.29 36.98
C ALA B 372 36.32 0.75 38.38
N LEU B 377 43.42 -1.92 25.39
CA LEU B 377 44.03 -2.73 24.31
C LEU B 377 43.62 -2.33 22.87
N VAL B 378 42.36 -2.58 22.45
CA VAL B 378 41.86 -2.27 21.05
C VAL B 378 41.57 -0.79 20.59
N ASP B 379 41.87 -0.60 19.31
CA ASP B 379 41.90 0.69 18.62
C ASP B 379 42.02 0.40 17.12
N GLY B 380 42.23 1.43 16.32
CA GLY B 380 41.81 1.32 14.93
C GLY B 380 40.36 0.89 14.91
N ARG B 381 39.97 0.25 13.80
CA ARG B 381 38.58 -0.02 13.46
C ARG B 381 38.06 -1.24 14.23
N VAL B 382 36.88 -1.13 14.84
CA VAL B 382 36.34 -2.15 15.75
C VAL B 382 34.86 -2.38 15.49
N ARG B 383 34.30 -3.42 16.06
CA ARG B 383 32.84 -3.63 16.04
C ARG B 383 32.36 -3.85 17.48
N ALA B 384 31.27 -3.23 17.88
CA ALA B 384 30.82 -3.34 19.31
C ALA B 384 29.48 -4.03 19.35
N VAL B 385 29.35 -5.07 20.17
CA VAL B 385 28.06 -5.77 20.28
C VAL B 385 27.63 -5.68 21.75
N PRO B 386 26.32 -5.72 22.02
CA PRO B 386 25.82 -5.51 23.38
C PRO B 386 25.99 -6.75 24.26
N ARG B 387 26.46 -6.64 25.50
CA ARG B 387 26.68 -7.79 26.35
C ARG B 387 25.64 -7.83 27.52
N SER B 388 25.37 -6.71 28.14
CA SER B 388 24.26 -6.64 29.11
C SER B 388 23.87 -5.18 29.33
N ILE B 389 22.79 -4.94 30.06
CA ILE B 389 22.32 -3.61 30.29
C ILE B 389 22.25 -3.43 31.81
N TYR B 390 22.36 -2.19 32.26
CA TYR B 390 22.39 -1.90 33.71
C TYR B 390 21.52 -0.66 33.88
N GLY B 391 20.45 -0.74 34.64
CA GLY B 391 19.58 0.42 34.74
C GLY B 391 18.81 0.76 33.47
N PHE B 392 18.38 -0.26 32.74
CA PHE B 392 17.67 -0.05 31.47
C PHE B 392 16.55 0.91 31.70
N GLN B 393 16.35 1.84 30.78
CA GLN B 393 15.05 2.43 30.67
C GLN B 393 14.72 2.56 29.24
N ASP B 394 13.50 2.18 28.90
CA ASP B 394 13.08 2.21 27.53
C ASP B 394 12.58 3.59 27.17
N THR B 395 13.50 4.56 27.16
CA THR B 395 13.32 5.91 26.60
C THR B 395 14.53 6.18 25.67
N ILE B 396 14.37 7.01 24.65
CA ILE B 396 15.52 7.19 23.73
C ILE B 396 16.72 7.92 24.35
N PRO B 397 17.95 7.59 23.93
CA PRO B 397 19.12 8.22 24.51
C PRO B 397 19.10 9.67 24.01
N GLU B 398 20.06 10.45 24.51
CA GLU B 398 20.20 11.82 24.05
C GLU B 398 21.16 11.70 22.88
N TYR B 399 20.64 11.71 21.67
CA TYR B 399 21.44 11.44 20.49
C TYR B 399 22.34 12.66 20.01
N ASN B 400 21.89 13.86 20.32
CA ASN B 400 22.51 15.04 19.72
C ASN B 400 22.74 16.10 20.82
N ASP B 401 23.05 15.61 21.99
CA ASP B 401 23.55 16.48 23.05
C ASP B 401 22.71 17.75 23.20
N GLY B 402 21.40 17.61 23.38
CA GLY B 402 20.58 18.80 23.60
C GLY B 402 19.87 19.35 22.37
N LEU B 403 20.45 19.15 21.19
CA LEU B 403 19.84 19.75 20.02
C LEU B 403 18.79 18.85 19.43
N LEU B 404 17.81 19.44 18.76
CA LEU B 404 16.88 18.62 18.02
C LEU B 404 17.60 17.56 17.17
N VAL B 405 16.99 16.37 17.00
CA VAL B 405 17.56 15.35 16.12
C VAL B 405 16.54 14.60 15.24
N PRO B 406 16.94 14.12 14.04
CA PRO B 406 15.82 13.47 13.31
C PRO B 406 15.35 12.12 13.95
N LEU B 407 14.03 11.91 14.17
CA LEU B 407 13.48 10.76 14.97
C LEU B 407 12.29 10.17 14.25
N ALA B 408 12.13 8.83 14.24
CA ALA B 408 10.86 8.28 13.72
C ALA B 408 9.84 8.77 14.77
N PRO B 409 8.55 8.97 14.38
CA PRO B 409 7.62 9.59 15.38
C PRO B 409 7.17 8.62 16.50
N PRO B 410 6.56 9.09 17.60
CA PRO B 410 6.00 8.07 18.51
C PRO B 410 5.05 7.11 17.79
N ILE B 411 5.05 5.84 18.22
CA ILE B 411 4.11 4.89 17.64
C ILE B 411 2.71 5.26 18.04
N GLY B 412 1.78 5.30 17.08
CA GLY B 412 0.38 5.60 17.38
C GLY B 412 -0.12 6.42 16.19
N PRO B 413 -1.36 6.92 16.24
CA PRO B 413 -2.27 6.78 17.39
C PRO B 413 -3.01 5.46 17.35
N PHE B 414 -3.82 5.25 18.37
CA PHE B 414 -4.64 4.06 18.54
C PHE B 414 -6.08 4.56 18.79
N LEU B 415 -7.10 3.87 18.31
CA LEU B 415 -8.49 4.18 18.71
C LEU B 415 -8.65 4.03 20.21
N PRO B 416 -9.78 4.51 20.76
CA PRO B 416 -9.97 4.25 22.19
C PRO B 416 -10.10 2.75 22.42
N GLY B 417 -9.51 2.24 23.48
CA GLY B 417 -9.55 0.81 23.77
C GLY B 417 -8.56 -0.06 22.97
N GLU B 418 -7.80 0.52 22.04
CA GLU B 418 -6.80 -0.27 21.23
C GLU B 418 -5.43 -0.14 21.93
N VAL B 419 -4.63 -1.21 21.99
CA VAL B 419 -3.30 -1.11 22.65
C VAL B 419 -2.23 -1.75 21.71
N LEU B 420 -0.94 -1.45 21.91
CA LEU B 420 0.12 -1.96 20.96
C LEU B 420 0.33 -3.46 21.23
N LEU B 421 0.40 -4.27 20.17
CA LEU B 421 0.88 -5.62 20.24
C LEU B 421 2.39 -5.61 20.37
N ARG B 422 2.92 -6.25 21.41
CA ARG B 422 4.39 -6.27 21.69
C ARG B 422 5.06 -7.63 21.32
N PHE B 423 6.07 -7.66 20.40
CA PHE B 423 7.08 -8.72 20.35
C PHE B 423 8.22 -8.55 21.36
N ARG B 424 8.48 -9.55 22.20
CA ARG B 424 9.31 -9.37 23.37
C ARG B 424 10.49 -10.32 23.39
N THR B 425 11.61 -9.83 23.94
CA THR B 425 12.78 -10.65 24.18
C THR B 425 13.36 -10.17 25.50
N TYR B 426 14.46 -10.78 25.97
CA TYR B 426 15.03 -10.50 27.31
C TYR B 426 16.54 -10.13 27.21
N MET B 427 16.93 -9.05 27.88
CA MET B 427 18.34 -8.65 27.92
C MET B 427 18.87 -9.19 29.20
N ARG B 428 20.14 -9.48 29.23
CA ARG B 428 20.77 -9.81 30.45
C ARG B 428 21.04 -8.50 31.25
N GLN B 429 20.41 -8.32 32.41
CA GLN B 429 20.66 -7.14 33.33
C GLN B 429 21.08 -7.71 34.70
N ILE B 430 22.34 -7.99 35.10
CA ILE B 430 23.38 -7.11 35.75
C ILE B 430 22.92 -5.82 36.52
N ASP B 431 23.28 -5.58 37.79
CA ASP B 431 24.08 -6.35 38.82
C ASP B 431 25.31 -7.23 38.49
N THR B 432 26.39 -7.16 39.30
CA THR B 432 26.43 -6.53 40.67
C THR B 432 25.66 -7.39 41.70
N ALA B 433 26.11 -8.64 41.86
CA ALA B 433 25.42 -9.65 42.70
C ALA B 433 24.03 -9.94 42.14
N ASP B 434 23.96 -10.52 40.94
CA ASP B 434 22.65 -10.77 40.37
C ASP B 434 22.48 -10.30 38.92
N ALA B 435 22.50 -11.25 37.98
CA ALA B 435 22.02 -11.00 36.61
C ALA B 435 20.62 -11.62 36.45
N ALA B 436 19.69 -10.85 35.91
CA ALA B 436 18.30 -11.31 35.76
C ALA B 436 17.76 -10.83 34.42
N ALA B 437 16.88 -11.61 33.83
CA ALA B 437 16.28 -11.25 32.55
C ALA B 437 15.51 -9.92 32.65
N GLU B 438 15.57 -9.05 31.64
CA GLU B 438 14.80 -7.80 31.64
C GLU B 438 14.06 -7.68 30.27
N ALA B 439 12.76 -7.38 30.27
CA ALA B 439 11.98 -7.39 29.03
C ALA B 439 12.25 -6.20 28.08
N ILE B 440 12.24 -6.42 26.77
CA ILE B 440 12.38 -5.30 25.84
C ILE B 440 11.56 -5.68 24.66
N ASP B 441 10.82 -4.70 24.18
CA ASP B 441 9.74 -4.96 23.28
C ASP B 441 10.03 -4.36 21.94
N CYS B 442 9.38 -4.86 20.88
CA CYS B 442 9.44 -4.11 19.60
C CYS B 442 8.16 -4.35 18.84
N ALA B 443 7.94 -3.53 17.82
CA ALA B 443 6.62 -3.46 17.11
C ALA B 443 6.33 -4.52 16.02
N LEU B 444 7.40 -5.04 15.41
CA LEU B 444 7.40 -6.12 14.42
C LEU B 444 8.72 -6.88 14.62
N PRO B 445 8.72 -8.21 14.41
CA PRO B 445 10.03 -8.99 14.36
C PRO B 445 10.83 -8.50 13.15
N GLN B 446 12.15 -8.64 13.25
CA GLN B 446 13.03 -8.20 12.18
C GLN B 446 12.59 -8.89 10.85
N GLU B 447 12.17 -10.15 10.88
CA GLU B 447 11.78 -10.73 9.56
C GLU B 447 10.68 -9.95 8.87
N PHE B 448 9.74 -9.43 9.64
CA PHE B 448 8.67 -8.59 9.05
C PHE B 448 9.25 -7.22 8.63
N VAL B 449 10.25 -6.72 9.34
CA VAL B 449 10.95 -5.47 8.93
C VAL B 449 11.55 -5.62 7.50
N SER B 450 12.21 -6.75 7.30
CA SER B 450 12.92 -7.03 6.09
C SER B 450 11.91 -7.30 4.99
N TRP B 451 10.86 -8.01 5.39
CA TRP B 451 9.80 -8.36 4.46
C TRP B 451 9.11 -7.14 3.80
N PHE B 452 8.71 -6.19 4.65
CA PHE B 452 8.13 -5.01 4.10
C PHE B 452 9.16 -4.18 3.34
N ALA B 453 10.38 -4.02 3.87
CA ALA B 453 11.35 -3.14 3.12
C ALA B 453 11.55 -3.77 1.75
N SER B 454 11.56 -5.11 1.66
CA SER B 454 11.79 -5.78 0.38
C SER B 454 10.58 -5.75 -0.60
N ASN B 455 9.39 -5.94 -0.10
CA ASN B 455 8.27 -5.98 -0.99
C ASN B 455 7.82 -4.63 -1.50
N ALA B 456 8.05 -3.57 -0.74
CA ALA B 456 7.56 -2.25 -1.22
C ALA B 456 6.13 -2.35 -1.76
N PHE B 457 5.23 -2.98 -0.99
CA PHE B 457 3.84 -3.09 -1.43
C PHE B 457 3.26 -1.70 -1.63
N THR B 458 2.24 -1.63 -2.48
CA THR B 458 1.30 -0.51 -2.60
C THR B 458 0.19 -0.54 -1.53
N VAL B 459 0.04 0.51 -0.75
CA VAL B 459 -0.93 0.42 0.33
C VAL B 459 -2.23 1.07 -0.14
N GLN B 460 -3.40 0.51 0.20
CA GLN B 460 -4.69 1.04 -0.37
C GLN B 460 -5.68 1.62 0.61
N SER B 461 -5.33 1.84 1.87
CA SER B 461 -6.35 2.29 2.83
C SER B 461 -5.55 2.47 4.11
N GLU B 462 -6.16 2.60 5.30
CA GLU B 462 -5.32 2.98 6.44
C GLU B 462 -4.74 1.89 7.35
N ALA B 463 -5.21 0.66 7.23
CA ALA B 463 -4.68 -0.42 8.10
C ALA B 463 -5.08 -1.70 7.49
N LEU B 464 -4.41 -2.76 7.92
CA LEU B 464 -4.83 -4.10 7.48
C LEU B 464 -5.45 -4.89 8.66
N LEU B 465 -6.59 -5.54 8.40
CA LEU B 465 -7.13 -6.48 9.38
C LEU B 465 -6.36 -7.81 9.33
N LEU B 466 -5.76 -8.22 10.43
CA LEU B 466 -5.10 -9.52 10.46
C LEU B 466 -5.80 -10.48 11.48
N ARG B 467 -5.70 -11.81 11.29
CA ARG B 467 -6.05 -12.83 12.27
C ARG B 467 -4.79 -13.47 12.68
N TYR B 468 -4.59 -13.72 13.98
CA TYR B 468 -3.49 -14.55 14.43
C TYR B 468 -4.12 -15.94 14.60
N ARG B 469 -3.56 -16.98 13.96
CA ARG B 469 -4.21 -18.30 14.03
C ARG B 469 -3.26 -19.41 14.31
N ASN B 470 -3.69 -20.42 15.02
CA ASN B 470 -2.88 -21.64 15.03
C ASN B 470 -3.17 -22.47 13.78
N THR B 471 -2.24 -22.52 12.83
CA THR B 471 -2.51 -23.23 11.60
C THR B 471 -2.57 -24.77 11.85
N LEU B 472 -1.94 -25.24 12.93
CA LEU B 472 -1.89 -26.66 13.26
C LEU B 472 -3.28 -27.13 13.72
N THR B 473 -3.68 -26.61 14.88
CA THR B 473 -5.03 -26.80 15.42
C THR B 473 -6.13 -26.08 14.68
N GLY B 474 -5.83 -25.04 13.95
CA GLY B 474 -6.87 -24.28 13.26
C GLY B 474 -7.38 -23.13 14.12
N GLN B 475 -6.96 -23.05 15.36
CA GLN B 475 -7.66 -22.12 16.24
C GLN B 475 -7.35 -20.64 15.92
N LEU B 476 -8.36 -19.79 15.69
CA LEU B 476 -8.20 -18.31 15.73
C LEU B 476 -8.05 -17.74 17.13
N LEU B 477 -6.95 -17.06 17.33
CA LEU B 477 -6.63 -16.60 18.65
C LEU B 477 -7.20 -15.19 18.78
N PHE B 478 -7.02 -14.37 17.76
CA PHE B 478 -7.50 -13.00 17.83
C PHE B 478 -7.47 -12.32 16.52
N GLU B 479 -8.12 -11.18 16.47
CA GLU B 479 -7.91 -10.34 15.36
C GLU B 479 -7.19 -9.08 15.76
N CYS B 480 -6.56 -8.43 14.79
CA CYS B 480 -5.82 -7.20 15.13
C CYS B 480 -5.72 -6.26 13.94
N LYS B 481 -5.32 -5.01 14.20
CA LYS B 481 -5.07 -4.01 13.13
C LYS B 481 -3.60 -3.66 12.89
N LEU B 482 -3.14 -3.90 11.67
CA LEU B 482 -1.77 -3.54 11.36
C LEU B 482 -1.91 -2.17 10.68
N TYR B 483 -1.57 -1.12 11.38
CA TYR B 483 -1.64 0.18 10.77
C TYR B 483 -0.58 0.30 9.68
N ASN B 484 -0.86 1.06 8.64
CA ASN B 484 0.14 1.24 7.59
C ASN B 484 1.42 1.80 8.08
N GLU B 485 1.39 2.61 9.13
CA GLU B 485 2.65 3.08 9.65
C GLU B 485 3.43 2.04 10.48
N GLY B 486 3.10 0.74 10.36
CA GLY B 486 4.01 -0.36 10.91
C GLY B 486 3.92 -0.81 12.37
N TYR B 487 2.73 -0.69 12.97
CA TYR B 487 2.52 -1.17 14.33
C TYR B 487 1.14 -1.80 14.40
N ILE B 488 1.03 -2.74 15.29
CA ILE B 488 -0.19 -3.54 15.40
C ILE B 488 -0.97 -3.20 16.67
N ALA B 489 -2.29 -3.11 16.54
CA ALA B 489 -3.15 -2.80 17.70
C ALA B 489 -4.11 -3.97 17.94
N LEU B 490 -4.42 -4.21 19.22
CA LEU B 490 -5.54 -5.12 19.64
C LEU B 490 -6.55 -4.29 20.46
N SER B 491 -7.86 -4.59 20.47
CA SER B 491 -8.77 -4.05 21.53
C SER B 491 -8.82 -4.92 22.77
N TYR B 492 -8.48 -4.37 23.90
CA TYR B 492 -8.36 -5.14 25.13
C TYR B 492 -8.64 -4.13 26.25
N SER B 493 -9.51 -4.45 27.24
CA SER B 493 -9.84 -3.51 28.34
C SER B 493 -9.07 -3.76 29.62
N GLY B 494 -8.40 -4.89 29.72
CA GLY B 494 -7.87 -5.38 31.01
C GLY B 494 -6.83 -4.42 31.50
N SER B 495 -6.12 -4.73 32.59
CA SER B 495 -5.23 -3.70 33.07
C SER B 495 -3.69 -3.80 33.13
N GLY B 496 -2.99 -4.91 33.35
CA GLY B 496 -3.30 -6.28 33.09
C GLY B 496 -2.48 -6.64 31.86
N PRO B 497 -1.16 -6.96 32.01
CA PRO B 497 -0.55 -7.61 30.83
C PRO B 497 -1.31 -8.90 30.50
N LEU B 498 -1.62 -9.05 29.21
CA LEU B 498 -2.16 -10.24 28.60
C LEU B 498 -1.18 -10.79 27.55
N THR B 499 -0.84 -12.04 27.74
CA THR B 499 0.14 -12.77 26.97
C THR B 499 -0.51 -13.75 25.97
N PHE B 500 0.05 -13.89 24.76
CA PHE B 500 -0.43 -14.89 23.79
C PHE B 500 0.54 -16.00 23.41
N PRO B 501 0.01 -17.18 23.02
CA PRO B 501 0.85 -18.27 22.52
C PRO B 501 1.74 -17.74 21.35
N THR B 502 3.00 -18.18 21.25
CA THR B 502 3.93 -17.70 20.25
C THR B 502 4.05 -18.58 19.02
N ASP B 503 3.10 -19.48 18.80
CA ASP B 503 3.18 -20.45 17.72
C ASP B 503 2.00 -20.49 16.72
N GLY B 504 1.12 -19.54 16.48
CA GLY B 504 1.32 -18.21 16.35
C GLY B 504 1.67 -18.00 14.86
N ILE B 505 0.72 -18.05 13.90
CA ILE B 505 0.83 -17.33 12.55
C ILE B 505 -0.12 -16.13 12.25
N PHE B 506 0.37 -14.93 11.78
CA PHE B 506 -0.53 -13.84 11.21
C PHE B 506 -1.01 -13.91 9.76
N GLU B 507 -2.30 -13.70 9.53
CA GLU B 507 -2.85 -13.62 8.13
C GLU B 507 -3.57 -12.31 7.74
N VAL B 508 -3.37 -11.75 6.55
CA VAL B 508 -4.12 -10.50 6.10
C VAL B 508 -5.43 -11.07 5.66
N VAL B 509 -6.70 -10.59 5.85
CA VAL B 509 -7.44 -9.41 6.01
C VAL B 509 -8.05 -8.98 4.65
N SER B 510 -8.22 -7.75 4.08
CA SER B 510 -8.60 -6.35 4.50
C SER B 510 -7.63 -5.50 5.23
N TRP B 511 -7.24 -4.26 4.79
CA TRP B 511 -7.99 -3.02 4.41
C TRP B 511 -9.48 -3.11 4.65
N VAL B 512 -10.18 -2.44 5.56
CA VAL B 512 -9.99 -1.63 6.80
C VAL B 512 -9.63 -0.16 6.98
N PRO B 513 -10.70 0.63 7.16
CA PRO B 513 -10.51 2.02 7.49
C PRO B 513 -9.89 2.18 8.88
N ARG B 514 -9.42 3.36 9.17
CA ARG B 514 -8.78 3.49 10.42
C ARG B 514 -9.76 3.41 11.61
N LEU B 515 -11.05 3.60 11.37
CA LEU B 515 -11.96 3.53 12.50
C LEU B 515 -12.57 2.16 12.55
N TYR B 516 -11.96 1.19 11.89
CA TYR B 516 -12.49 -0.15 12.00
C TYR B 516 -12.43 -0.64 13.48
N GLN B 517 -13.56 -1.19 13.96
CA GLN B 517 -13.63 -1.63 15.38
C GLN B 517 -13.22 -3.06 15.45
N LEU B 518 -12.18 -3.46 16.22
CA LEU B 518 -11.82 -4.87 16.32
C LEU B 518 -12.65 -5.62 17.35
N ALA B 519 -12.62 -6.91 17.28
CA ALA B 519 -13.29 -7.69 18.31
C ALA B 519 -12.38 -7.83 19.51
N SER B 520 -12.98 -7.81 20.70
CA SER B 520 -12.17 -7.98 21.89
C SER B 520 -12.26 -9.34 22.56
N VAL B 521 -13.39 -9.90 22.95
CA VAL B 521 -13.10 -11.10 23.71
C VAL B 521 -14.21 -11.62 24.56
N GLY B 522 -14.06 -12.86 25.00
CA GLY B 522 -15.08 -13.46 25.88
C GLY B 522 -14.45 -14.60 26.75
N SER B 523 -15.24 -15.24 27.67
CA SER B 523 -14.80 -16.31 28.66
C SER B 523 -15.06 -17.67 28.09
N LEU B 524 -14.14 -17.90 27.19
CA LEU B 524 -13.98 -19.07 26.39
C LEU B 524 -14.87 -20.23 26.81
N ALA B 525 -15.64 -20.07 27.89
CA ALA B 525 -16.60 -21.09 28.30
C ALA B 525 -17.84 -20.90 27.47
N THR B 526 -18.31 -21.93 26.78
CA THR B 526 -19.49 -21.79 25.88
C THR B 526 -20.77 -22.34 26.44
N GLY B 527 -20.68 -23.54 26.90
CA GLY B 527 -21.88 -24.08 27.40
C GLY B 527 -22.93 -22.99 27.52
N ARG B 528 -24.16 -23.41 27.39
CA ARG B 528 -25.35 -22.59 27.54
C ARG B 528 -26.50 -23.55 27.80
N MET B 529 -27.47 -23.07 28.52
CA MET B 529 -28.60 -23.89 28.85
C MET B 529 -29.88 -23.45 28.12
N LEU B 530 -30.78 -24.41 27.90
CA LEU B 530 -32.07 -24.10 27.33
C LEU B 530 -32.68 -23.09 28.29
N LYS B 531 -32.41 -23.49 29.53
CA LYS B 531 -32.80 -22.76 30.72
C LYS B 531 -34.11 -23.32 31.33
N ASP C 20 -12.58 7.00 -44.97
CA ASP C 20 -13.22 5.76 -44.43
C ASP C 20 -14.29 6.19 -43.43
N PRO C 21 -15.29 5.33 -43.18
CA PRO C 21 -16.42 5.57 -42.25
C PRO C 21 -16.10 5.38 -40.76
N LEU C 22 -17.16 5.36 -39.97
CA LEU C 22 -17.06 5.15 -38.52
C LEU C 22 -17.54 3.74 -38.27
N ALA C 23 -16.82 2.99 -37.42
CA ALA C 23 -17.20 1.61 -37.12
C ALA C 23 -18.38 1.51 -36.18
N MET C 24 -19.52 2.08 -36.57
CA MET C 24 -20.71 2.04 -35.74
C MET C 24 -21.98 2.03 -36.53
N ASP C 25 -22.96 1.30 -36.04
CA ASP C 25 -24.28 1.24 -36.65
C ASP C 25 -25.01 2.35 -35.93
N PRO C 26 -25.87 3.09 -36.64
CA PRO C 26 -26.57 4.16 -35.95
C PRO C 26 -27.54 3.61 -34.90
N VAL C 27 -27.68 4.32 -33.79
CA VAL C 27 -28.58 3.90 -32.72
C VAL C 27 -29.86 4.74 -32.76
N ALA C 28 -30.97 4.11 -32.38
CA ALA C 28 -32.28 4.76 -32.38
C ALA C 28 -32.41 5.84 -31.31
N GLY C 29 -33.36 6.73 -31.49
CA GLY C 29 -33.60 7.78 -30.53
C GLY C 29 -34.79 7.48 -29.67
N SER C 30 -35.74 8.41 -29.64
CA SER C 30 -36.96 8.29 -28.86
C SER C 30 -37.86 7.13 -29.25
N SER C 31 -37.63 6.58 -30.42
CA SER C 31 -38.40 5.45 -30.94
C SER C 31 -38.75 4.44 -29.85
N THR C 32 -37.75 4.11 -29.04
CA THR C 32 -37.88 3.15 -27.96
C THR C 32 -38.75 3.60 -26.78
N ALA C 33 -38.62 4.87 -26.43
CA ALA C 33 -39.36 5.45 -25.32
C ALA C 33 -40.87 5.46 -25.47
N VAL C 34 -41.32 5.98 -26.62
CA VAL C 34 -42.75 6.11 -26.93
C VAL C 34 -43.67 5.10 -26.27
N ALA C 35 -43.38 3.84 -26.52
CA ALA C 35 -44.19 2.75 -26.00
C ALA C 35 -44.38 2.67 -24.48
N THR C 36 -43.37 3.05 -23.71
CA THR C 36 -43.44 2.96 -22.25
C THR C 36 -43.22 4.19 -21.39
N ALA C 37 -42.69 5.26 -21.96
CA ALA C 37 -42.50 6.47 -21.18
C ALA C 37 -43.89 7.08 -21.06
N GLY C 38 -44.11 7.87 -20.03
CA GLY C 38 -45.43 8.46 -19.85
C GLY C 38 -45.74 9.53 -20.87
N GLN C 39 -44.72 10.32 -21.19
CA GLN C 39 -44.84 11.41 -22.14
C GLN C 39 -43.54 11.42 -22.90
N VAL C 40 -43.51 12.16 -23.99
CA VAL C 40 -42.32 12.31 -24.79
C VAL C 40 -42.40 13.78 -25.08
N ASN C 41 -41.54 14.54 -24.41
CA ASN C 41 -41.56 15.98 -24.55
C ASN C 41 -40.55 16.50 -25.56
N PRO C 42 -41.02 17.27 -26.53
CA PRO C 42 -40.17 17.86 -27.57
C PRO C 42 -39.35 19.02 -27.04
N ILE C 43 -38.38 19.44 -27.84
CA ILE C 43 -37.51 20.54 -27.46
C ILE C 43 -37.66 21.70 -28.42
N ASP C 44 -37.35 22.90 -27.95
CA ASP C 44 -37.39 24.10 -28.76
C ASP C 44 -36.47 23.86 -29.95
N PRO C 45 -37.04 23.87 -31.17
CA PRO C 45 -36.31 23.65 -32.41
C PRO C 45 -35.09 24.54 -32.62
N TRP C 46 -35.06 25.69 -31.96
CA TRP C 46 -33.93 26.59 -32.08
C TRP C 46 -32.69 25.97 -31.45
N ILE C 47 -32.92 25.15 -30.43
CA ILE C 47 -31.82 24.47 -29.75
C ILE C 47 -31.41 23.25 -30.59
N ILE C 48 -32.43 22.62 -31.16
CA ILE C 48 -32.29 21.41 -31.96
C ILE C 48 -31.09 21.25 -32.85
N ASN C 49 -30.57 22.32 -33.42
CA ASN C 49 -29.39 22.15 -34.26
C ASN C 49 -28.42 23.30 -34.15
N ASN C 50 -28.49 24.00 -33.03
CA ASN C 50 -27.60 25.13 -32.79
C ASN C 50 -26.41 24.60 -32.01
N PHE C 51 -25.24 24.68 -32.63
CA PHE C 51 -24.01 24.21 -31.99
C PHE C 51 -23.55 25.14 -30.89
N VAL C 52 -23.47 24.59 -29.70
CA VAL C 52 -23.06 25.31 -28.52
C VAL C 52 -21.79 24.72 -27.96
N GLN C 53 -20.91 25.56 -27.42
CA GLN C 53 -19.66 25.08 -26.86
C GLN C 53 -19.93 24.33 -25.57
N ALA C 54 -19.23 23.22 -25.41
CA ALA C 54 -19.36 22.39 -24.23
C ALA C 54 -18.57 23.02 -23.09
N PRO C 55 -18.91 22.69 -21.83
CA PRO C 55 -18.23 23.21 -20.64
C PRO C 55 -16.71 22.98 -20.69
N GLN C 56 -16.29 21.73 -20.93
CA GLN C 56 -14.87 21.41 -21.05
C GLN C 56 -14.47 21.59 -22.51
N GLY C 57 -15.05 22.59 -23.18
CA GLY C 57 -14.78 22.79 -24.59
C GLY C 57 -13.50 23.46 -25.06
N GLU C 58 -12.48 23.50 -24.22
CA GLU C 58 -11.24 24.15 -24.61
C GLU C 58 -10.03 23.28 -24.34
N PHE C 59 -9.07 23.33 -25.26
CA PHE C 59 -7.82 22.59 -25.11
C PHE C 59 -6.83 23.18 -26.09
N THR C 60 -5.56 22.92 -25.85
CA THR C 60 -4.49 23.45 -26.70
C THR C 60 -3.43 22.37 -26.88
N ILE C 61 -2.87 22.32 -28.08
CA ILE C 61 -1.84 21.35 -28.39
C ILE C 61 -0.52 22.07 -28.57
N SER C 62 0.37 21.93 -27.61
CA SER C 62 1.68 22.55 -27.70
C SER C 62 2.64 21.48 -28.20
N PRO C 63 3.77 21.89 -28.79
CA PRO C 63 4.75 20.93 -29.30
C PRO C 63 5.28 20.03 -28.18
N ASN C 64 4.98 20.40 -26.94
CA ASN C 64 5.42 19.65 -25.78
C ASN C 64 4.60 18.40 -25.47
N ASN C 65 3.41 18.30 -26.04
CA ASN C 65 2.56 17.15 -25.81
C ASN C 65 3.12 15.96 -26.57
N THR C 66 2.96 14.78 -26.02
CA THR C 66 3.44 13.55 -26.66
C THR C 66 2.22 12.74 -27.08
N PRO C 67 2.34 11.96 -28.18
CA PRO C 67 1.20 11.17 -28.61
C PRO C 67 0.74 10.28 -27.46
N GLY C 68 -0.52 10.39 -27.10
CA GLY C 68 -1.04 9.59 -26.01
C GLY C 68 -1.63 10.51 -24.95
N ASP C 69 -1.22 11.77 -24.96
CA ASP C 69 -1.74 12.73 -24.02
C ASP C 69 -3.21 12.96 -24.32
N VAL C 70 -4.02 13.02 -23.27
CA VAL C 70 -5.46 13.23 -23.44
C VAL C 70 -5.82 14.70 -23.53
N LEU C 71 -6.48 15.06 -24.62
CA LEU C 71 -6.90 16.42 -24.88
C LEU C 71 -8.26 16.72 -24.26
N PHE C 72 -9.19 15.77 -24.33
CA PHE C 72 -10.49 15.96 -23.71
C PHE C 72 -11.28 14.68 -23.53
N ASP C 73 -12.27 14.74 -22.63
CA ASP C 73 -13.10 13.60 -22.29
C ASP C 73 -14.54 14.09 -22.22
N LEU C 74 -15.48 13.30 -22.73
CA LEU C 74 -16.89 13.67 -22.72
C LEU C 74 -17.82 12.53 -22.42
N SER C 75 -18.96 12.86 -21.84
CA SER C 75 -19.97 11.88 -21.49
C SER C 75 -21.29 12.41 -21.99
N LEU C 76 -21.98 11.62 -22.80
CA LEU C 76 -23.26 11.98 -23.35
C LEU C 76 -24.21 12.36 -22.22
N GLY C 77 -24.85 13.52 -22.32
CA GLY C 77 -25.76 13.95 -21.28
C GLY C 77 -26.22 15.37 -21.48
N PRO C 78 -27.36 15.74 -20.89
CA PRO C 78 -27.92 17.09 -21.00
C PRO C 78 -26.95 18.15 -20.47
N HIS C 79 -26.08 17.71 -19.56
CA HIS C 79 -25.11 18.60 -18.95
C HIS C 79 -24.12 19.23 -19.93
N LEU C 80 -23.99 18.66 -21.11
CA LEU C 80 -23.07 19.19 -22.10
C LEU C 80 -23.57 20.49 -22.70
N ASN C 81 -24.88 20.66 -22.67
CA ASN C 81 -25.50 21.84 -23.25
C ASN C 81 -26.33 22.56 -22.20
N PRO C 82 -25.88 23.76 -21.78
CA PRO C 82 -26.55 24.59 -20.79
C PRO C 82 -28.05 24.74 -20.95
N PHE C 83 -28.51 24.76 -22.20
CA PHE C 83 -29.93 24.88 -22.45
C PHE C 83 -30.61 23.61 -21.97
N LEU C 84 -30.12 22.49 -22.47
CA LEU C 84 -30.64 21.18 -22.10
C LEU C 84 -30.55 20.99 -20.60
N LEU C 85 -29.38 21.33 -20.07
CA LEU C 85 -29.14 21.21 -18.65
C LEU C 85 -30.24 21.93 -17.90
N HIS C 86 -30.46 23.20 -18.23
CA HIS C 86 -31.50 23.95 -17.55
C HIS C 86 -32.84 23.24 -17.66
N LEU C 87 -33.09 22.61 -18.78
CA LEU C 87 -34.34 21.90 -19.00
C LEU C 87 -34.47 20.62 -18.20
N SER C 88 -33.37 19.88 -18.04
CA SER C 88 -33.42 18.61 -17.32
C SER C 88 -34.08 18.73 -15.97
N GLN C 89 -34.01 19.91 -15.38
CA GLN C 89 -34.59 20.16 -14.08
C GLN C 89 -36.11 20.25 -14.09
N MET C 90 -36.70 19.96 -15.24
CA MET C 90 -38.14 20.04 -15.41
C MET C 90 -38.75 18.72 -15.85
N TYR C 91 -37.90 17.83 -16.34
CA TYR C 91 -38.33 16.51 -16.81
C TYR C 91 -37.54 15.48 -16.04
N ASN C 92 -38.05 14.26 -15.94
CA ASN C 92 -37.29 13.26 -15.21
C ASN C 92 -36.59 12.18 -16.02
N GLY C 93 -36.54 12.36 -17.34
CA GLY C 93 -35.87 11.39 -18.19
C GLY C 93 -35.41 11.95 -19.52
N TRP C 94 -34.66 11.16 -20.28
CA TRP C 94 -34.17 11.59 -21.59
C TRP C 94 -33.55 10.48 -22.41
N VAL C 95 -33.53 10.67 -23.72
CA VAL C 95 -32.95 9.75 -24.70
C VAL C 95 -32.63 10.57 -25.91
N GLY C 96 -31.59 10.19 -26.65
CA GLY C 96 -31.29 10.95 -27.84
C GLY C 96 -29.83 10.96 -28.20
N ASN C 97 -29.51 11.57 -29.33
CA ASN C 97 -28.14 11.64 -29.78
C ASN C 97 -27.72 13.09 -29.91
N MET C 98 -26.46 13.36 -29.63
CA MET C 98 -25.95 14.71 -29.77
C MET C 98 -25.05 14.64 -30.99
N ARG C 99 -24.57 15.79 -31.40
CA ARG C 99 -23.68 15.88 -32.53
C ARG C 99 -22.51 16.67 -31.95
N VAL C 100 -21.29 16.22 -32.22
CA VAL C 100 -20.13 16.89 -31.68
C VAL C 100 -19.28 17.46 -32.79
N ARG C 101 -18.77 18.66 -32.58
CA ARG C 101 -17.92 19.31 -33.54
C ARG C 101 -16.67 19.79 -32.87
N ILE C 102 -15.55 19.36 -33.41
CA ILE C 102 -14.25 19.74 -32.90
C ILE C 102 -13.70 20.67 -33.94
N MET C 103 -13.10 21.77 -33.50
CA MET C 103 -12.58 22.73 -34.44
C MET C 103 -11.17 23.10 -34.03
N LEU C 104 -10.24 22.96 -34.97
CA LEU C 104 -8.84 23.27 -34.69
C LEU C 104 -8.39 24.51 -35.44
N ALA C 105 -7.43 25.21 -34.85
CA ALA C 105 -6.89 26.44 -35.43
C ALA C 105 -5.43 26.27 -35.82
N GLY C 106 -5.18 25.98 -37.09
CA GLY C 106 -3.81 25.80 -37.53
C GLY C 106 -3.48 26.35 -38.91
N ASN C 107 -2.19 26.50 -39.19
CA ASN C 107 -1.69 27.01 -40.47
C ASN C 107 -1.52 25.86 -41.41
N ALA C 108 -1.08 26.19 -42.61
CA ALA C 108 -0.81 25.18 -43.62
C ALA C 108 0.62 24.73 -43.36
N PHE C 109 1.29 25.42 -42.43
CA PHE C 109 2.68 25.14 -42.07
C PHE C 109 2.83 24.29 -40.82
N THR C 110 1.81 23.53 -40.48
CA THR C 110 1.90 22.69 -39.31
C THR C 110 1.72 21.26 -39.74
N ALA C 111 1.68 20.35 -38.77
CA ALA C 111 1.52 18.94 -39.03
C ALA C 111 1.26 18.29 -37.69
N GLY C 112 0.56 17.17 -37.72
CA GLY C 112 0.23 16.46 -36.49
C GLY C 112 -1.21 16.04 -36.58
N LYS C 113 -1.52 14.92 -35.98
CA LYS C 113 -2.90 14.42 -36.03
C LYS C 113 -3.43 14.17 -34.63
N ILE C 114 -4.74 14.20 -34.56
CA ILE C 114 -5.45 14.00 -33.32
C ILE C 114 -6.37 12.81 -33.55
N ILE C 115 -6.76 12.14 -32.48
CA ILE C 115 -7.65 11.01 -32.62
C ILE C 115 -8.74 11.03 -31.57
N VAL C 116 -9.96 10.83 -32.02
CA VAL C 116 -11.11 10.82 -31.14
C VAL C 116 -11.67 9.42 -31.20
N SER C 117 -11.85 8.82 -30.03
CA SER C 117 -12.37 7.48 -29.97
C SER C 117 -13.68 7.48 -29.22
N CYS C 118 -14.62 6.68 -29.72
CA CYS C 118 -15.93 6.56 -29.12
C CYS C 118 -15.90 5.37 -28.19
N ILE C 119 -15.99 5.64 -26.90
CA ILE C 119 -15.95 4.60 -25.90
C ILE C 119 -17.34 4.31 -25.37
N PRO C 120 -17.77 3.06 -25.51
CA PRO C 120 -19.09 2.62 -25.06
C PRO C 120 -19.22 2.61 -23.55
N PRO C 121 -20.44 2.75 -23.05
CA PRO C 121 -20.65 2.73 -21.61
C PRO C 121 -20.42 1.31 -21.11
N GLY C 122 -19.90 1.18 -19.90
CA GLY C 122 -19.65 -0.14 -19.35
C GLY C 122 -18.29 -0.67 -19.72
N PHE C 123 -17.34 0.24 -19.92
CA PHE C 123 -15.98 -0.13 -20.27
C PHE C 123 -15.05 0.02 -19.06
N GLY C 124 -14.78 1.26 -18.69
CA GLY C 124 -13.91 1.50 -17.56
C GLY C 124 -13.11 2.75 -17.84
N SER C 125 -12.47 3.30 -16.82
CA SER C 125 -11.69 4.52 -17.02
C SER C 125 -10.19 4.28 -17.16
N HIS C 126 -9.79 3.05 -17.47
CA HIS C 126 -8.36 2.76 -17.62
C HIS C 126 -7.73 3.49 -18.79
N ASN C 127 -6.48 3.91 -18.60
CA ASN C 127 -5.73 4.65 -19.61
C ASN C 127 -5.36 3.79 -20.81
N LEU C 128 -5.32 4.43 -21.97
CA LEU C 128 -5.03 3.73 -23.22
C LEU C 128 -3.80 4.21 -23.96
N THR C 129 -3.42 3.41 -24.96
CA THR C 129 -2.30 3.67 -25.83
C THR C 129 -2.94 4.25 -27.07
N ILE C 130 -2.23 5.07 -27.84
CA ILE C 130 -2.81 5.59 -29.06
C ILE C 130 -3.22 4.42 -29.94
N ALA C 131 -2.43 3.35 -29.89
CA ALA C 131 -2.70 2.15 -30.66
C ALA C 131 -4.05 1.58 -30.26
N GLN C 132 -4.29 1.54 -28.96
CA GLN C 132 -5.54 1.01 -28.42
C GLN C 132 -6.71 1.92 -28.77
N ALA C 133 -6.46 3.21 -28.79
CA ALA C 133 -7.50 4.18 -29.11
C ALA C 133 -8.04 3.92 -30.51
N THR C 134 -7.23 3.30 -31.33
CA THR C 134 -7.59 2.96 -32.70
C THR C 134 -8.62 1.84 -32.76
N LEU C 135 -8.59 0.97 -31.78
CA LEU C 135 -9.49 -0.17 -31.70
C LEU C 135 -10.96 0.20 -31.51
N PHE C 136 -11.22 1.45 -31.12
CA PHE C 136 -12.58 1.93 -30.94
C PHE C 136 -12.99 2.63 -32.22
N PRO C 137 -14.30 2.79 -32.45
CA PRO C 137 -14.71 3.50 -33.66
C PRO C 137 -14.06 4.85 -33.46
N HIS C 138 -13.28 5.30 -34.43
CA HIS C 138 -12.54 6.53 -34.26
C HIS C 138 -12.46 7.43 -35.46
N VAL C 139 -11.91 8.61 -35.21
CA VAL C 139 -11.70 9.63 -36.22
C VAL C 139 -10.33 10.24 -35.97
N ILE C 140 -9.49 10.23 -36.99
CA ILE C 140 -8.16 10.79 -36.89
C ILE C 140 -8.10 11.98 -37.83
N ALA C 141 -7.92 13.17 -37.26
CA ALA C 141 -7.87 14.37 -38.08
C ALA C 141 -6.51 15.02 -38.09
N ASP C 142 -6.14 15.57 -39.23
CA ASP C 142 -4.87 16.26 -39.34
C ASP C 142 -5.11 17.68 -38.89
N VAL C 143 -4.17 18.19 -38.12
CA VAL C 143 -4.20 19.53 -37.57
C VAL C 143 -4.51 20.64 -38.57
N ARG C 144 -4.10 20.46 -39.81
CA ARG C 144 -4.33 21.48 -40.82
C ARG C 144 -5.79 21.64 -41.24
N THR C 145 -6.65 20.68 -40.92
CA THR C 145 -8.05 20.77 -41.33
C THR C 145 -8.71 22.10 -40.97
N LEU C 146 -9.44 22.62 -41.95
CA LEU C 146 -10.11 23.89 -41.81
C LEU C 146 -11.51 23.69 -41.30
N ASP C 147 -12.22 22.78 -41.94
CA ASP C 147 -13.60 22.47 -41.58
C ASP C 147 -13.66 21.75 -40.26
N PRO C 148 -14.74 22.01 -39.49
CA PRO C 148 -14.94 21.38 -38.20
C PRO C 148 -15.14 19.89 -38.36
N ILE C 149 -14.62 19.13 -37.41
CA ILE C 149 -14.71 17.70 -37.43
C ILE C 149 -15.99 17.30 -36.70
N GLU C 150 -16.90 16.68 -37.41
CA GLU C 150 -18.14 16.28 -36.79
C GLU C 150 -18.11 14.81 -36.47
N VAL C 151 -18.46 14.50 -35.23
CA VAL C 151 -18.50 13.13 -34.74
C VAL C 151 -19.81 12.93 -34.03
N PRO C 152 -20.56 11.90 -34.40
CA PRO C 152 -21.85 11.64 -33.76
C PRO C 152 -21.69 11.02 -32.40
N LEU C 153 -22.30 11.63 -31.39
CA LEU C 153 -22.25 11.09 -30.04
C LEU C 153 -23.55 10.31 -29.93
N GLU C 154 -23.45 9.00 -30.14
CA GLU C 154 -24.62 8.14 -30.10
C GLU C 154 -25.00 7.58 -28.75
N ASP C 155 -26.29 7.55 -28.50
CA ASP C 155 -26.81 7.06 -27.25
C ASP C 155 -26.92 5.55 -27.19
N VAL C 156 -25.79 4.89 -26.94
CA VAL C 156 -25.79 3.44 -26.83
C VAL C 156 -26.47 3.14 -25.51
N ARG C 157 -27.60 2.45 -25.60
CA ARG C 157 -28.38 2.15 -24.41
C ARG C 157 -28.57 0.69 -24.13
N ASN C 158 -28.71 0.41 -22.85
CA ASN C 158 -28.93 -0.93 -22.36
C ASN C 158 -30.41 -1.01 -22.01
N VAL C 159 -30.98 0.15 -21.73
CA VAL C 159 -32.38 0.30 -21.36
C VAL C 159 -33.12 1.13 -22.39
N LEU C 160 -34.44 1.25 -22.23
CA LEU C 160 -35.26 2.00 -23.16
C LEU C 160 -34.96 3.49 -23.15
N PHE C 161 -34.69 4.03 -21.97
CA PHE C 161 -34.37 5.44 -21.83
C PHE C 161 -33.69 5.71 -20.52
N HIS C 162 -33.18 6.92 -20.34
CA HIS C 162 -32.48 7.24 -19.10
C HIS C 162 -33.29 8.02 -18.09
N ASN C 163 -33.17 7.60 -16.84
CA ASN C 163 -33.81 8.28 -15.74
C ASN C 163 -32.64 8.98 -15.09
N ASN C 164 -32.84 10.22 -14.64
CA ASN C 164 -31.77 10.99 -14.01
C ASN C 164 -31.08 10.21 -12.89
N ASP C 165 -29.95 9.57 -13.20
CA ASP C 165 -29.19 8.78 -12.23
C ASP C 165 -27.69 8.98 -12.49
N ARG C 166 -26.88 8.67 -11.48
CA ARG C 166 -25.43 8.74 -11.65
C ARG C 166 -25.00 7.31 -12.01
N ASN C 167 -25.95 6.39 -11.91
CA ASN C 167 -25.76 4.98 -12.22
C ASN C 167 -25.75 4.81 -13.73
N GLN C 168 -26.36 5.77 -14.42
CA GLN C 168 -26.43 5.74 -15.85
C GLN C 168 -25.04 6.05 -16.40
N GLN C 169 -24.51 5.12 -17.19
CA GLN C 169 -23.21 5.32 -17.81
C GLN C 169 -23.53 5.59 -19.27
N THR C 170 -22.90 6.62 -19.82
CA THR C 170 -23.17 6.99 -21.20
C THR C 170 -22.00 6.83 -22.15
N MET C 171 -22.27 7.14 -23.42
CA MET C 171 -21.25 7.07 -24.43
C MET C 171 -20.19 8.11 -24.10
N ARG C 172 -18.92 7.75 -24.30
CA ARG C 172 -17.82 8.66 -24.01
C ARG C 172 -17.04 9.01 -25.25
N LEU C 173 -16.39 10.17 -25.19
CA LEU C 173 -15.55 10.62 -26.27
C LEU C 173 -14.23 11.01 -25.65
N VAL C 174 -13.19 10.33 -26.07
CA VAL C 174 -11.87 10.61 -25.56
C VAL C 174 -11.03 11.07 -26.72
N CYS C 175 -10.33 12.17 -26.53
CA CYS C 175 -9.51 12.71 -27.57
C CYS C 175 -8.07 12.71 -27.13
N MET C 176 -7.19 12.21 -27.99
CA MET C 176 -5.76 12.14 -27.68
C MET C 176 -4.96 12.61 -28.86
N LEU C 177 -3.73 12.99 -28.59
CA LEU C 177 -2.82 13.44 -29.64
C LEU C 177 -2.37 12.15 -30.31
N TYR C 178 -2.44 12.10 -31.63
CA TYR C 178 -2.04 10.92 -32.36
C TYR C 178 -0.59 11.00 -32.82
N THR C 179 -0.23 12.13 -33.42
CA THR C 179 1.14 12.35 -33.87
C THR C 179 1.56 13.71 -33.37
N PRO C 180 2.82 13.86 -32.94
CA PRO C 180 3.34 15.12 -32.42
C PRO C 180 3.18 16.31 -33.34
N LEU C 181 2.90 17.45 -32.72
CA LEU C 181 2.75 18.70 -33.44
C LEU C 181 4.14 19.13 -33.87
N ARG C 182 4.28 19.33 -35.17
CA ARG C 182 5.53 19.78 -35.71
C ARG C 182 5.26 20.99 -36.54
N THR C 183 5.65 22.15 -36.03
CA THR C 183 5.46 23.38 -36.77
C THR C 183 6.75 23.68 -37.51
N GLY C 184 6.60 24.19 -38.72
CA GLY C 184 7.75 24.54 -39.51
C GLY C 184 7.95 26.04 -39.49
N GLY C 185 8.65 26.54 -40.51
CA GLY C 185 8.93 27.96 -40.61
C GLY C 185 9.97 28.35 -39.57
N GLY C 186 9.96 29.62 -39.17
CA GLY C 186 10.88 30.10 -38.15
C GLY C 186 10.40 29.70 -36.77
N THR C 187 9.84 28.49 -36.68
CA THR C 187 9.28 27.88 -35.46
C THR C 187 9.24 28.70 -34.19
N GLY C 188 8.08 29.29 -33.90
CA GLY C 188 7.94 30.05 -32.68
C GLY C 188 7.36 29.05 -31.72
N ASP C 189 8.17 28.54 -30.78
CA ASP C 189 7.70 27.55 -29.82
C ASP C 189 6.54 27.97 -28.95
N SER C 190 6.12 29.22 -29.10
CA SER C 190 4.97 29.75 -28.37
C SER C 190 3.72 29.29 -29.11
N PHE C 191 3.94 28.86 -30.36
CA PHE C 191 2.90 28.39 -31.25
C PHE C 191 2.26 27.09 -30.77
N VAL C 192 0.93 27.10 -30.71
CA VAL C 192 0.14 25.96 -30.27
C VAL C 192 -1.14 25.88 -31.08
N VAL C 193 -1.63 24.67 -31.31
CA VAL C 193 -2.88 24.51 -32.04
C VAL C 193 -4.02 24.46 -31.02
N ALA C 194 -4.87 25.46 -31.04
CA ALA C 194 -6.00 25.52 -30.12
C ALA C 194 -7.17 24.71 -30.64
N GLY C 195 -7.93 24.12 -29.73
CA GLY C 195 -9.08 23.32 -30.12
C GLY C 195 -10.31 23.74 -29.36
N ARG C 196 -11.47 23.63 -29.98
CA ARG C 196 -12.74 23.98 -29.38
C ARG C 196 -13.74 22.88 -29.64
N VAL C 197 -14.56 22.56 -28.64
CA VAL C 197 -15.54 21.50 -28.77
C VAL C 197 -16.95 22.05 -28.61
N MET C 198 -17.84 21.65 -29.52
CA MET C 198 -19.22 22.10 -29.48
C MET C 198 -20.16 20.95 -29.74
N THR C 199 -21.35 21.05 -29.17
CA THR C 199 -22.34 20.01 -29.32
C THR C 199 -23.68 20.62 -29.59
N CYS C 200 -24.65 19.76 -29.83
CA CYS C 200 -26.02 20.17 -30.07
C CYS C 200 -26.79 18.87 -30.23
N PRO C 201 -28.00 18.81 -29.68
CA PRO C 201 -28.79 17.59 -29.79
C PRO C 201 -29.22 17.43 -31.24
N SER C 202 -29.72 16.25 -31.57
CA SER C 202 -30.22 15.98 -32.91
C SER C 202 -31.71 15.72 -32.70
N PRO C 203 -32.52 15.72 -33.77
CA PRO C 203 -33.95 15.49 -33.65
C PRO C 203 -34.39 14.22 -32.88
N ASP C 204 -33.46 13.32 -32.65
CA ASP C 204 -33.72 12.08 -31.91
C ASP C 204 -33.96 12.37 -30.44
N PHE C 205 -33.25 13.38 -29.96
CA PHE C 205 -33.30 13.77 -28.56
C PHE C 205 -34.65 14.28 -28.07
N ASN C 206 -35.04 13.81 -26.91
CA ASN C 206 -36.30 14.20 -26.28
C ASN C 206 -36.21 14.01 -24.78
N PHE C 207 -36.86 14.89 -24.04
CA PHE C 207 -36.91 14.79 -22.59
C PHE C 207 -38.13 13.94 -22.33
N LEU C 208 -38.22 13.33 -21.17
CA LEU C 208 -39.34 12.45 -20.96
C LEU C 208 -40.57 12.83 -20.16
N PHE C 209 -40.47 12.94 -18.85
CA PHE C 209 -41.68 13.24 -18.12
C PHE C 209 -41.64 14.58 -17.43
N LEU C 210 -42.72 15.34 -17.57
CA LEU C 210 -42.85 16.64 -16.94
C LEU C 210 -42.99 16.47 -15.45
N VAL C 211 -42.05 17.05 -14.73
CA VAL C 211 -41.99 16.96 -13.29
C VAL C 211 -41.82 18.37 -12.74
N PRO C 212 -42.31 18.61 -11.53
CA PRO C 212 -42.22 19.93 -10.90
C PRO C 212 -41.11 20.77 -11.52
N ALA C 213 -40.95 22.00 -11.05
CA ALA C 213 -39.93 22.91 -11.57
C ALA C 213 -38.59 22.65 -10.90
N ALA C 214 -37.69 23.63 -10.99
CA ALA C 214 -36.37 23.52 -10.39
C ALA C 214 -36.27 24.35 -9.12
N ALA C 215 -35.05 24.55 -8.64
CA ALA C 215 -34.81 25.32 -7.42
C ALA C 215 -34.42 24.42 -6.26
N ALA C 216 -33.75 25.00 -5.27
CA ALA C 216 -33.32 24.25 -4.10
C ALA C 216 -33.00 25.18 -2.93
N ALA C 217 -32.07 24.76 -2.08
CA ALA C 217 -31.68 25.56 -0.92
C ALA C 217 -30.17 25.51 -0.71
N ALA C 218 -29.69 26.25 0.29
CA ALA C 218 -28.27 26.29 0.61
C ALA C 218 -27.98 27.27 1.74
N ARG C 219 -26.79 27.85 1.72
CA ARG C 219 -25.80 27.56 0.68
C ARG C 219 -24.60 26.83 1.25
N MET C 220 -23.68 27.58 1.85
CA MET C 220 -22.47 27.01 2.43
C MET C 220 -21.96 27.85 3.59
N VAL C 221 -20.74 27.55 4.04
CA VAL C 221 -20.13 28.29 5.14
C VAL C 221 -18.73 28.72 4.77
N ASP C 222 -18.37 29.97 5.06
CA ASP C 222 -16.96 30.29 4.90
C ASP C 222 -16.44 30.82 6.25
N LEU C 223 -15.12 30.94 6.37
CA LEU C 223 -14.53 31.62 7.52
C LEU C 223 -13.82 32.88 7.04
N PRO C 224 -13.72 33.93 7.87
CA PRO C 224 -13.02 35.17 7.60
C PRO C 224 -11.50 35.02 7.60
N VAL C 225 -10.78 35.71 6.70
CA VAL C 225 -9.36 35.45 6.57
C VAL C 225 -8.59 36.33 7.57
N ILE C 226 -8.82 36.08 8.85
CA ILE C 226 -8.18 36.89 9.91
C ILE C 226 -7.12 35.99 10.58
N GLN C 227 -5.87 36.39 10.74
CA GLN C 227 -4.93 35.47 11.43
C GLN C 227 -5.23 35.46 12.90
N PRO C 228 -4.93 34.31 13.62
CA PRO C 228 -5.13 34.19 15.02
C PRO C 228 -4.52 35.36 15.79
N ARG C 229 -3.35 35.86 15.37
CA ARG C 229 -2.61 36.83 16.30
C ARG C 229 -3.20 38.19 16.08
N LEU C 230 -4.07 38.31 15.07
CA LEU C 230 -4.82 39.61 14.92
C LEU C 230 -6.17 39.56 15.66
N CYS C 231 -6.52 38.42 16.26
CA CYS C 231 -7.86 38.17 16.91
C CYS C 231 -8.03 38.55 18.36
N THR C 232 -9.29 38.61 18.77
CA THR C 232 -9.66 38.92 20.14
C THR C 232 -9.98 37.64 20.88
N HIS C 233 -9.44 37.46 22.09
CA HIS C 233 -9.70 36.22 22.85
C HIS C 233 -11.15 36.21 23.40
N ALA C 234 -11.79 35.02 23.42
CA ALA C 234 -13.21 34.91 23.89
C ALA C 234 -13.45 34.57 25.35
N ARG C 235 -12.43 34.41 26.18
CA ARG C 235 -12.68 34.08 27.59
C ARG C 235 -11.94 34.98 28.54
N TRP C 236 -10.91 35.68 28.05
CA TRP C 236 -10.23 36.71 28.87
C TRP C 236 -10.07 37.90 27.92
N PRO C 237 -10.35 39.16 28.40
CA PRO C 237 -10.30 40.23 27.34
C PRO C 237 -8.87 40.64 26.99
N ALA C 238 -8.26 39.94 26.08
CA ALA C 238 -6.91 40.29 25.64
C ALA C 238 -6.83 39.80 24.21
N PRO C 239 -5.83 40.27 23.45
CA PRO C 239 -5.50 39.63 22.17
C PRO C 239 -5.20 38.12 22.38
N VAL C 240 -5.45 37.34 21.35
CA VAL C 240 -4.96 35.98 21.19
C VAL C 240 -3.44 36.08 20.88
N TYR C 241 -2.63 35.25 21.54
CA TYR C 241 -1.22 35.30 21.45
C TYR C 241 -0.77 33.90 20.95
N GLY C 242 -1.52 32.84 21.29
CA GLY C 242 -0.98 31.44 21.07
C GLY C 242 -2.00 30.60 20.28
N LEU C 243 -1.52 29.57 19.56
CA LEU C 243 -2.41 28.65 18.80
C LEU C 243 -1.73 27.33 19.08
N LEU C 244 -2.38 26.40 19.81
CA LEU C 244 -1.74 25.09 20.12
C LEU C 244 -2.76 23.90 20.36
N VAL C 245 -2.21 22.70 20.55
CA VAL C 245 -2.95 21.55 21.07
C VAL C 245 -2.08 21.03 22.17
N ASP C 246 -2.68 20.33 23.13
CA ASP C 246 -1.99 19.91 24.35
C ASP C 246 -2.76 18.77 25.05
N PRO C 247 -2.44 17.53 24.65
CA PRO C 247 -3.11 16.29 25.12
C PRO C 247 -3.05 16.13 26.63
N SER C 248 -2.17 16.81 27.31
CA SER C 248 -2.19 16.63 28.73
C SER C 248 -3.14 17.60 29.47
N LEU C 249 -3.87 18.46 28.74
CA LEU C 249 -4.84 19.37 29.41
C LEU C 249 -6.17 18.65 29.46
N PRO C 250 -7.13 19.21 30.21
CA PRO C 250 -8.43 18.60 30.23
C PRO C 250 -9.03 18.49 28.85
N SER C 251 -9.42 17.31 28.39
CA SER C 251 -9.78 17.15 26.97
C SER C 251 -11.16 17.64 26.59
N ASN C 252 -12.04 17.69 27.59
CA ASN C 252 -13.42 18.07 27.36
C ASN C 252 -13.89 19.24 28.25
N PRO C 253 -13.25 20.42 28.09
CA PRO C 253 -13.55 21.56 28.99
C PRO C 253 -15.01 22.03 28.85
N GLN C 254 -15.52 22.58 29.94
CA GLN C 254 -16.93 22.99 30.05
C GLN C 254 -17.12 24.54 30.02
N TRP C 255 -16.39 25.13 29.06
CA TRP C 255 -16.29 26.59 28.86
C TRP C 255 -17.67 27.17 28.59
N GLN C 256 -18.02 28.25 29.29
CA GLN C 256 -19.34 28.92 29.07
C GLN C 256 -19.33 30.16 28.10
N ASN C 257 -18.15 30.69 27.87
CA ASN C 257 -17.90 31.82 27.00
C ASN C 257 -17.16 31.30 25.78
N GLY C 258 -17.29 32.01 24.66
CA GLY C 258 -16.66 31.56 23.44
C GLY C 258 -17.29 30.30 22.90
N ARG C 259 -18.60 30.14 23.10
CA ARG C 259 -19.30 28.94 22.60
C ARG C 259 -20.31 29.34 21.56
N VAL C 260 -20.14 28.80 20.35
CA VAL C 260 -21.20 29.01 19.39
C VAL C 260 -21.15 27.82 18.44
N HIS C 261 -22.23 27.55 17.74
CA HIS C 261 -22.27 26.46 16.77
C HIS C 261 -22.12 27.07 15.43
N VAL C 262 -21.83 26.23 14.44
CA VAL C 262 -21.51 26.77 13.13
C VAL C 262 -22.74 27.39 12.58
N ASP C 263 -23.86 26.88 13.03
CA ASP C 263 -25.09 27.41 12.53
C ASP C 263 -25.46 28.79 13.18
N GLY C 264 -24.67 29.27 14.13
CA GLY C 264 -25.02 30.58 14.67
C GLY C 264 -25.61 30.53 16.04
N THR C 265 -25.92 29.33 16.52
CA THR C 265 -26.48 29.15 17.87
C THR C 265 -25.45 29.45 18.96
N LEU C 266 -25.67 30.54 19.66
CA LEU C 266 -24.80 30.88 20.78
C LEU C 266 -25.09 30.02 21.98
N LEU C 267 -24.09 29.59 22.71
CA LEU C 267 -24.36 28.82 23.89
C LEU C 267 -23.85 29.47 25.14
N GLY C 268 -24.33 28.99 26.27
CA GLY C 268 -23.71 29.41 27.53
C GLY C 268 -23.90 30.89 27.78
N THR C 269 -22.87 31.52 28.35
CA THR C 269 -23.02 32.93 28.70
C THR C 269 -22.38 33.76 27.58
N THR C 270 -22.09 33.12 26.40
CA THR C 270 -21.25 33.70 25.29
C THR C 270 -21.79 35.09 24.85
N PRO C 271 -21.00 36.21 25.00
CA PRO C 271 -21.49 37.51 24.60
C PRO C 271 -21.15 37.79 23.16
N ILE C 272 -21.73 38.82 22.56
CA ILE C 272 -21.32 39.16 21.19
C ILE C 272 -20.04 39.97 21.15
N SER C 273 -19.88 40.87 22.12
CA SER C 273 -18.76 41.82 22.13
C SER C 273 -17.56 41.26 22.92
N GLY C 274 -16.35 41.40 22.42
CA GLY C 274 -15.30 40.89 23.22
C GLY C 274 -15.03 41.80 24.41
N SER C 275 -15.57 43.03 24.41
CA SER C 275 -15.41 43.90 25.64
C SER C 275 -16.26 43.39 26.83
N TRP C 276 -17.12 42.41 26.54
CA TRP C 276 -17.99 41.90 27.62
C TRP C 276 -17.37 40.73 28.36
N VAL C 277 -16.22 40.24 27.87
CA VAL C 277 -15.76 38.96 28.21
C VAL C 277 -15.09 39.11 29.58
N SER C 278 -15.57 38.31 30.54
CA SER C 278 -15.02 38.25 31.89
C SER C 278 -15.28 39.47 32.70
N CYS C 279 -16.32 40.22 32.31
CA CYS C 279 -16.68 41.50 32.92
C CYS C 279 -18.11 41.29 33.44
N PHE C 280 -18.55 42.17 34.33
CA PHE C 280 -19.99 42.22 34.73
C PHE C 280 -20.48 43.63 35.02
N ALA C 281 -21.79 43.80 35.15
CA ALA C 281 -22.36 45.08 35.64
C ALA C 281 -23.30 44.77 36.76
N ALA C 282 -23.46 45.69 37.69
CA ALA C 282 -24.36 45.48 38.83
C ALA C 282 -24.90 46.80 39.40
N GLU C 283 -25.87 46.73 40.31
CA GLU C 283 -26.08 47.77 41.30
C GLU C 283 -25.23 47.36 42.51
N ALA C 284 -24.45 48.26 43.03
CA ALA C 284 -23.57 47.83 44.14
C ALA C 284 -24.00 48.46 45.45
N ALA C 285 -23.96 47.72 46.56
CA ALA C 285 -24.21 48.27 47.90
C ALA C 285 -23.39 47.56 48.97
N TYR C 286 -23.34 48.17 50.15
CA TYR C 286 -22.65 47.59 51.35
C TYR C 286 -23.55 47.16 52.53
N GLU C 287 -24.20 45.98 52.43
CA GLU C 287 -24.99 45.41 53.57
C GLU C 287 -24.13 45.09 54.80
N PHE C 288 -24.75 44.65 55.88
CA PHE C 288 -23.96 44.46 57.12
C PHE C 288 -24.28 43.18 57.90
N GLN C 289 -24.02 42.03 57.26
CA GLN C 289 -24.20 40.68 57.89
C GLN C 289 -23.20 40.48 59.03
N SER C 290 -21.90 40.58 58.68
CA SER C 290 -20.82 40.73 59.64
C SER C 290 -21.02 42.08 60.35
N GLY C 291 -21.38 43.08 59.55
CA GLY C 291 -21.57 44.47 60.02
C GLY C 291 -20.33 45.38 59.85
N THR C 292 -19.26 44.90 59.19
CA THR C 292 -18.03 45.72 58.99
C THR C 292 -17.80 46.24 57.53
N GLY C 293 -18.86 46.79 56.92
CA GLY C 293 -18.98 47.13 55.45
C GLY C 293 -17.79 47.09 54.48
N GLU C 294 -16.95 46.03 54.51
CA GLU C 294 -15.87 45.77 53.50
C GLU C 294 -16.37 44.96 52.27
N VAL C 295 -17.58 44.42 52.37
CA VAL C 295 -18.12 43.54 51.35
C VAL C 295 -19.14 44.31 50.53
N ALA C 296 -18.86 44.45 49.24
CA ALA C 296 -19.81 44.94 48.28
C ALA C 296 -20.80 43.81 47.90
N THR C 297 -22.10 44.10 47.90
CA THR C 297 -23.06 43.18 47.40
C THR C 297 -23.46 43.66 45.99
N PHE C 298 -23.23 42.84 44.98
CA PHE C 298 -23.52 43.27 43.60
C PHE C 298 -24.78 42.59 43.12
N THR C 299 -25.84 43.35 42.83
CA THR C 299 -27.03 42.76 42.19
C THR C 299 -26.87 42.92 40.71
N LEU C 300 -26.69 41.78 40.03
CA LEU C 300 -26.09 41.80 38.71
C LEU C 300 -27.13 42.37 37.76
N ILE C 301 -26.71 43.18 36.78
CA ILE C 301 -27.55 43.50 35.62
C ILE C 301 -26.82 43.06 34.33
N GLU C 302 -27.44 43.11 33.15
CA GLU C 302 -26.67 42.71 31.95
C GLU C 302 -25.75 43.94 31.63
N GLN C 303 -24.66 43.71 30.89
CA GLN C 303 -23.65 44.76 30.77
C GLN C 303 -24.20 45.85 29.84
N ASP C 304 -25.24 45.61 29.06
CA ASP C 304 -25.84 46.74 28.26
C ASP C 304 -26.84 47.49 29.13
N GLY C 305 -26.78 47.32 30.44
CA GLY C 305 -27.55 48.09 31.43
C GLY C 305 -28.95 47.50 31.62
N SER C 306 -29.35 46.54 30.80
CA SER C 306 -30.66 45.93 31.01
C SER C 306 -30.71 44.97 32.18
N ALA C 307 -31.93 44.64 32.65
CA ALA C 307 -32.08 43.91 33.88
C ALA C 307 -31.62 42.48 33.64
N TYR C 308 -30.95 41.87 34.62
CA TYR C 308 -30.60 40.45 34.48
C TYR C 308 -31.75 39.62 35.13
N VAL C 309 -32.26 38.62 34.42
CA VAL C 309 -33.23 37.64 34.99
C VAL C 309 -32.68 36.21 34.92
N PRO C 310 -32.63 35.46 36.07
CA PRO C 310 -32.20 34.08 35.92
C PRO C 310 -32.94 33.33 34.78
N GLY C 311 -32.21 32.72 33.85
CA GLY C 311 -32.86 32.17 32.61
C GLY C 311 -32.24 30.81 32.21
N ASP C 312 -32.07 30.66 30.89
CA ASP C 312 -31.49 29.50 30.29
C ASP C 312 -29.99 29.55 29.94
N ARG C 313 -29.19 30.12 30.86
CA ARG C 313 -27.72 30.15 30.81
C ARG C 313 -27.34 30.48 32.29
N ALA C 314 -26.06 30.39 32.58
CA ALA C 314 -25.57 30.27 33.97
C ALA C 314 -25.45 31.57 34.67
N ALA C 315 -25.45 32.66 33.91
CA ALA C 315 -25.10 33.94 34.56
C ALA C 315 -25.36 35.08 33.56
N PRO C 316 -25.16 36.34 33.96
CA PRO C 316 -25.24 37.40 32.89
C PRO C 316 -24.20 37.12 31.71
N LEU C 317 -24.45 37.58 30.49
CA LEU C 317 -23.50 37.41 29.38
C LEU C 317 -22.11 37.84 29.71
N GLY C 318 -21.12 36.97 29.35
CA GLY C 318 -19.68 37.22 29.51
C GLY C 318 -19.12 37.04 30.93
N TYR C 319 -20.01 36.73 31.89
CA TYR C 319 -19.62 36.59 33.32
C TYR C 319 -18.51 35.47 33.38
N PRO C 320 -17.47 35.58 34.22
CA PRO C 320 -16.33 34.62 34.13
C PRO C 320 -16.78 33.20 34.25
N ASP C 321 -16.16 32.33 33.45
CA ASP C 321 -16.56 30.92 33.47
C ASP C 321 -15.42 30.10 34.00
N PHE C 322 -14.63 30.63 34.93
CA PHE C 322 -13.53 29.84 35.49
C PHE C 322 -13.46 30.13 36.99
N SER C 323 -12.56 29.48 37.73
CA SER C 323 -12.40 29.79 39.16
C SER C 323 -11.11 30.44 39.56
N GLY C 324 -11.05 30.72 40.87
CA GLY C 324 -9.89 31.30 41.51
C GLY C 324 -10.32 32.57 42.17
N GLN C 325 -9.37 33.41 42.48
CA GLN C 325 -9.74 34.65 43.07
C GLN C 325 -9.50 35.82 42.11
N LEU C 326 -10.59 36.42 41.61
CA LEU C 326 -10.46 37.52 40.58
C LEU C 326 -10.36 38.91 41.23
N GLU C 327 -9.35 39.69 40.82
CA GLU C 327 -9.28 41.10 41.21
C GLU C 327 -10.06 41.93 40.18
N ILE C 328 -11.06 42.68 40.61
CA ILE C 328 -11.90 43.36 39.66
C ILE C 328 -11.74 44.84 39.89
N GLU C 329 -11.79 45.62 38.83
CA GLU C 329 -11.89 47.04 39.09
C GLU C 329 -13.32 47.54 38.74
N VAL C 330 -13.89 48.25 39.68
CA VAL C 330 -15.32 48.54 39.63
C VAL C 330 -15.49 50.02 39.49
N GLN C 331 -16.17 50.44 38.44
CA GLN C 331 -16.28 51.89 38.27
C GLN C 331 -17.75 52.27 38.10
N THR C 332 -18.11 53.48 38.52
CA THR C 332 -19.45 54.03 38.23
C THR C 332 -19.81 53.83 36.76
N GLU C 333 -21.04 53.39 36.44
CA GLU C 333 -21.41 53.24 35.06
C GLU C 333 -21.44 54.61 34.32
N THR C 334 -21.02 54.62 33.04
CA THR C 334 -20.95 55.88 32.24
C THR C 334 -22.16 56.02 31.37
N THR C 335 -22.91 57.06 31.65
CA THR C 335 -24.16 57.24 31.02
C THR C 335 -24.14 58.44 30.09
N LYS C 336 -23.47 59.51 30.52
CA LYS C 336 -23.43 60.77 29.84
C LYS C 336 -22.14 61.56 30.20
N THR C 337 -21.77 62.50 29.36
CA THR C 337 -20.60 63.33 29.67
C THR C 337 -20.86 64.06 30.99
N GLY C 338 -19.89 64.05 31.91
CA GLY C 338 -20.03 64.72 33.20
C GLY C 338 -20.46 63.82 34.37
N ASP C 339 -21.00 62.62 34.10
CA ASP C 339 -21.18 61.58 35.17
C ASP C 339 -19.91 61.46 36.01
N LYS C 340 -19.97 61.89 37.27
CA LYS C 340 -18.81 61.77 38.17
C LYS C 340 -18.60 60.28 38.42
N LEU C 341 -17.34 59.87 38.51
CA LEU C 341 -16.97 58.46 38.61
C LEU C 341 -16.19 58.08 39.91
N LYS C 342 -16.61 57.00 40.58
CA LYS C 342 -15.77 56.34 41.59
C LYS C 342 -15.23 55.00 41.06
N VAL C 343 -14.01 54.67 41.46
CA VAL C 343 -13.36 53.46 40.99
C VAL C 343 -12.68 52.77 42.17
N THR C 344 -13.10 51.55 42.51
CA THR C 344 -12.57 50.79 43.64
C THR C 344 -12.08 49.42 43.10
N THR C 345 -11.09 48.83 43.74
CA THR C 345 -10.67 47.44 43.45
C THR C 345 -11.10 46.46 44.52
N PHE C 346 -11.50 45.26 44.09
CA PHE C 346 -12.03 44.31 45.01
C PHE C 346 -11.38 42.98 44.65
N GLU C 347 -11.50 41.98 45.51
CA GLU C 347 -11.16 40.62 45.13
C GLU C 347 -12.47 39.89 45.27
N MET C 348 -12.83 39.08 44.29
CA MET C 348 -14.03 38.30 44.36
C MET C 348 -13.67 36.82 44.20
N ILE C 349 -14.24 35.92 45.01
CA ILE C 349 -13.93 34.50 44.75
C ILE C 349 -14.90 33.82 43.82
N LEU C 350 -14.40 33.33 42.71
CA LEU C 350 -15.23 32.68 41.72
C LEU C 350 -15.65 31.21 42.03
N GLY C 351 -14.79 30.40 42.66
CA GLY C 351 -15.11 28.96 42.87
C GLY C 351 -16.16 28.64 43.97
N PRO C 352 -16.49 27.32 44.19
CA PRO C 352 -17.54 26.77 45.08
C PRO C 352 -17.51 27.14 46.56
N THR C 353 -16.40 26.85 47.21
CA THR C 353 -16.23 27.31 48.59
C THR C 353 -17.31 28.36 48.99
N THR C 354 -17.97 28.18 50.11
CA THR C 354 -17.85 27.04 51.03
C THR C 354 -18.56 27.50 52.31
N ASN C 355 -19.84 27.15 52.39
CA ASN C 355 -20.76 27.57 53.47
C ASN C 355 -21.34 29.03 53.51
N ALA C 356 -20.99 29.97 52.62
CA ALA C 356 -20.44 29.85 51.25
C ALA C 356 -21.50 30.52 50.40
N ASP C 357 -21.39 31.84 50.18
CA ASP C 357 -22.38 32.52 49.32
C ASP C 357 -21.87 32.93 47.90
N GLN C 358 -22.69 33.56 47.04
CA GLN C 358 -22.32 33.73 45.62
C GLN C 358 -23.23 32.91 44.69
N ALA C 359 -24.18 33.52 43.99
CA ALA C 359 -24.91 32.79 42.90
C ALA C 359 -25.16 33.73 41.76
N PRO C 360 -24.10 33.96 40.97
CA PRO C 360 -24.29 34.67 39.70
C PRO C 360 -25.60 34.24 39.00
N TYR C 361 -25.99 32.99 39.09
CA TYR C 361 -27.15 32.60 38.29
C TYR C 361 -28.42 33.27 38.79
N GLN C 362 -28.49 33.39 40.11
CA GLN C 362 -29.62 34.03 40.72
C GLN C 362 -29.43 35.55 40.60
N GLY C 363 -28.29 36.06 40.14
CA GLY C 363 -28.18 37.54 40.13
C GLY C 363 -27.50 38.19 41.33
N ARG C 364 -26.80 37.40 42.15
CA ARG C 364 -26.13 38.01 43.27
C ARG C 364 -24.74 37.48 43.74
N VAL C 365 -23.74 38.34 43.74
CA VAL C 365 -22.33 37.97 44.01
C VAL C 365 -21.71 38.99 45.02
N PHE C 366 -20.63 38.65 45.71
CA PHE C 366 -20.08 39.52 46.77
C PHE C 366 -18.61 39.60 46.47
N ALA C 367 -18.05 40.79 46.64
CA ALA C 367 -16.62 40.93 46.47
C ALA C 367 -16.18 41.72 47.69
N SER C 368 -14.89 41.69 48.00
CA SER C 368 -14.50 42.51 49.11
C SER C 368 -13.38 43.39 48.77
N VAL C 369 -13.48 44.55 49.38
CA VAL C 369 -12.61 45.65 49.12
C VAL C 369 -11.30 45.21 49.57
N THR C 370 -10.43 44.91 48.63
CA THR C 370 -9.16 44.35 49.00
C THR C 370 -8.60 45.16 50.21
N ALA C 371 -9.46 45.44 51.22
CA ALA C 371 -9.02 46.02 52.51
C ALA C 371 -8.16 44.93 53.11
N ALA C 372 -8.68 43.70 53.06
CA ALA C 372 -7.96 42.44 53.45
C ALA C 372 -6.66 42.62 54.25
N LEU C 377 -16.04 52.99 48.67
CA LEU C 377 -16.44 54.19 47.93
C LEU C 377 -17.65 54.02 46.96
N VAL C 378 -17.49 53.27 45.84
CA VAL C 378 -18.59 53.07 44.81
C VAL C 378 -19.81 52.10 45.10
N ASP C 379 -20.93 52.55 44.54
CA ASP C 379 -22.27 52.02 44.77
C ASP C 379 -23.20 52.64 43.73
N GLY C 380 -24.50 52.42 43.87
CA GLY C 380 -25.34 52.52 42.68
C GLY C 380 -24.73 51.63 41.60
N ARG C 381 -25.02 51.98 40.34
CA ARG C 381 -24.76 51.13 39.19
C ARG C 381 -23.29 51.23 38.76
N VAL C 382 -22.64 50.09 38.53
CA VAL C 382 -21.20 50.02 38.28
C VAL C 382 -20.89 49.05 37.15
N ARG C 383 -19.67 49.07 36.66
CA ARG C 383 -19.20 48.04 35.70
C ARG C 383 -17.90 47.44 36.24
N ALA C 384 -17.75 46.13 36.18
CA ALA C 384 -16.53 45.49 36.78
C ALA C 384 -15.74 44.82 35.69
N VAL C 385 -14.45 45.11 35.61
CA VAL C 385 -13.61 44.47 34.59
C VAL C 385 -12.49 43.71 35.32
N PRO C 386 -11.96 42.64 34.72
CA PRO C 386 -10.99 41.79 35.40
C PRO C 386 -9.58 42.41 35.44
N ARG C 387 -8.88 42.40 36.56
CA ARG C 387 -7.56 43.01 36.65
C ARG C 387 -6.45 41.93 36.77
N SER C 388 -6.66 40.91 37.59
CA SER C 388 -5.73 39.78 37.61
C SER C 388 -6.42 38.57 38.26
N ILE C 389 -5.79 37.41 38.22
CA ILE C 389 -6.37 36.23 38.76
C ILE C 389 -5.37 35.69 39.80
N TYR C 390 -5.87 34.94 40.78
CA TYR C 390 -5.02 34.44 41.87
C TYR C 390 -5.49 33.01 42.11
N GLY C 391 -4.63 32.02 41.92
CA GLY C 391 -5.10 30.65 42.08
C GLY C 391 -6.06 30.19 41.00
N PHE C 392 -5.83 30.61 39.75
CA PHE C 392 -6.72 30.26 38.65
C PHE C 392 -6.90 28.78 38.63
N GLN C 393 -8.13 28.32 38.39
CA GLN C 393 -8.27 26.99 37.88
C GLN C 393 -9.32 27.02 36.83
N ASP C 394 -9.03 26.38 35.71
CA ASP C 394 -9.94 26.38 34.61
C ASP C 394 -10.98 25.29 34.80
N THR C 395 -11.82 25.47 35.82
CA THR C 395 -13.07 24.68 36.03
C THR C 395 -14.21 25.71 36.27
N ILE C 396 -15.44 25.37 35.96
CA ILE C 396 -16.49 26.40 36.12
C ILE C 396 -16.81 26.77 37.58
N PRO C 397 -17.19 28.03 37.84
CA PRO C 397 -17.45 28.42 39.21
C PRO C 397 -18.74 27.71 39.61
N GLU C 398 -19.11 27.89 40.88
CA GLU C 398 -20.37 27.33 41.37
C GLU C 398 -21.37 28.44 41.11
N TYR C 399 -22.13 28.35 40.03
CA TYR C 399 -23.00 29.42 39.60
C TYR C 399 -24.34 29.55 40.44
N ASN C 400 -24.79 28.44 40.98
CA ASN C 400 -26.13 28.39 41.56
C ASN C 400 -26.08 27.70 42.92
N ASP C 401 -24.99 27.93 43.62
CA ASP C 401 -24.90 27.55 45.01
C ASP C 401 -25.41 26.13 45.26
N GLY C 402 -24.89 25.14 44.56
CA GLY C 402 -25.29 23.76 44.82
C GLY C 402 -26.38 23.21 43.91
N LEU C 403 -27.24 24.07 43.38
CA LEU C 403 -28.33 23.55 42.58
C LEU C 403 -27.93 23.39 41.14
N LEU C 404 -28.56 22.45 40.45
CA LEU C 404 -28.35 22.38 39.02
C LEU C 404 -28.45 23.76 38.35
N VAL C 405 -27.65 24.01 37.29
CA VAL C 405 -27.78 25.26 36.54
C VAL C 405 -27.68 25.12 35.01
N PRO C 406 -28.34 26.00 34.23
CA PRO C 406 -28.18 25.68 32.78
C PRO C 406 -26.73 25.93 32.24
N LEU C 407 -26.12 24.96 31.52
CA LEU C 407 -24.67 24.99 31.12
C LEU C 407 -24.52 24.58 29.68
N ALA C 408 -23.63 25.21 28.91
CA ALA C 408 -23.35 24.67 27.57
C ALA C 408 -22.66 23.33 27.89
N PRO C 409 -22.78 22.31 27.01
CA PRO C 409 -22.21 20.98 27.42
C PRO C 409 -20.68 20.89 27.38
N PRO C 410 -20.04 19.87 27.98
CA PRO C 410 -18.59 19.78 27.72
C PRO C 410 -18.26 19.77 26.23
N ILE C 411 -17.14 20.38 25.86
CA ILE C 411 -16.71 20.34 24.46
C ILE C 411 -16.34 18.93 24.10
N GLY C 412 -16.83 18.42 22.96
CA GLY C 412 -16.47 17.08 22.50
C GLY C 412 -17.74 16.53 21.86
N PRO C 413 -17.74 15.26 21.44
CA PRO C 413 -16.60 14.35 21.58
C PRO C 413 -15.59 14.53 20.45
N PHE C 414 -14.53 13.75 20.53
CA PHE C 414 -13.44 13.75 19.57
C PHE C 414 -13.24 12.27 19.15
N LEU C 415 -12.90 12.00 17.90
CA LEU C 415 -12.48 10.64 17.51
C LEU C 415 -11.26 10.21 18.30
N PRO C 416 -10.89 8.92 18.25
CA PRO C 416 -9.66 8.55 18.93
C PRO C 416 -8.48 9.25 18.23
N GLY C 417 -7.52 9.73 18.99
CA GLY C 417 -6.38 10.45 18.43
C GLY C 417 -6.63 11.93 18.05
N GLU C 418 -7.86 12.42 18.20
CA GLU C 418 -8.19 13.86 17.85
C GLU C 418 -8.07 14.68 19.15
N VAL C 419 -7.54 15.90 19.11
CA VAL C 419 -7.44 16.71 20.36
C VAL C 419 -7.96 18.15 20.05
N LEU C 420 -8.31 18.94 21.08
CA LEU C 420 -8.93 20.29 20.81
C LEU C 420 -7.81 21.26 20.35
N LEU C 421 -8.08 22.04 19.30
CA LEU C 421 -7.26 23.16 18.93
C LEU C 421 -7.53 24.30 19.90
N ARG C 422 -6.49 24.81 20.55
CA ARG C 422 -6.64 25.90 21.56
C ARG C 422 -6.17 27.31 21.02
N PHE C 423 -7.07 28.33 21.01
CA PHE C 423 -6.65 29.75 21.02
C PHE C 423 -6.30 30.28 22.42
N ARG C 424 -5.11 30.85 22.59
CA ARG C 424 -4.57 31.09 23.91
C ARG C 424 -4.23 32.56 24.13
N THR C 425 -4.42 33.01 25.37
CA THR C 425 -3.99 34.33 25.78
C THR C 425 -3.48 34.18 27.21
N TYR C 426 -3.01 35.27 27.84
CA TYR C 426 -2.35 35.22 29.16
C TYR C 426 -3.02 36.20 30.15
N MET C 427 -3.32 35.73 31.37
CA MET C 427 -3.89 36.59 32.41
C MET C 427 -2.74 36.99 33.26
N ARG C 428 -2.83 38.14 33.86
CA ARG C 428 -1.88 38.52 34.84
C ARG C 428 -2.21 37.78 36.17
N GLN C 429 -1.34 36.88 36.65
CA GLN C 429 -1.49 36.17 37.97
C GLN C 429 -0.23 36.47 38.80
N ILE C 430 -0.06 37.52 39.64
CA ILE C 430 -0.41 37.67 41.10
C ILE C 430 -0.57 36.38 41.99
N ASP C 431 0.10 36.19 43.14
CA ASP C 431 1.16 37.00 43.87
C ASP C 431 1.19 38.56 43.92
N THR C 432 1.48 39.14 45.10
CA THR C 432 2.06 38.48 46.31
C THR C 432 3.55 38.11 46.10
N ALA C 433 4.37 39.14 45.83
CA ALA C 433 5.79 38.95 45.46
C ALA C 433 5.90 38.17 44.14
N ASP C 434 5.42 38.76 43.04
CA ASP C 434 5.48 38.02 41.80
C ASP C 434 4.16 37.98 41.01
N ALA C 435 4.09 38.78 39.94
CA ALA C 435 3.05 38.60 38.91
C ALA C 435 3.67 37.91 37.68
N ALA C 436 3.00 36.88 37.18
CA ALA C 436 3.53 36.09 36.07
C ALA C 436 2.37 35.74 35.13
N ALA C 437 2.65 35.64 33.85
CA ALA C 437 1.63 35.30 32.86
C ALA C 437 1.03 33.90 33.17
N GLU C 438 -0.28 33.72 32.99
CA GLU C 438 -0.90 32.40 33.17
C GLU C 438 -1.79 32.10 31.93
N ALA C 439 -1.68 30.91 31.34
CA ALA C 439 -2.38 30.62 30.08
C ALA C 439 -3.91 30.40 30.24
N ILE C 440 -4.71 30.84 29.28
CA ILE C 440 -6.14 30.54 29.33
C ILE C 440 -6.55 30.43 27.91
N ASP C 441 -7.36 29.41 27.67
CA ASP C 441 -7.60 28.94 26.34
C ASP C 441 -9.03 29.16 25.94
N CYS C 442 -9.32 29.21 24.64
CA CYS C 442 -10.73 29.15 24.24
C CYS C 442 -10.83 28.48 22.88
N ALA C 443 -12.05 28.10 22.52
CA ALA C 443 -12.29 27.20 21.34
C ALA C 443 -12.33 27.86 19.94
N LEU C 444 -12.69 29.14 19.91
CA LEU C 444 -12.72 30.01 18.73
C LEU C 444 -12.39 31.43 19.23
N PRO C 445 -11.69 32.23 18.42
CA PRO C 445 -11.53 33.71 18.74
C PRO C 445 -12.91 34.37 18.69
N GLN C 446 -13.07 35.46 19.44
CA GLN C 446 -14.33 36.16 19.48
C GLN C 446 -14.74 36.55 18.03
N GLU C 447 -13.81 36.93 17.16
CA GLU C 447 -14.29 37.29 15.80
C GLU C 447 -15.04 36.17 15.11
N PHE C 448 -14.60 34.94 15.34
CA PHE C 448 -15.31 33.77 14.77
C PHE C 448 -16.64 33.55 15.52
N VAL C 449 -16.68 33.87 16.80
CA VAL C 449 -17.96 33.81 17.58
C VAL C 449 -19.04 34.72 16.95
N SER C 450 -18.61 35.93 16.62
CA SER C 450 -19.47 36.95 16.12
C SER C 450 -19.85 36.59 14.69
N TRP C 451 -18.85 36.07 13.97
CA TRP C 451 -19.06 35.68 12.58
C TRP C 451 -20.15 34.61 12.39
N PHE C 452 -20.05 33.55 13.18
CA PHE C 452 -21.09 32.55 13.09
C PHE C 452 -22.42 33.08 13.61
N ALA C 453 -22.43 33.81 14.74
CA ALA C 453 -23.77 34.25 15.27
C ALA C 453 -24.41 35.12 14.19
N SER C 454 -23.60 35.90 13.45
CA SER C 454 -24.15 36.79 12.43
C SER C 454 -24.59 36.09 11.13
N ASN C 455 -23.82 35.13 10.65
CA ASN C 455 -24.18 34.50 9.41
C ASN C 455 -25.31 33.51 9.52
N ALA C 456 -25.50 32.90 10.68
CA ALA C 456 -26.59 31.89 10.75
C ALA C 456 -26.58 30.96 9.53
N PHE C 457 -25.40 30.42 9.17
CA PHE C 457 -25.32 29.51 8.05
C PHE C 457 -26.22 28.31 8.28
N THR C 458 -26.64 27.69 7.19
CA THR C 458 -27.22 26.34 7.13
C THR C 458 -26.16 25.22 7.16
N VAL C 459 -26.24 24.31 8.11
CA VAL C 459 -25.17 23.33 8.20
C VAL C 459 -25.62 22.06 7.48
N GLN C 460 -24.74 21.37 6.72
CA GLN C 460 -25.19 20.21 5.89
C GLN C 460 -24.61 18.87 6.24
N SER C 461 -23.92 18.69 7.36
CA SER C 461 -23.29 17.40 7.62
C SER C 461 -22.65 17.60 8.98
N GLU C 462 -21.73 16.74 9.46
CA GLU C 462 -21.35 16.89 10.87
C GLU C 462 -20.13 17.74 11.23
N ALA C 463 -19.30 18.11 10.27
CA ALA C 463 -18.11 18.92 10.58
C ALA C 463 -17.63 19.50 9.32
N LEU C 464 -16.79 20.51 9.44
CA LEU C 464 -16.14 21.05 8.25
C LEU C 464 -14.64 20.72 8.23
N LEU C 465 -14.12 20.27 7.08
CA LEU C 465 -12.67 20.13 6.93
C LEU C 465 -12.04 21.50 6.67
N LEU C 466 -11.12 21.93 7.51
CA LEU C 466 -10.41 23.20 7.25
C LEU C 466 -8.88 22.93 7.02
N ARG C 467 -8.19 23.82 6.28
CA ARG C 467 -6.74 23.88 6.18
C ARG C 467 -6.31 25.12 6.85
N TYR C 468 -5.26 25.09 7.67
CA TYR C 468 -4.66 26.31 8.17
C TYR C 468 -3.49 26.58 7.21
N ARG C 469 -3.42 27.76 6.60
CA ARG C 469 -2.36 27.99 5.60
C ARG C 469 -1.67 29.29 5.77
N ASN C 470 -0.40 29.35 5.47
CA ASN C 470 0.21 30.69 5.32
C ASN C 470 -0.10 31.24 3.94
N THR C 471 -0.97 32.25 3.83
CA THR C 471 -1.34 32.75 2.52
C THR C 471 -0.15 33.52 1.88
N LEU C 472 0.79 34.01 2.69
CA LEU C 472 1.94 34.76 2.21
C LEU C 472 2.90 33.85 1.48
N THR C 473 3.50 32.93 2.24
CA THR C 473 4.34 31.85 1.71
C THR C 473 3.61 30.77 0.98
N GLY C 474 2.33 30.60 1.21
CA GLY C 474 1.58 29.52 0.55
C GLY C 474 1.58 28.24 1.38
N GLN C 475 2.33 28.22 2.47
CA GLN C 475 2.53 26.92 3.09
C GLN C 475 1.28 26.40 3.82
N LEU C 476 0.80 25.17 3.51
CA LEU C 476 -0.17 24.45 4.39
C LEU C 476 0.44 23.88 5.65
N LEU C 477 -0.12 24.32 6.77
CA LEU C 477 0.47 23.97 8.03
C LEU C 477 -0.20 22.67 8.49
N PHE C 478 -1.53 22.60 8.36
CA PHE C 478 -2.25 21.43 8.83
C PHE C 478 -3.64 21.41 8.35
N GLU C 479 -4.26 20.26 8.51
CA GLU C 479 -5.66 20.21 8.34
C GLU C 479 -6.35 19.96 9.66
N CYS C 480 -7.63 20.33 9.73
CA CYS C 480 -8.36 20.12 11.00
C CYS C 480 -9.85 19.96 10.77
N LYS C 481 -10.56 19.50 11.81
CA LYS C 481 -12.03 19.38 11.77
C LYS C 481 -12.79 20.40 12.65
N LEU C 482 -13.63 21.20 12.00
CA LEU C 482 -14.42 22.15 12.78
C LEU C 482 -15.76 21.43 12.95
N TYR C 483 -16.00 20.92 14.13
CA TYR C 483 -17.28 20.27 14.35
C TYR C 483 -18.39 21.31 14.33
N ASN C 484 -19.58 20.92 13.89
CA ASN C 484 -20.69 21.87 13.89
C ASN C 484 -21.01 22.42 15.22
N GLU C 485 -20.76 21.68 16.29
CA GLU C 485 -20.99 22.26 17.58
C GLU C 485 -19.90 23.25 18.04
N GLY C 486 -19.06 23.76 17.11
CA GLY C 486 -18.17 24.96 17.42
C GLY C 486 -16.80 24.78 18.08
N TYR C 487 -16.16 23.63 17.84
CA TYR C 487 -14.82 23.39 18.35
C TYR C 487 -14.02 22.66 17.28
N ILE C 488 -12.74 22.89 17.32
CA ILE C 488 -11.86 22.37 16.27
C ILE C 488 -10.98 21.24 16.81
N ALA C 489 -10.82 20.19 16.01
CA ALA C 489 -9.98 19.04 16.41
C ALA C 489 -8.81 18.90 15.42
N LEU C 490 -7.65 18.47 15.93
CA LEU C 490 -6.50 18.01 15.11
C LEU C 490 -6.20 16.54 15.46
N SER C 491 -5.68 15.69 14.57
CA SER C 491 -5.05 14.41 15.00
C SER C 491 -3.57 14.54 15.32
N TYR C 492 -3.19 14.21 16.52
CA TYR C 492 -1.84 14.42 16.99
C TYR C 492 -1.61 13.35 18.05
N SER C 493 -0.48 12.60 18.02
CA SER C 493 -0.21 11.53 19.00
C SER C 493 0.70 11.95 20.15
N GLY C 494 1.35 13.10 20.03
CA GLY C 494 2.46 13.47 20.92
C GLY C 494 1.94 13.61 22.31
N SER C 495 2.77 14.07 23.26
CA SER C 495 2.26 14.05 24.62
C SER C 495 2.00 15.30 25.47
N GLY C 496 2.70 16.41 25.46
CA GLY C 496 3.46 17.02 24.43
C GLY C 496 2.61 18.18 23.93
N PRO C 497 2.62 19.36 24.63
CA PRO C 497 2.04 20.50 23.90
C PRO C 497 2.81 20.73 22.59
N LEU C 498 2.05 20.90 21.52
CA LEU C 498 2.50 21.32 20.21
C LEU C 498 1.87 22.65 19.82
N THR C 499 2.73 23.58 19.50
CA THR C 499 2.42 24.97 19.22
C THR C 499 2.47 25.27 17.70
N PHE C 500 1.55 26.09 17.16
CA PHE C 500 1.61 26.53 15.77
C PHE C 500 1.83 28.01 15.52
N PRO C 501 2.44 28.38 14.36
CA PRO C 501 2.57 29.79 13.97
C PRO C 501 1.17 30.48 14.02
N THR C 502 1.08 31.73 14.46
CA THR C 502 -0.16 32.43 14.59
C THR C 502 -0.53 33.34 13.43
N ASP C 503 0.12 33.17 12.28
CA ASP C 503 -0.05 34.06 11.14
C ASP C 503 -0.47 33.42 9.80
N GLY C 504 -1.05 32.24 9.61
CA GLY C 504 -2.05 31.66 10.32
C GLY C 504 -3.34 32.20 9.68
N ILE C 505 -3.79 31.73 8.50
CA ILE C 505 -5.26 31.75 8.05
C ILE C 505 -6.02 30.40 7.94
N PHE C 506 -7.26 30.21 8.51
CA PHE C 506 -8.17 29.03 8.17
C PHE C 506 -9.06 29.07 6.94
N GLU C 507 -9.06 27.99 6.15
CA GLU C 507 -9.97 27.87 4.97
C GLU C 507 -10.93 26.66 4.97
N VAL C 508 -12.22 26.80 4.61
CA VAL C 508 -13.17 25.61 4.54
C VAL C 508 -12.81 25.03 3.19
N VAL C 509 -12.69 23.72 2.83
CA VAL C 509 -13.15 22.42 3.11
C VAL C 509 -14.27 22.04 2.10
N SER C 510 -15.44 21.35 2.25
CA SER C 510 -15.94 20.15 3.01
C SER C 510 -16.21 20.23 4.47
N TRP C 511 -17.41 19.95 5.04
CA TRP C 511 -18.32 18.74 4.99
C TRP C 511 -17.72 17.58 4.25
N VAL C 512 -17.34 16.41 4.76
CA VAL C 512 -17.00 15.79 6.08
C VAL C 512 -17.91 15.18 7.14
N PRO C 513 -18.04 13.85 7.04
CA PRO C 513 -18.74 13.12 8.07
C PRO C 513 -17.97 13.16 9.39
N ARG C 514 -18.64 12.78 10.44
CA ARG C 514 -17.99 12.90 11.68
C ARG C 514 -16.83 11.88 11.84
N LEU C 515 -16.81 10.82 11.04
CA LEU C 515 -15.74 9.86 11.20
C LEU C 515 -14.67 10.16 10.19
N TYR C 516 -14.66 11.35 9.63
CA TYR C 516 -13.59 11.69 8.72
C TYR C 516 -12.23 11.62 9.45
N GLN C 517 -11.24 10.94 8.84
CA GLN C 517 -9.91 10.77 9.48
C GLN C 517 -9.03 11.90 9.02
N LEU C 518 -8.50 12.75 9.91
CA LEU C 518 -7.59 13.84 9.47
C LEU C 518 -6.12 13.34 9.27
N ALA C 519 -5.37 14.08 8.48
CA ALA C 519 -3.97 13.76 8.42
C ALA C 519 -3.39 14.27 9.75
N SER C 520 -2.48 13.53 10.40
CA SER C 520 -1.92 13.97 11.68
C SER C 520 -0.86 15.07 11.54
N VAL C 521 -0.49 15.59 12.67
CA VAL C 521 0.52 16.61 12.85
C VAL C 521 1.50 16.18 13.99
N GLY C 522 2.42 17.09 14.43
CA GLY C 522 3.49 16.66 15.33
C GLY C 522 4.31 15.85 14.33
N SER C 523 4.31 14.46 14.41
CA SER C 523 4.83 13.60 13.28
C SER C 523 6.24 13.54 13.04
N LEU C 524 7.13 12.69 13.10
CA LEU C 524 7.97 13.79 12.66
C LEU C 524 8.64 13.71 11.28
N ALA C 525 9.81 13.11 11.07
CA ALA C 525 10.29 13.10 9.67
C ALA C 525 9.49 12.03 8.89
N THR C 526 8.71 12.39 7.85
CA THR C 526 7.88 11.40 7.13
C THR C 526 8.49 10.91 5.81
N GLY C 527 9.57 11.49 5.26
CA GLY C 527 10.04 11.04 3.93
C GLY C 527 10.38 9.58 3.99
N ARG C 528 10.74 8.94 3.00
CA ARG C 528 11.05 7.58 3.27
C ARG C 528 11.78 7.14 2.06
N MET C 529 12.73 6.25 2.19
CA MET C 529 13.41 5.82 0.99
C MET C 529 13.11 4.38 0.58
N LEU C 530 13.25 4.08 -0.71
CA LEU C 530 13.07 2.73 -1.18
C LEU C 530 14.12 1.89 -0.48
N LYS C 531 15.20 2.62 -0.26
CA LYS C 531 16.38 2.17 0.41
C LYS C 531 17.40 1.56 -0.54
#